data_1K3S
# 
_entry.id   1K3S 
# 
_audit_conform.dict_name       mmcif_pdbx.dic 
_audit_conform.dict_version    5.398 
_audit_conform.dict_location   http://mmcif.pdb.org/dictionaries/ascii/mmcif_pdbx.dic 
# 
loop_
_database_2.database_id 
_database_2.database_code 
_database_2.pdbx_database_accession 
_database_2.pdbx_DOI 
PDB   1K3S         pdb_00001k3s 10.2210/pdb1k3s/pdb 
RCSB  RCSB014524   ?            ?                   
WWPDB D_1000014524 ?            ?                   
# 
loop_
_pdbx_audit_revision_history.ordinal 
_pdbx_audit_revision_history.data_content_type 
_pdbx_audit_revision_history.major_revision 
_pdbx_audit_revision_history.minor_revision 
_pdbx_audit_revision_history.revision_date 
1 'Structure model' 1 0 2001-11-28 
2 'Structure model' 1 1 2008-04-27 
3 'Structure model' 1 2 2011-07-13 
4 'Structure model' 1 3 2016-05-25 
5 'Structure model' 1 4 2024-11-13 
# 
_pdbx_audit_revision_details.ordinal             1 
_pdbx_audit_revision_details.revision_ordinal    1 
_pdbx_audit_revision_details.data_content_type   'Structure model' 
_pdbx_audit_revision_details.provider            repository 
_pdbx_audit_revision_details.type                'Initial release' 
_pdbx_audit_revision_details.description         ? 
_pdbx_audit_revision_details.details             ? 
# 
loop_
_pdbx_audit_revision_group.ordinal 
_pdbx_audit_revision_group.revision_ordinal 
_pdbx_audit_revision_group.data_content_type 
_pdbx_audit_revision_group.group 
1 2 'Structure model' 'Version format compliance' 
2 3 'Structure model' 'Version format compliance' 
3 4 'Structure model' 'Source and taxonomy'       
4 5 'Structure model' 'Data collection'           
5 5 'Structure model' 'Database references'       
6 5 'Structure model' 'Derived calculations'      
7 5 'Structure model' 'Structure summary'         
# 
loop_
_pdbx_audit_revision_category.ordinal 
_pdbx_audit_revision_category.revision_ordinal 
_pdbx_audit_revision_category.data_content_type 
_pdbx_audit_revision_category.category 
1 5 'Structure model' chem_comp_atom            
2 5 'Structure model' chem_comp_bond            
3 5 'Structure model' database_2                
4 5 'Structure model' pdbx_entry_details        
5 5 'Structure model' pdbx_modification_feature 
6 5 'Structure model' struct_conn               
7 5 'Structure model' struct_ref_seq_dif        
8 5 'Structure model' struct_site               
# 
loop_
_pdbx_audit_revision_item.ordinal 
_pdbx_audit_revision_item.revision_ordinal 
_pdbx_audit_revision_item.data_content_type 
_pdbx_audit_revision_item.item 
1 5 'Structure model' '_database_2.pdbx_DOI'                
2 5 'Structure model' '_database_2.pdbx_database_accession' 
3 5 'Structure model' '_struct_conn.pdbx_leaving_atom_flag' 
4 5 'Structure model' '_struct_ref_seq_dif.details'         
5 5 'Structure model' '_struct_site.pdbx_auth_asym_id'      
6 5 'Structure model' '_struct_site.pdbx_auth_comp_id'      
7 5 'Structure model' '_struct_site.pdbx_auth_seq_id'       
# 
_pdbx_database_status.status_code                     REL 
_pdbx_database_status.entry_id                        1K3S 
_pdbx_database_status.recvd_initial_deposition_date   2001-10-03 
_pdbx_database_status.deposit_site                    RCSB 
_pdbx_database_status.process_site                    RCSB 
_pdbx_database_status.status_code_sf                  REL 
_pdbx_database_status.SG_entry                        . 
_pdbx_database_status.status_code_mr                  ? 
_pdbx_database_status.status_code_cs                  ? 
_pdbx_database_status.methods_development_category    ? 
_pdbx_database_status.pdb_format_compatible           Y 
_pdbx_database_status.status_code_nmr_data            ? 
# 
loop_
_audit_author.name 
_audit_author.pdbx_ordinal 
'Bertero, M.G.'     1  
'Luo, Y.'           2  
'Frey, E.A.'        3  
'Pfuetzner, R.A.'   4  
'Wenk, M.R.'        5  
'Creagh, L.'        6  
'Marcus, S.L.'      7  
'Lim, D.'           8  
'Finlay, B.B.'      9  
'Strynadka, N.C.J.' 10 
# 
_citation.id                        primary 
_citation.title                     
'Structural and biochemical characterization of the type III secretion chaperones CesT and SigE.' 
_citation.journal_abbrev            Nat.Struct.Biol. 
_citation.journal_volume            8 
_citation.page_first                1031 
_citation.page_last                 1036 
_citation.year                      2001 
_citation.journal_id_ASTM           NSBIEW 
_citation.country                   US 
_citation.journal_id_ISSN           1072-8368 
_citation.journal_id_CSD            2024 
_citation.book_publisher            ? 
_citation.pdbx_database_id_PubMed   11685226 
_citation.pdbx_database_id_DOI      10.1038/nsb717 
# 
loop_
_citation_author.citation_id 
_citation_author.name 
_citation_author.ordinal 
_citation_author.identifier_ORCID 
primary 'Luo, Y.'         1  ? 
primary 'Bertero, M.G.'   2  ? 
primary 'Frey, E.A.'      3  ? 
primary 'Pfuetzner, R.A.' 4  ? 
primary 'Wenk, M.R.'      5  ? 
primary 'Creagh, L.'      6  ? 
primary 'Marcus, S.L.'    7  ? 
primary 'Lim, D.'         8  ? 
primary 'Sicheri, F.'     9  ? 
primary 'Kay, C.'         10 ? 
primary 'Haynes, C.'      11 ? 
primary 'Finlay, B.B.'    12 ? 
primary 'Strynadka, N.C.' 13 ? 
# 
loop_
_entity.id 
_entity.type 
_entity.src_method 
_entity.pdbx_description 
_entity.formula_weight 
_entity.pdbx_number_of_molecules 
_entity.pdbx_ec 
_entity.pdbx_mutation 
_entity.pdbx_fragment 
_entity.details 
1 polymer     man SigE            12900.022 2  ? none 'full length' ? 
2 non-polymer syn 'PHOSPHATE ION' 94.971    1  ? ?    ?             ? 
3 water       nat water           18.015    50 ? ?    ?             ? 
# 
_entity_poly.entity_id                      1 
_entity_poly.type                           'polypeptide(L)' 
_entity_poly.nstd_linkage                   no 
_entity_poly.nstd_monomer                   yes 
_entity_poly.pdbx_seq_one_letter_code       
;(MSE)ESLLNRLYDALGLDAPEDEPLLIIDDGIQVYFNESDHTLE(MSE)CCPF(MSE)PLPDDILTLQHFLRLNYTSAV
TIGADADNTALVALYRLPQTSTEEEALTGFELFISNVKQLKEHYA
;
_entity_poly.pdbx_seq_one_letter_code_can   
;MESLLNRLYDALGLDAPEDEPLLIIDDGIQVYFNESDHTLEMCCPFMPLPDDILTLQHFLRLNYTSAVTIGADADNTALV
ALYRLPQTSTEEEALTGFELFISNVKQLKEHYA
;
_entity_poly.pdbx_strand_id                 A,B 
_entity_poly.pdbx_target_identifier         ? 
# 
loop_
_pdbx_entity_nonpoly.entity_id 
_pdbx_entity_nonpoly.name 
_pdbx_entity_nonpoly.comp_id 
2 'PHOSPHATE ION' PO4 
3 water           HOH 
# 
loop_
_entity_poly_seq.entity_id 
_entity_poly_seq.num 
_entity_poly_seq.mon_id 
_entity_poly_seq.hetero 
1 1   MSE n 
1 2   GLU n 
1 3   SER n 
1 4   LEU n 
1 5   LEU n 
1 6   ASN n 
1 7   ARG n 
1 8   LEU n 
1 9   TYR n 
1 10  ASP n 
1 11  ALA n 
1 12  LEU n 
1 13  GLY n 
1 14  LEU n 
1 15  ASP n 
1 16  ALA n 
1 17  PRO n 
1 18  GLU n 
1 19  ASP n 
1 20  GLU n 
1 21  PRO n 
1 22  LEU n 
1 23  LEU n 
1 24  ILE n 
1 25  ILE n 
1 26  ASP n 
1 27  ASP n 
1 28  GLY n 
1 29  ILE n 
1 30  GLN n 
1 31  VAL n 
1 32  TYR n 
1 33  PHE n 
1 34  ASN n 
1 35  GLU n 
1 36  SER n 
1 37  ASP n 
1 38  HIS n 
1 39  THR n 
1 40  LEU n 
1 41  GLU n 
1 42  MSE n 
1 43  CYS n 
1 44  CYS n 
1 45  PRO n 
1 46  PHE n 
1 47  MSE n 
1 48  PRO n 
1 49  LEU n 
1 50  PRO n 
1 51  ASP n 
1 52  ASP n 
1 53  ILE n 
1 54  LEU n 
1 55  THR n 
1 56  LEU n 
1 57  GLN n 
1 58  HIS n 
1 59  PHE n 
1 60  LEU n 
1 61  ARG n 
1 62  LEU n 
1 63  ASN n 
1 64  TYR n 
1 65  THR n 
1 66  SER n 
1 67  ALA n 
1 68  VAL n 
1 69  THR n 
1 70  ILE n 
1 71  GLY n 
1 72  ALA n 
1 73  ASP n 
1 74  ALA n 
1 75  ASP n 
1 76  ASN n 
1 77  THR n 
1 78  ALA n 
1 79  LEU n 
1 80  VAL n 
1 81  ALA n 
1 82  LEU n 
1 83  TYR n 
1 84  ARG n 
1 85  LEU n 
1 86  PRO n 
1 87  GLN n 
1 88  THR n 
1 89  SER n 
1 90  THR n 
1 91  GLU n 
1 92  GLU n 
1 93  GLU n 
1 94  ALA n 
1 95  LEU n 
1 96  THR n 
1 97  GLY n 
1 98  PHE n 
1 99  GLU n 
1 100 LEU n 
1 101 PHE n 
1 102 ILE n 
1 103 SER n 
1 104 ASN n 
1 105 VAL n 
1 106 LYS n 
1 107 GLN n 
1 108 LEU n 
1 109 LYS n 
1 110 GLU n 
1 111 HIS n 
1 112 TYR n 
1 113 ALA n 
# 
_entity_src_gen.entity_id                          1 
_entity_src_gen.pdbx_src_id                        1 
_entity_src_gen.pdbx_alt_source_flag               sample 
_entity_src_gen.pdbx_seq_type                      ? 
_entity_src_gen.pdbx_beg_seq_num                   ? 
_entity_src_gen.pdbx_end_seq_num                   ? 
_entity_src_gen.gene_src_common_name               ? 
_entity_src_gen.gene_src_genus                     ? 
_entity_src_gen.pdbx_gene_src_gene                 ? 
_entity_src_gen.gene_src_species                   ? 
_entity_src_gen.gene_src_strain                    ATCC14028S 
_entity_src_gen.gene_src_tissue                    ? 
_entity_src_gen.gene_src_tissue_fraction           ? 
_entity_src_gen.gene_src_details                   ? 
_entity_src_gen.pdbx_gene_src_fragment             ? 
_entity_src_gen.pdbx_gene_src_scientific_name      'Salmonella enterica' 
_entity_src_gen.pdbx_gene_src_ncbi_taxonomy_id     28901 
_entity_src_gen.pdbx_gene_src_variant              ? 
_entity_src_gen.pdbx_gene_src_cell_line            ? 
_entity_src_gen.pdbx_gene_src_atcc                 ? 
_entity_src_gen.pdbx_gene_src_organ                ? 
_entity_src_gen.pdbx_gene_src_organelle            ? 
_entity_src_gen.pdbx_gene_src_cell                 ? 
_entity_src_gen.pdbx_gene_src_cellular_location    ? 
_entity_src_gen.host_org_common_name               ? 
_entity_src_gen.pdbx_host_org_scientific_name      'Escherichia coli' 
_entity_src_gen.pdbx_host_org_ncbi_taxonomy_id     469008 
_entity_src_gen.host_org_genus                     ? 
_entity_src_gen.pdbx_host_org_gene                 ? 
_entity_src_gen.pdbx_host_org_organ                ? 
_entity_src_gen.host_org_species                   ? 
_entity_src_gen.pdbx_host_org_tissue               ? 
_entity_src_gen.pdbx_host_org_tissue_fraction      ? 
_entity_src_gen.pdbx_host_org_strain               'BL21(DE3)' 
_entity_src_gen.pdbx_host_org_variant              ? 
_entity_src_gen.pdbx_host_org_cell_line            ? 
_entity_src_gen.pdbx_host_org_atcc                 ? 
_entity_src_gen.pdbx_host_org_culture_collection   ? 
_entity_src_gen.pdbx_host_org_cell                 ? 
_entity_src_gen.pdbx_host_org_organelle            ? 
_entity_src_gen.pdbx_host_org_cellular_location    ? 
_entity_src_gen.pdbx_host_org_vector_type          plasmid 
_entity_src_gen.pdbx_host_org_vector               ? 
_entity_src_gen.host_org_details                   ? 
_entity_src_gen.expression_system_id               ? 
_entity_src_gen.plasmid_name                       pET28a 
_entity_src_gen.plasmid_details                    ? 
_entity_src_gen.pdbx_description                   ? 
# 
loop_
_chem_comp.id 
_chem_comp.type 
_chem_comp.mon_nstd_flag 
_chem_comp.name 
_chem_comp.pdbx_synonyms 
_chem_comp.formula 
_chem_comp.formula_weight 
ALA 'L-peptide linking' y ALANINE          ? 'C3 H7 N O2'     89.093  
ARG 'L-peptide linking' y ARGININE         ? 'C6 H15 N4 O2 1' 175.209 
ASN 'L-peptide linking' y ASPARAGINE       ? 'C4 H8 N2 O3'    132.118 
ASP 'L-peptide linking' y 'ASPARTIC ACID'  ? 'C4 H7 N O4'     133.103 
CYS 'L-peptide linking' y CYSTEINE         ? 'C3 H7 N O2 S'   121.158 
GLN 'L-peptide linking' y GLUTAMINE        ? 'C5 H10 N2 O3'   146.144 
GLU 'L-peptide linking' y 'GLUTAMIC ACID'  ? 'C5 H9 N O4'     147.129 
GLY 'peptide linking'   y GLYCINE          ? 'C2 H5 N O2'     75.067  
HIS 'L-peptide linking' y HISTIDINE        ? 'C6 H10 N3 O2 1' 156.162 
HOH non-polymer         . WATER            ? 'H2 O'           18.015  
ILE 'L-peptide linking' y ISOLEUCINE       ? 'C6 H13 N O2'    131.173 
LEU 'L-peptide linking' y LEUCINE          ? 'C6 H13 N O2'    131.173 
LYS 'L-peptide linking' y LYSINE           ? 'C6 H15 N2 O2 1' 147.195 
MET 'L-peptide linking' y METHIONINE       ? 'C5 H11 N O2 S'  149.211 
MSE 'L-peptide linking' n SELENOMETHIONINE ? 'C5 H11 N O2 Se' 196.106 
PHE 'L-peptide linking' y PHENYLALANINE    ? 'C9 H11 N O2'    165.189 
PO4 non-polymer         . 'PHOSPHATE ION'  ? 'O4 P -3'        94.971  
PRO 'L-peptide linking' y PROLINE          ? 'C5 H9 N O2'     115.130 
SER 'L-peptide linking' y SERINE           ? 'C3 H7 N O3'     105.093 
THR 'L-peptide linking' y THREONINE        ? 'C4 H9 N O3'     119.119 
TYR 'L-peptide linking' y TYROSINE         ? 'C9 H11 N O3'    181.189 
VAL 'L-peptide linking' y VALINE           ? 'C5 H11 N O2'    117.146 
# 
loop_
_pdbx_poly_seq_scheme.asym_id 
_pdbx_poly_seq_scheme.entity_id 
_pdbx_poly_seq_scheme.seq_id 
_pdbx_poly_seq_scheme.mon_id 
_pdbx_poly_seq_scheme.ndb_seq_num 
_pdbx_poly_seq_scheme.pdb_seq_num 
_pdbx_poly_seq_scheme.auth_seq_num 
_pdbx_poly_seq_scheme.pdb_mon_id 
_pdbx_poly_seq_scheme.auth_mon_id 
_pdbx_poly_seq_scheme.pdb_strand_id 
_pdbx_poly_seq_scheme.pdb_ins_code 
_pdbx_poly_seq_scheme.hetero 
A 1 1   MSE 1   1   1   MSE MSE A . n 
A 1 2   GLU 2   2   2   GLU GLU A . n 
A 1 3   SER 3   3   3   SER SER A . n 
A 1 4   LEU 4   4   4   LEU LEU A . n 
A 1 5   LEU 5   5   5   LEU LEU A . n 
A 1 6   ASN 6   6   6   ASN ASN A . n 
A 1 7   ARG 7   7   7   ARG ARG A . n 
A 1 8   LEU 8   8   8   LEU LEU A . n 
A 1 9   TYR 9   9   9   TYR TYR A . n 
A 1 10  ASP 10  10  10  ASP ASP A . n 
A 1 11  ALA 11  11  11  ALA ALA A . n 
A 1 12  LEU 12  12  12  LEU LEU A . n 
A 1 13  GLY 13  13  13  GLY GLY A . n 
A 1 14  LEU 14  14  14  LEU LEU A . n 
A 1 15  ASP 15  15  15  ASP ASP A . n 
A 1 16  ALA 16  16  ?   ?   ?   A . n 
A 1 17  PRO 17  17  ?   ?   ?   A . n 
A 1 18  GLU 18  18  ?   ?   ?   A . n 
A 1 19  ASP 19  19  ?   ?   ?   A . n 
A 1 20  GLU 20  20  20  GLU GLU A . n 
A 1 21  PRO 21  21  21  PRO PRO A . n 
A 1 22  LEU 22  22  22  LEU LEU A . n 
A 1 23  LEU 23  23  23  LEU LEU A . n 
A 1 24  ILE 24  24  24  ILE ILE A . n 
A 1 25  ILE 25  25  25  ILE ILE A . n 
A 1 26  ASP 26  26  26  ASP ASP A . n 
A 1 27  ASP 27  27  27  ASP ASP A . n 
A 1 28  GLY 28  28  28  GLY GLY A . n 
A 1 29  ILE 29  29  29  ILE ILE A . n 
A 1 30  GLN 30  30  30  GLN GLN A . n 
A 1 31  VAL 31  31  31  VAL VAL A . n 
A 1 32  TYR 32  32  32  TYR TYR A . n 
A 1 33  PHE 33  33  33  PHE PHE A . n 
A 1 34  ASN 34  34  34  ASN ASN A . n 
A 1 35  GLU 35  35  35  GLU GLU A . n 
A 1 36  SER 36  36  36  SER SER A . n 
A 1 37  ASP 37  37  37  ASP ASP A . n 
A 1 38  HIS 38  38  38  HIS HIS A . n 
A 1 39  THR 39  39  39  THR THR A . n 
A 1 40  LEU 40  40  40  LEU LEU A . n 
A 1 41  GLU 41  41  41  GLU GLU A . n 
A 1 42  MSE 42  42  42  MSE MSE A . n 
A 1 43  CYS 43  43  43  CYS CYS A . n 
A 1 44  CYS 44  44  44  CYS CYS A . n 
A 1 45  PRO 45  45  45  PRO PRO A . n 
A 1 46  PHE 46  46  46  PHE PHE A . n 
A 1 47  MSE 47  47  47  MSE MSE A . n 
A 1 48  PRO 48  48  48  PRO PRO A . n 
A 1 49  LEU 49  49  49  LEU LEU A . n 
A 1 50  PRO 50  50  50  PRO PRO A . n 
A 1 51  ASP 51  51  51  ASP ASP A . n 
A 1 52  ASP 52  52  52  ASP ASP A . n 
A 1 53  ILE 53  53  53  ILE ILE A . n 
A 1 54  LEU 54  54  54  LEU LEU A . n 
A 1 55  THR 55  55  55  THR THR A . n 
A 1 56  LEU 56  56  56  LEU LEU A . n 
A 1 57  GLN 57  57  57  GLN GLN A . n 
A 1 58  HIS 58  58  58  HIS HIS A . n 
A 1 59  PHE 59  59  59  PHE PHE A . n 
A 1 60  LEU 60  60  60  LEU LEU A . n 
A 1 61  ARG 61  61  61  ARG ARG A . n 
A 1 62  LEU 62  62  62  LEU LEU A . n 
A 1 63  ASN 63  63  63  ASN ASN A . n 
A 1 64  TYR 64  64  64  TYR TYR A . n 
A 1 65  THR 65  65  65  THR THR A . n 
A 1 66  SER 66  66  66  SER SER A . n 
A 1 67  ALA 67  67  67  ALA ALA A . n 
A 1 68  VAL 68  68  68  VAL VAL A . n 
A 1 69  THR 69  69  69  THR THR A . n 
A 1 70  ILE 70  70  70  ILE ILE A . n 
A 1 71  GLY 71  71  71  GLY GLY A . n 
A 1 72  ALA 72  72  72  ALA ALA A . n 
A 1 73  ASP 73  73  73  ASP ASP A . n 
A 1 74  ALA 74  74  74  ALA ALA A . n 
A 1 75  ASP 75  75  75  ASP ASP A . n 
A 1 76  ASN 76  76  76  ASN ASN A . n 
A 1 77  THR 77  77  77  THR THR A . n 
A 1 78  ALA 78  78  78  ALA ALA A . n 
A 1 79  LEU 79  79  79  LEU LEU A . n 
A 1 80  VAL 80  80  80  VAL VAL A . n 
A 1 81  ALA 81  81  81  ALA ALA A . n 
A 1 82  LEU 82  82  82  LEU LEU A . n 
A 1 83  TYR 83  83  83  TYR TYR A . n 
A 1 84  ARG 84  84  84  ARG ARG A . n 
A 1 85  LEU 85  85  85  LEU LEU A . n 
A 1 86  PRO 86  86  86  PRO PRO A . n 
A 1 87  GLN 87  87  87  GLN GLN A . n 
A 1 88  THR 88  88  88  THR THR A . n 
A 1 89  SER 89  89  89  SER SER A . n 
A 1 90  THR 90  90  90  THR THR A . n 
A 1 91  GLU 91  91  91  GLU GLU A . n 
A 1 92  GLU 92  92  92  GLU GLU A . n 
A 1 93  GLU 93  93  93  GLU GLU A . n 
A 1 94  ALA 94  94  94  ALA ALA A . n 
A 1 95  LEU 95  95  95  LEU LEU A . n 
A 1 96  THR 96  96  96  THR THR A . n 
A 1 97  GLY 97  97  97  GLY GLY A . n 
A 1 98  PHE 98  98  98  PHE PHE A . n 
A 1 99  GLU 99  99  99  GLU GLU A . n 
A 1 100 LEU 100 100 100 LEU LEU A . n 
A 1 101 PHE 101 101 101 PHE PHE A . n 
A 1 102 ILE 102 102 102 ILE ILE A . n 
A 1 103 SER 103 103 103 SER SER A . n 
A 1 104 ASN 104 104 104 ASN ASN A . n 
A 1 105 VAL 105 105 105 VAL VAL A . n 
A 1 106 LYS 106 106 106 LYS LYS A . n 
A 1 107 GLN 107 107 107 GLN GLN A . n 
A 1 108 LEU 108 108 108 LEU LEU A . n 
A 1 109 LYS 109 109 109 LYS LYS A . n 
A 1 110 GLU 110 110 110 GLU GLU A . n 
A 1 111 HIS 111 111 111 HIS HIS A . n 
A 1 112 TYR 112 112 112 TYR TYR A . n 
A 1 113 ALA 113 113 113 ALA ALA A . n 
B 1 1   MSE 1   1   ?   ?   ?   B . n 
B 1 2   GLU 2   2   2   GLU GLU B . n 
B 1 3   SER 3   3   3   SER SER B . n 
B 1 4   LEU 4   4   4   LEU LEU B . n 
B 1 5   LEU 5   5   5   LEU LEU B . n 
B 1 6   ASN 6   6   6   ASN ASN B . n 
B 1 7   ARG 7   7   7   ARG ARG B . n 
B 1 8   LEU 8   8   8   LEU LEU B . n 
B 1 9   TYR 9   9   9   TYR TYR B . n 
B 1 10  ASP 10  10  10  ASP ASP B . n 
B 1 11  ALA 11  11  11  ALA ALA B . n 
B 1 12  LEU 12  12  12  LEU LEU B . n 
B 1 13  GLY 13  13  13  GLY GLY B . n 
B 1 14  LEU 14  14  14  LEU LEU B . n 
B 1 15  ASP 15  15  15  ASP ASP B . n 
B 1 16  ALA 16  16  16  ALA ALA B . n 
B 1 17  PRO 17  17  17  PRO PRO B . n 
B 1 18  GLU 18  18  ?   ?   ?   B . n 
B 1 19  ASP 19  19  ?   ?   ?   B . n 
B 1 20  GLU 20  20  ?   ?   ?   B . n 
B 1 21  PRO 21  21  ?   ?   ?   B . n 
B 1 22  LEU 22  22  22  LEU LEU B . n 
B 1 23  LEU 23  23  23  LEU LEU B . n 
B 1 24  ILE 24  24  24  ILE ILE B . n 
B 1 25  ILE 25  25  25  ILE ILE B . n 
B 1 26  ASP 26  26  26  ASP ASP B . n 
B 1 27  ASP 27  27  27  ASP ASP B . n 
B 1 28  GLY 28  28  28  GLY GLY B . n 
B 1 29  ILE 29  29  29  ILE ILE B . n 
B 1 30  GLN 30  30  30  GLN GLN B . n 
B 1 31  VAL 31  31  31  VAL VAL B . n 
B 1 32  TYR 32  32  32  TYR TYR B . n 
B 1 33  PHE 33  33  33  PHE PHE B . n 
B 1 34  ASN 34  34  34  ASN ASN B . n 
B 1 35  GLU 35  35  35  GLU GLU B . n 
B 1 36  SER 36  36  36  SER SER B . n 
B 1 37  ASP 37  37  37  ASP ASP B . n 
B 1 38  HIS 38  38  38  HIS HIS B . n 
B 1 39  THR 39  39  39  THR THR B . n 
B 1 40  LEU 40  40  40  LEU LEU B . n 
B 1 41  GLU 41  41  41  GLU GLU B . n 
B 1 42  MSE 42  42  42  MSE MSE B . n 
B 1 43  CYS 43  43  43  CYS CYS B . n 
B 1 44  CYS 44  44  44  CYS CYS B . n 
B 1 45  PRO 45  45  45  PRO PRO B . n 
B 1 46  PHE 46  46  46  PHE PHE B . n 
B 1 47  MSE 47  47  47  MSE MSE B . n 
B 1 48  PRO 48  48  48  PRO PRO B . n 
B 1 49  LEU 49  49  49  LEU LEU B . n 
B 1 50  PRO 50  50  50  PRO PRO B . n 
B 1 51  ASP 51  51  51  ASP ASP B . n 
B 1 52  ASP 52  52  52  ASP ASP B . n 
B 1 53  ILE 53  53  53  ILE ILE B . n 
B 1 54  LEU 54  54  54  LEU LEU B . n 
B 1 55  THR 55  55  55  THR THR B . n 
B 1 56  LEU 56  56  56  LEU LEU B . n 
B 1 57  GLN 57  57  57  GLN GLN B . n 
B 1 58  HIS 58  58  58  HIS HIS B . n 
B 1 59  PHE 59  59  59  PHE PHE B . n 
B 1 60  LEU 60  60  60  LEU LEU B . n 
B 1 61  ARG 61  61  61  ARG ARG B . n 
B 1 62  LEU 62  62  62  LEU LEU B . n 
B 1 63  ASN 63  63  63  ASN ASN B . n 
B 1 64  TYR 64  64  64  TYR TYR B . n 
B 1 65  THR 65  65  65  THR THR B . n 
B 1 66  SER 66  66  66  SER SER B . n 
B 1 67  ALA 67  67  67  ALA ALA B . n 
B 1 68  VAL 68  68  68  VAL VAL B . n 
B 1 69  THR 69  69  69  THR THR B . n 
B 1 70  ILE 70  70  70  ILE ILE B . n 
B 1 71  GLY 71  71  71  GLY GLY B . n 
B 1 72  ALA 72  72  72  ALA ALA B . n 
B 1 73  ASP 73  73  73  ASP ASP B . n 
B 1 74  ALA 74  74  74  ALA ALA B . n 
B 1 75  ASP 75  75  75  ASP ASP B . n 
B 1 76  ASN 76  76  76  ASN ASN B . n 
B 1 77  THR 77  77  77  THR THR B . n 
B 1 78  ALA 78  78  78  ALA ALA B . n 
B 1 79  LEU 79  79  79  LEU LEU B . n 
B 1 80  VAL 80  80  80  VAL VAL B . n 
B 1 81  ALA 81  81  81  ALA ALA B . n 
B 1 82  LEU 82  82  82  LEU LEU B . n 
B 1 83  TYR 83  83  83  TYR TYR B . n 
B 1 84  ARG 84  84  84  ARG ARG B . n 
B 1 85  LEU 85  85  85  LEU LEU B . n 
B 1 86  PRO 86  86  86  PRO PRO B . n 
B 1 87  GLN 87  87  87  GLN GLN B . n 
B 1 88  THR 88  88  88  THR ALA B . n 
B 1 89  SER 89  89  89  SER SER B . n 
B 1 90  THR 90  90  90  THR THR B . n 
B 1 91  GLU 91  91  91  GLU GLU B . n 
B 1 92  GLU 92  92  92  GLU GLU B . n 
B 1 93  GLU 93  93  93  GLU GLU B . n 
B 1 94  ALA 94  94  94  ALA ALA B . n 
B 1 95  LEU 95  95  95  LEU LEU B . n 
B 1 96  THR 96  96  96  THR THR B . n 
B 1 97  GLY 97  97  97  GLY GLY B . n 
B 1 98  PHE 98  98  98  PHE PHE B . n 
B 1 99  GLU 99  99  99  GLU GLU B . n 
B 1 100 LEU 100 100 100 LEU LEU B . n 
B 1 101 PHE 101 101 101 PHE PHE B . n 
B 1 102 ILE 102 102 102 ILE ILE B . n 
B 1 103 SER 103 103 103 SER SER B . n 
B 1 104 ASN 104 104 104 ASN ASN B . n 
B 1 105 VAL 105 105 105 VAL VAL B . n 
B 1 106 LYS 106 106 106 LYS LYS B . n 
B 1 107 GLN 107 107 107 GLN GLN B . n 
B 1 108 LEU 108 108 108 LEU LEU B . n 
B 1 109 LYS 109 109 109 LYS LYS B . n 
B 1 110 GLU 110 110 110 GLU GLU B . n 
B 1 111 HIS 111 111 111 HIS HIS B . n 
B 1 112 TYR 112 112 ?   ?   ?   B . n 
B 1 113 ALA 113 113 ?   ?   ?   B . n 
# 
loop_
_pdbx_nonpoly_scheme.asym_id 
_pdbx_nonpoly_scheme.entity_id 
_pdbx_nonpoly_scheme.mon_id 
_pdbx_nonpoly_scheme.ndb_seq_num 
_pdbx_nonpoly_scheme.pdb_seq_num 
_pdbx_nonpoly_scheme.auth_seq_num 
_pdbx_nonpoly_scheme.pdb_mon_id 
_pdbx_nonpoly_scheme.auth_mon_id 
_pdbx_nonpoly_scheme.pdb_strand_id 
_pdbx_nonpoly_scheme.pdb_ins_code 
C 2 PO4 1  114 2  PO4 PO4 A . 
D 3 HOH 1  115 1  HOH H2O A . 
D 3 HOH 2  116 2  HOH H2O A . 
D 3 HOH 3  117 3  HOH H2O A . 
D 3 HOH 4  118 4  HOH H2O A . 
D 3 HOH 5  119 5  HOH H2O A . 
D 3 HOH 6  120 6  HOH H2O A . 
D 3 HOH 7  121 9  HOH H2O A . 
D 3 HOH 8  122 10 HOH H2O A . 
D 3 HOH 9  123 11 HOH H2O A . 
D 3 HOH 10 124 12 HOH H2O A . 
D 3 HOH 11 125 13 HOH H2O A . 
D 3 HOH 12 126 14 HOH H2O A . 
D 3 HOH 13 127 15 HOH H2O A . 
D 3 HOH 14 128 16 HOH H2O A . 
D 3 HOH 15 129 17 HOH H2O A . 
D 3 HOH 16 130 20 HOH H2O A . 
D 3 HOH 17 131 22 HOH H2O A . 
D 3 HOH 18 132 23 HOH H2O A . 
D 3 HOH 19 133 26 HOH H2O A . 
D 3 HOH 20 134 28 HOH H2O A . 
D 3 HOH 21 135 29 HOH H2O A . 
D 3 HOH 22 136 31 HOH H2O A . 
D 3 HOH 23 137 35 HOH H2O A . 
D 3 HOH 24 138 36 HOH H2O A . 
D 3 HOH 25 139 39 HOH H2O A . 
D 3 HOH 26 140 40 HOH H2O A . 
D 3 HOH 27 141 41 HOH H2O A . 
D 3 HOH 28 142 42 HOH H2O A . 
D 3 HOH 29 143 45 HOH H2O A . 
D 3 HOH 30 144 46 HOH H2O A . 
D 3 HOH 31 145 47 HOH H2O A . 
E 3 HOH 1  114 7  HOH H2O B . 
E 3 HOH 2  115 8  HOH H2O B . 
E 3 HOH 3  116 18 HOH H2O B . 
E 3 HOH 4  117 19 HOH H2O B . 
E 3 HOH 5  118 21 HOH H2O B . 
E 3 HOH 6  119 24 HOH H2O B . 
E 3 HOH 7  120 25 HOH H2O B . 
E 3 HOH 8  121 27 HOH H2O B . 
E 3 HOH 9  122 30 HOH H2O B . 
E 3 HOH 10 123 32 HOH H2O B . 
E 3 HOH 11 124 33 HOH H2O B . 
E 3 HOH 12 125 34 HOH H2O B . 
E 3 HOH 13 126 37 HOH H2O B . 
E 3 HOH 14 127 38 HOH H2O B . 
E 3 HOH 15 128 43 HOH H2O B . 
E 3 HOH 16 129 44 HOH H2O B . 
E 3 HOH 17 130 48 HOH H2O B . 
E 3 HOH 18 131 49 HOH H2O B . 
E 3 HOH 19 132 50 HOH H2O B . 
# 
loop_
_pdbx_unobs_or_zero_occ_atoms.id 
_pdbx_unobs_or_zero_occ_atoms.PDB_model_num 
_pdbx_unobs_or_zero_occ_atoms.polymer_flag 
_pdbx_unobs_or_zero_occ_atoms.occupancy_flag 
_pdbx_unobs_or_zero_occ_atoms.auth_asym_id 
_pdbx_unobs_or_zero_occ_atoms.auth_comp_id 
_pdbx_unobs_or_zero_occ_atoms.auth_seq_id 
_pdbx_unobs_or_zero_occ_atoms.PDB_ins_code 
_pdbx_unobs_or_zero_occ_atoms.auth_atom_id 
_pdbx_unobs_or_zero_occ_atoms.label_alt_id 
_pdbx_unobs_or_zero_occ_atoms.label_asym_id 
_pdbx_unobs_or_zero_occ_atoms.label_comp_id 
_pdbx_unobs_or_zero_occ_atoms.label_seq_id 
_pdbx_unobs_or_zero_occ_atoms.label_atom_id 
1 1 Y 1 B THR 88 ? OG1 ? B THR 88 OG1 
2 1 Y 1 B THR 88 ? CG2 ? B THR 88 CG2 
# 
loop_
_software.name 
_software.classification 
_software.version 
_software.citation_id 
_software.pdbx_ordinal 
SOLVE     phasing          .   ? 1 
CNS       refinement       1.0 ? 2 
DENZO     'data reduction' .   ? 3 
SCALEPACK 'data scaling'   .   ? 4 
# 
_cell.entry_id           1K3S 
_cell.length_a           44.497 
_cell.length_b           48.725 
_cell.length_c           94.532 
_cell.angle_alpha        90.00 
_cell.angle_beta         90.00 
_cell.angle_gamma        90.00 
_cell.Z_PDB              8 
_cell.pdbx_unique_axis   ? 
_cell.length_a_esd       ? 
_cell.length_b_esd       ? 
_cell.length_c_esd       ? 
_cell.angle_alpha_esd    ? 
_cell.angle_beta_esd     ? 
_cell.angle_gamma_esd    ? 
# 
_symmetry.entry_id                         1K3S 
_symmetry.space_group_name_H-M             'P 21 21 21' 
_symmetry.pdbx_full_space_group_name_H-M   ? 
_symmetry.cell_setting                     ? 
_symmetry.Int_Tables_number                19 
_symmetry.space_group_name_Hall            ? 
# 
_exptl.entry_id          1K3S 
_exptl.method            'X-RAY DIFFRACTION' 
_exptl.crystals_number   1 
# 
_exptl_crystal.id                    1 
_exptl_crystal.density_meas          ? 
_exptl_crystal.density_Matthews      2.05 
_exptl_crystal.density_percent_sol   39.5 
_exptl_crystal.description           ? 
_exptl_crystal.F_000                 ? 
_exptl_crystal.preparation           ? 
# 
_exptl_crystal_grow.crystal_id      1 
_exptl_crystal_grow.method          'VAPOR DIFFUSION, HANGING DROP' 
_exptl_crystal_grow.temp            291 
_exptl_crystal_grow.temp_details    ? 
_exptl_crystal_grow.pH              7.0 
_exptl_crystal_grow.pdbx_details    '1.8 sodium-potassium phosphate, pH 7.0, VAPOR DIFFUSION, HANGING DROP, temperature 291K' 
_exptl_crystal_grow.pdbx_pH_range   . 
# 
_diffrn.id                     1 
_diffrn.ambient_temp           100 
_diffrn.ambient_temp_details   ? 
_diffrn.crystal_id             1 
# 
_diffrn_detector.diffrn_id              1 
_diffrn_detector.detector               CCD 
_diffrn_detector.type                   'BRANDEIS - B1.2' 
_diffrn_detector.pdbx_collection_date   2001-07-03 
_diffrn_detector.details                ? 
# 
_diffrn_radiation.diffrn_id                        1 
_diffrn_radiation.wavelength_id                    1 
_diffrn_radiation.pdbx_monochromatic_or_laue_m_l   M 
_diffrn_radiation.monochromator                    GRAPHITE 
_diffrn_radiation.pdbx_diffrn_protocol             MAD 
_diffrn_radiation.pdbx_scattering_type             x-ray 
# 
_diffrn_radiation_wavelength.id           1 
_diffrn_radiation_wavelength.wavelength   0.97 
_diffrn_radiation_wavelength.wt           1.0 
# 
_diffrn_source.diffrn_id                   1 
_diffrn_source.source                      SYNCHROTRON 
_diffrn_source.type                        'NSLS BEAMLINE X12C' 
_diffrn_source.pdbx_synchrotron_site       NSLS 
_diffrn_source.pdbx_synchrotron_beamline   X12C 
_diffrn_source.pdbx_wavelength             ? 
_diffrn_source.pdbx_wavelength_list        0.97 
# 
_reflns.entry_id                     1K3S 
_reflns.observed_criterion_sigma_I   0 
_reflns.observed_criterion_sigma_F   0 
_reflns.d_resolution_low             30 
_reflns.d_resolution_high            1.9 
_reflns.number_obs                   15558 
_reflns.number_all                   174182 
_reflns.percent_possible_obs         92.4 
_reflns.pdbx_Rmerge_I_obs            0.0360000 
_reflns.pdbx_Rsym_value              0.0360000 
_reflns.pdbx_netI_over_sigmaI        17.0 
_reflns.B_iso_Wilson_estimate        20.0 
_reflns.pdbx_redundancy              11.2 
_reflns.R_free_details               ? 
_reflns.limit_h_max                  ? 
_reflns.limit_h_min                  ? 
_reflns.limit_k_max                  ? 
_reflns.limit_k_min                  ? 
_reflns.limit_l_max                  ? 
_reflns.limit_l_min                  ? 
_reflns.observed_criterion_F_max     ? 
_reflns.observed_criterion_F_min     ? 
_reflns.pdbx_chi_squared             ? 
_reflns.pdbx_scaling_rejects         ? 
_reflns.pdbx_ordinal                 1 
_reflns.pdbx_diffrn_id               1 
# 
_reflns_shell.d_res_high             1.90 
_reflns_shell.d_res_low              1.97 
_reflns_shell.percent_possible_all   63.0 
_reflns_shell.Rmerge_I_obs           0.1490000 
_reflns_shell.pdbx_Rsym_value        0.1490000 
_reflns_shell.meanI_over_sigI_obs    3.1 
_reflns_shell.pdbx_redundancy        9.5 
_reflns_shell.percent_possible_obs   ? 
_reflns_shell.number_unique_all      1353 
_reflns_shell.number_measured_all    ? 
_reflns_shell.number_measured_obs    ? 
_reflns_shell.number_unique_obs      ? 
_reflns_shell.pdbx_chi_squared       ? 
_reflns_shell.pdbx_ordinal           1 
_reflns_shell.pdbx_diffrn_id         1 
# 
_refine.entry_id                                 1K3S 
_refine.ls_number_reflns_obs                     15262 
_refine.ls_number_reflns_all                     16802 
_refine.pdbx_ls_sigma_I                          0 
_refine.pdbx_ls_sigma_F                          0 
_refine.pdbx_data_cutoff_high_absF               ? 
_refine.pdbx_data_cutoff_low_absF                ? 
_refine.ls_d_res_low                             20.0 
_refine.ls_d_res_high                            1.9 
_refine.ls_percent_reflns_obs                    90.8 
_refine.ls_R_factor_obs                          0.2236000 
_refine.ls_R_factor_all                          ? 
_refine.ls_R_factor_R_work                       0.2236000 
_refine.ls_R_factor_R_free                       0.2717000 
_refine.ls_R_factor_R_free_error                 ? 
_refine.ls_R_factor_R_free_error_details         ? 
_refine.ls_percent_reflns_R_free                 8.0 
_refine.ls_number_reflns_R_free                  1211 
_refine.ls_number_parameters                     ? 
_refine.ls_number_restraints                     ? 
_refine.occupancy_min                            ? 
_refine.occupancy_max                            ? 
_refine.B_iso_mean                               32.0 
_refine.aniso_B[1][1]                            3.981 
_refine.aniso_B[2][2]                            -11.711 
_refine.aniso_B[3][3]                            7.730 
_refine.aniso_B[1][2]                            0.0 
_refine.aniso_B[1][3]                            0.0 
_refine.aniso_B[2][3]                            0.0 
_refine.solvent_model_details                    ? 
_refine.solvent_model_param_ksol                 ? 
_refine.solvent_model_param_bsol                 ? 
_refine.pdbx_ls_cross_valid_method               THROUGHOUT 
_refine.details                                  ? 
_refine.pdbx_starting_model                      none 
_refine.pdbx_method_to_determine_struct          MAD 
_refine.pdbx_isotropic_thermal_model             Isotropic 
_refine.pdbx_stereochemistry_target_values       'Engh & Huber' 
_refine.pdbx_stereochem_target_val_spec_case     ? 
_refine.pdbx_R_Free_selection_details            RANDOM 
_refine.pdbx_overall_ESU_R_Free                  ? 
_refine.overall_SU_B                             ? 
_refine.ls_redundancy_reflns_obs                 ? 
_refine.B_iso_min                                ? 
_refine.B_iso_max                                ? 
_refine.correlation_coeff_Fo_to_Fc               ? 
_refine.correlation_coeff_Fo_to_Fc_free          ? 
_refine.overall_SU_R_Cruickshank_DPI             ? 
_refine.overall_SU_R_free                        ? 
_refine.overall_SU_ML                            ? 
_refine.pdbx_overall_ESU_R                       ? 
_refine.pdbx_data_cutoff_high_rms_absF           ? 
_refine.pdbx_refine_id                           'X-RAY DIFFRACTION' 
_refine.pdbx_overall_phase_error                 ? 
_refine.pdbx_solvent_vdw_probe_radii             ? 
_refine.pdbx_solvent_ion_probe_radii             ? 
_refine.pdbx_solvent_shrinkage_radii             ? 
_refine.ls_wR_factor_R_free                      ? 
_refine.ls_wR_factor_R_work                      ? 
_refine.overall_FOM_free_R_set                   ? 
_refine.overall_FOM_work_R_set                   ? 
_refine.pdbx_diffrn_id                           1 
_refine.pdbx_TLS_residual_ADP_flag               ? 
_refine.pdbx_overall_SU_R_free_Cruickshank_DPI   ? 
_refine.pdbx_overall_SU_R_Blow_DPI               ? 
_refine.pdbx_overall_SU_R_free_Blow_DPI          ? 
# 
_refine_hist.pdbx_refine_id                   'X-RAY DIFFRACTION' 
_refine_hist.cycle_id                         LAST 
_refine_hist.pdbx_number_atoms_protein        1702 
_refine_hist.pdbx_number_atoms_nucleic_acid   0 
_refine_hist.pdbx_number_atoms_ligand         5 
_refine_hist.number_atoms_solvent             50 
_refine_hist.number_atoms_total               1757 
_refine_hist.d_res_high                       1.9 
_refine_hist.d_res_low                        20.0 
# 
loop_
_refine_ls_restr.type 
_refine_ls_restr.dev_ideal 
_refine_ls_restr.dev_ideal_target 
_refine_ls_restr.weight 
_refine_ls_restr.number 
_refine_ls_restr.pdbx_refine_id 
_refine_ls_restr.pdbx_restraint_function 
c_bond_d    0.0047 ? ? ? 'X-RAY DIFFRACTION' ? 
c_angle_deg 1.34   ? ? ? 'X-RAY DIFFRACTION' ? 
# 
_struct.entry_id                  1K3S 
_struct.title                     'Type III Secretion Chaperone SigE' 
_struct.pdbx_model_details        ? 
_struct.pdbx_CASP_flag            ? 
_struct.pdbx_model_type_details   ? 
# 
_struct_keywords.entry_id        1K3S 
_struct_keywords.pdbx_keywords   CHAPERONE 
_struct_keywords.text            'Type III, secretion, chaperone, SigE' 
# 
loop_
_struct_asym.id 
_struct_asym.pdbx_blank_PDB_chainid_flag 
_struct_asym.pdbx_modified 
_struct_asym.entity_id 
_struct_asym.details 
A N N 1 ? 
B N N 1 ? 
C N N 2 ? 
D N N 3 ? 
E N N 3 ? 
# 
_struct_ref.id                         1 
_struct_ref.db_name                    UNP 
_struct_ref.db_code                    SIGE_SALTY 
_struct_ref.entity_id                  1 
_struct_ref.pdbx_seq_one_letter_code   
;MESLLNRLYDALGLDAPEDEPLLIIDDGIQVYFNESDHTLEMCCPFMPLPDDILTLQHFLRLNYTSAVTIGADADNTALV
ALYRLPQTSTEEEALTGFELFISNVKQLKEHYA
;
_struct_ref.pdbx_align_begin           1 
_struct_ref.pdbx_db_accession          O30917 
_struct_ref.pdbx_db_isoform            ? 
# 
loop_
_struct_ref_seq.align_id 
_struct_ref_seq.ref_id 
_struct_ref_seq.pdbx_PDB_id_code 
_struct_ref_seq.pdbx_strand_id 
_struct_ref_seq.seq_align_beg 
_struct_ref_seq.pdbx_seq_align_beg_ins_code 
_struct_ref_seq.seq_align_end 
_struct_ref_seq.pdbx_seq_align_end_ins_code 
_struct_ref_seq.pdbx_db_accession 
_struct_ref_seq.db_align_beg 
_struct_ref_seq.pdbx_db_align_beg_ins_code 
_struct_ref_seq.db_align_end 
_struct_ref_seq.pdbx_db_align_end_ins_code 
_struct_ref_seq.pdbx_auth_seq_align_beg 
_struct_ref_seq.pdbx_auth_seq_align_end 
1 1 1K3S A 1 ? 113 ? O30917 1 ? 113 ? 1 113 
2 1 1K3S B 1 ? 113 ? O30917 1 ? 113 ? 1 113 
# 
loop_
_struct_ref_seq_dif.align_id 
_struct_ref_seq_dif.pdbx_pdb_id_code 
_struct_ref_seq_dif.mon_id 
_struct_ref_seq_dif.pdbx_pdb_strand_id 
_struct_ref_seq_dif.seq_num 
_struct_ref_seq_dif.pdbx_pdb_ins_code 
_struct_ref_seq_dif.pdbx_seq_db_name 
_struct_ref_seq_dif.pdbx_seq_db_accession_code 
_struct_ref_seq_dif.db_mon_id 
_struct_ref_seq_dif.pdbx_seq_db_seq_num 
_struct_ref_seq_dif.details 
_struct_ref_seq_dif.pdbx_auth_seq_num 
_struct_ref_seq_dif.pdbx_ordinal 
1 1K3S MSE A 1  ? UNP O30917 MET 1  'modified residue' 1  1 
1 1K3S MSE A 42 ? UNP O30917 MET 42 'modified residue' 42 2 
1 1K3S MSE A 47 ? UNP O30917 MET 47 'modified residue' 47 3 
2 1K3S MSE B 1  ? UNP O30917 MET 1  'modified residue' 1  4 
2 1K3S MSE B 42 ? UNP O30917 MET 42 'modified residue' 42 5 
2 1K3S MSE B 47 ? UNP O30917 MET 47 'modified residue' 47 6 
# 
_pdbx_struct_assembly.id                   1 
_pdbx_struct_assembly.details              author_and_software_defined_assembly 
_pdbx_struct_assembly.method_details       PISA 
_pdbx_struct_assembly.oligomeric_details   dimeric 
_pdbx_struct_assembly.oligomeric_count     2 
# 
loop_
_pdbx_struct_assembly_prop.biol_id 
_pdbx_struct_assembly_prop.type 
_pdbx_struct_assembly_prop.value 
_pdbx_struct_assembly_prop.details 
1 'ABSA (A^2)' 2420  ? 
1 MORE         -18   ? 
1 'SSA (A^2)'  11470 ? 
# 
_pdbx_struct_assembly_gen.assembly_id       1 
_pdbx_struct_assembly_gen.oper_expression   1 
_pdbx_struct_assembly_gen.asym_id_list      A,B,C,D,E 
# 
_pdbx_struct_oper_list.id                   1 
_pdbx_struct_oper_list.type                 'identity operation' 
_pdbx_struct_oper_list.name                 1_555 
_pdbx_struct_oper_list.symmetry_operation   x,y,z 
_pdbx_struct_oper_list.matrix[1][1]         1.0000000000 
_pdbx_struct_oper_list.matrix[1][2]         0.0000000000 
_pdbx_struct_oper_list.matrix[1][3]         0.0000000000 
_pdbx_struct_oper_list.vector[1]            0.0000000000 
_pdbx_struct_oper_list.matrix[2][1]         0.0000000000 
_pdbx_struct_oper_list.matrix[2][2]         1.0000000000 
_pdbx_struct_oper_list.matrix[2][3]         0.0000000000 
_pdbx_struct_oper_list.vector[2]            0.0000000000 
_pdbx_struct_oper_list.matrix[3][1]         0.0000000000 
_pdbx_struct_oper_list.matrix[3][2]         0.0000000000 
_pdbx_struct_oper_list.matrix[3][3]         1.0000000000 
_pdbx_struct_oper_list.vector[3]            0.0000000000 
# 
_struct_biol.id                    1 
_struct_biol.details               'The biological assembly is a dimer' 
_struct_biol.pdbx_parent_biol_id   ? 
# 
loop_
_struct_conf.conf_type_id 
_struct_conf.id 
_struct_conf.pdbx_PDB_helix_id 
_struct_conf.beg_label_comp_id 
_struct_conf.beg_label_asym_id 
_struct_conf.beg_label_seq_id 
_struct_conf.pdbx_beg_PDB_ins_code 
_struct_conf.end_label_comp_id 
_struct_conf.end_label_asym_id 
_struct_conf.end_label_seq_id 
_struct_conf.pdbx_end_PDB_ins_code 
_struct_conf.beg_auth_comp_id 
_struct_conf.beg_auth_asym_id 
_struct_conf.beg_auth_seq_id 
_struct_conf.end_auth_comp_id 
_struct_conf.end_auth_asym_id 
_struct_conf.end_auth_seq_id 
_struct_conf.pdbx_PDB_helix_class 
_struct_conf.details 
_struct_conf.pdbx_PDB_helix_length 
HELX_P HELX_P1 1 SER A 3  ? LEU A 12  ? SER A 3  LEU A 12  1 ? 10 
HELX_P HELX_P2 2 ASP A 52 ? SER A 66  ? ASP A 52 SER A 66  1 ? 15 
HELX_P HELX_P3 3 THR A 90 ? ALA A 113 ? THR A 90 ALA A 113 1 ? 24 
HELX_P HELX_P4 4 SER B 3  ? GLY B 13  ? SER B 3  GLY B 13  1 ? 11 
HELX_P HELX_P5 5 ASP B 52 ? SER B 66  ? ASP B 52 SER B 66  1 ? 15 
HELX_P HELX_P6 6 THR B 90 ? LYS B 109 ? THR B 90 LYS B 109 1 ? 20 
# 
_struct_conf_type.id          HELX_P 
_struct_conf_type.criteria    ? 
_struct_conf_type.reference   ? 
# 
loop_
_struct_conn.id 
_struct_conn.conn_type_id 
_struct_conn.pdbx_leaving_atom_flag 
_struct_conn.pdbx_PDB_id 
_struct_conn.ptnr1_label_asym_id 
_struct_conn.ptnr1_label_comp_id 
_struct_conn.ptnr1_label_seq_id 
_struct_conn.ptnr1_label_atom_id 
_struct_conn.pdbx_ptnr1_label_alt_id 
_struct_conn.pdbx_ptnr1_PDB_ins_code 
_struct_conn.pdbx_ptnr1_standard_comp_id 
_struct_conn.ptnr1_symmetry 
_struct_conn.ptnr2_label_asym_id 
_struct_conn.ptnr2_label_comp_id 
_struct_conn.ptnr2_label_seq_id 
_struct_conn.ptnr2_label_atom_id 
_struct_conn.pdbx_ptnr2_label_alt_id 
_struct_conn.pdbx_ptnr2_PDB_ins_code 
_struct_conn.ptnr1_auth_asym_id 
_struct_conn.ptnr1_auth_comp_id 
_struct_conn.ptnr1_auth_seq_id 
_struct_conn.ptnr2_auth_asym_id 
_struct_conn.ptnr2_auth_comp_id 
_struct_conn.ptnr2_auth_seq_id 
_struct_conn.ptnr2_symmetry 
_struct_conn.pdbx_ptnr3_label_atom_id 
_struct_conn.pdbx_ptnr3_label_seq_id 
_struct_conn.pdbx_ptnr3_label_comp_id 
_struct_conn.pdbx_ptnr3_label_asym_id 
_struct_conn.pdbx_ptnr3_label_alt_id 
_struct_conn.pdbx_ptnr3_PDB_ins_code 
_struct_conn.details 
_struct_conn.pdbx_dist_value 
_struct_conn.pdbx_value_order 
_struct_conn.pdbx_role 
covale1 covale both ? A MSE 1  C ? ? ? 1_555 A GLU 2  N ? ? A MSE 1  A GLU 2  1_555 ? ? ? ? ? ? ? 1.329 ? ? 
covale2 covale both ? A GLU 41 C ? ? ? 1_555 A MSE 42 N ? ? A GLU 41 A MSE 42 1_555 ? ? ? ? ? ? ? 1.325 ? ? 
covale3 covale both ? A MSE 42 C ? ? ? 1_555 A CYS 43 N ? ? A MSE 42 A CYS 43 1_555 ? ? ? ? ? ? ? 1.326 ? ? 
covale4 covale both ? A PHE 46 C ? ? ? 1_555 A MSE 47 N ? ? A PHE 46 A MSE 47 1_555 ? ? ? ? ? ? ? 1.327 ? ? 
covale5 covale both ? A MSE 47 C ? ? ? 1_555 A PRO 48 N ? ? A MSE 47 A PRO 48 1_555 ? ? ? ? ? ? ? 1.345 ? ? 
covale6 covale both ? B GLU 41 C ? ? ? 1_555 B MSE 42 N ? ? B GLU 41 B MSE 42 1_555 ? ? ? ? ? ? ? 1.329 ? ? 
covale7 covale both ? B MSE 42 C ? ? ? 1_555 B CYS 43 N ? ? B MSE 42 B CYS 43 1_555 ? ? ? ? ? ? ? 1.327 ? ? 
covale8 covale both ? B PHE 46 C ? ? ? 1_555 B MSE 47 N ? ? B PHE 46 B MSE 47 1_555 ? ? ? ? ? ? ? 1.329 ? ? 
covale9 covale both ? B MSE 47 C ? ? ? 1_555 B PRO 48 N ? ? B MSE 47 B PRO 48 1_555 ? ? ? ? ? ? ? 1.342 ? ? 
# 
_struct_conn_type.id          covale 
_struct_conn_type.criteria    ? 
_struct_conn_type.reference   ? 
# 
loop_
_pdbx_modification_feature.ordinal 
_pdbx_modification_feature.label_comp_id 
_pdbx_modification_feature.label_asym_id 
_pdbx_modification_feature.label_seq_id 
_pdbx_modification_feature.label_alt_id 
_pdbx_modification_feature.modified_residue_label_comp_id 
_pdbx_modification_feature.modified_residue_label_asym_id 
_pdbx_modification_feature.modified_residue_label_seq_id 
_pdbx_modification_feature.modified_residue_label_alt_id 
_pdbx_modification_feature.auth_comp_id 
_pdbx_modification_feature.auth_asym_id 
_pdbx_modification_feature.auth_seq_id 
_pdbx_modification_feature.PDB_ins_code 
_pdbx_modification_feature.symmetry 
_pdbx_modification_feature.modified_residue_auth_comp_id 
_pdbx_modification_feature.modified_residue_auth_asym_id 
_pdbx_modification_feature.modified_residue_auth_seq_id 
_pdbx_modification_feature.modified_residue_PDB_ins_code 
_pdbx_modification_feature.modified_residue_symmetry 
_pdbx_modification_feature.comp_id_linking_atom 
_pdbx_modification_feature.modified_residue_id_linking_atom 
_pdbx_modification_feature.modified_residue_id 
_pdbx_modification_feature.ref_pcm_id 
_pdbx_modification_feature.ref_comp_id 
_pdbx_modification_feature.type 
_pdbx_modification_feature.category 
1 MSE A 1  ? . . . . MSE A 1  ? 1_555 . . . . . . . MET 1 MSE Selenomethionine 'Named protein modification' 
2 MSE A 42 ? . . . . MSE A 42 ? 1_555 . . . . . . . MET 1 MSE Selenomethionine 'Named protein modification' 
3 MSE A 47 ? . . . . MSE A 47 ? 1_555 . . . . . . . MET 1 MSE Selenomethionine 'Named protein modification' 
4 MSE B 42 ? . . . . MSE B 42 ? 1_555 . . . . . . . MET 1 MSE Selenomethionine 'Named protein modification' 
5 MSE B 47 ? . . . . MSE B 47 ? 1_555 . . . . . . . MET 1 MSE Selenomethionine 'Named protein modification' 
# 
loop_
_struct_sheet.id 
_struct_sheet.type 
_struct_sheet.number_strands 
_struct_sheet.details 
A ? 5 ? 
B ? 5 ? 
# 
loop_
_struct_sheet_order.sheet_id 
_struct_sheet_order.range_id_1 
_struct_sheet_order.range_id_2 
_struct_sheet_order.offset 
_struct_sheet_order.sense 
A 1 2 ? anti-parallel 
A 2 3 ? anti-parallel 
A 3 4 ? anti-parallel 
A 4 5 ? anti-parallel 
B 1 2 ? anti-parallel 
B 2 3 ? anti-parallel 
B 3 4 ? anti-parallel 
B 4 5 ? anti-parallel 
# 
loop_
_struct_sheet_range.sheet_id 
_struct_sheet_range.id 
_struct_sheet_range.beg_label_comp_id 
_struct_sheet_range.beg_label_asym_id 
_struct_sheet_range.beg_label_seq_id 
_struct_sheet_range.pdbx_beg_PDB_ins_code 
_struct_sheet_range.end_label_comp_id 
_struct_sheet_range.end_label_asym_id 
_struct_sheet_range.end_label_seq_id 
_struct_sheet_range.pdbx_end_PDB_ins_code 
_struct_sheet_range.beg_auth_comp_id 
_struct_sheet_range.beg_auth_asym_id 
_struct_sheet_range.beg_auth_seq_id 
_struct_sheet_range.end_auth_comp_id 
_struct_sheet_range.end_auth_asym_id 
_struct_sheet_range.end_auth_seq_id 
A 1 ILE A 24 ? ASP A 26 ? ILE A 24 ASP A 26 
A 2 ILE A 29 ? GLU A 35 ? ILE A 29 GLU A 35 
A 3 THR A 39 ? PRO A 48 ? THR A 39 PRO A 48 
A 4 ALA A 78 ? PRO A 86 ? ALA A 78 PRO A 86 
A 5 THR A 69 ? ALA A 72 ? THR A 69 ALA A 72 
B 1 LEU B 23 ? ILE B 25 ? LEU B 23 ILE B 25 
B 2 ILE B 29 ? ASN B 34 ? ILE B 29 ASN B 34 
B 3 THR B 39 ? PRO B 48 ? THR B 39 PRO B 48 
B 4 ALA B 78 ? PRO B 86 ? ALA B 78 PRO B 86 
B 5 THR B 69 ? ALA B 72 ? THR B 69 ALA B 72 
# 
loop_
_pdbx_struct_sheet_hbond.sheet_id 
_pdbx_struct_sheet_hbond.range_id_1 
_pdbx_struct_sheet_hbond.range_id_2 
_pdbx_struct_sheet_hbond.range_1_label_atom_id 
_pdbx_struct_sheet_hbond.range_1_label_comp_id 
_pdbx_struct_sheet_hbond.range_1_label_asym_id 
_pdbx_struct_sheet_hbond.range_1_label_seq_id 
_pdbx_struct_sheet_hbond.range_1_PDB_ins_code 
_pdbx_struct_sheet_hbond.range_1_auth_atom_id 
_pdbx_struct_sheet_hbond.range_1_auth_comp_id 
_pdbx_struct_sheet_hbond.range_1_auth_asym_id 
_pdbx_struct_sheet_hbond.range_1_auth_seq_id 
_pdbx_struct_sheet_hbond.range_2_label_atom_id 
_pdbx_struct_sheet_hbond.range_2_label_comp_id 
_pdbx_struct_sheet_hbond.range_2_label_asym_id 
_pdbx_struct_sheet_hbond.range_2_label_seq_id 
_pdbx_struct_sheet_hbond.range_2_PDB_ins_code 
_pdbx_struct_sheet_hbond.range_2_auth_atom_id 
_pdbx_struct_sheet_hbond.range_2_auth_comp_id 
_pdbx_struct_sheet_hbond.range_2_auth_asym_id 
_pdbx_struct_sheet_hbond.range_2_auth_seq_id 
A 1 2 N ILE A 24 ? N ILE A 24 O VAL A 31 ? O VAL A 31 
A 2 3 N TYR A 32 ? N TYR A 32 O CYS A 43 ? O CYS A 43 
A 3 4 N CYS A 44 ? N CYS A 44 O ALA A 81 ? O ALA A 81 
A 4 5 O VAL A 80 ? O VAL A 80 N GLY A 71 ? N GLY A 71 
B 1 2 N ILE B 25 ? N ILE B 25 O ILE B 29 ? O ILE B 29 
B 2 3 N ASN B 34 ? N ASN B 34 O GLU B 41 ? O GLU B 41 
B 3 4 N LEU B 40 ? N LEU B 40 O LEU B 85 ? O LEU B 85 
B 4 5 O LEU B 82 ? O LEU B 82 N THR B 69 ? N THR B 69 
# 
_struct_site.id                   AC1 
_struct_site.pdbx_evidence_code   Software 
_struct_site.pdbx_auth_asym_id    A 
_struct_site.pdbx_auth_comp_id    PO4 
_struct_site.pdbx_auth_seq_id     114 
_struct_site.pdbx_auth_ins_code   ? 
_struct_site.pdbx_num_residues    6 
_struct_site.details              'BINDING SITE FOR RESIDUE PO4 A 114' 
# 
loop_
_struct_site_gen.id 
_struct_site_gen.site_id 
_struct_site_gen.pdbx_num_res 
_struct_site_gen.label_comp_id 
_struct_site_gen.label_asym_id 
_struct_site_gen.label_seq_id 
_struct_site_gen.pdbx_auth_ins_code 
_struct_site_gen.auth_comp_id 
_struct_site_gen.auth_asym_id 
_struct_site_gen.auth_seq_id 
_struct_site_gen.label_atom_id 
_struct_site_gen.label_alt_id 
_struct_site_gen.symmetry 
_struct_site_gen.details 
1 AC1 6 SER A 36 ? SER A 36 . ? 1_555 ? 
2 AC1 6 ASP A 37 ? ASP A 37 . ? 1_555 ? 
3 AC1 6 HIS A 38 ? HIS A 38 . ? 1_555 ? 
4 AC1 6 THR A 39 ? THR A 39 . ? 1_555 ? 
5 AC1 6 ASP A 51 ? ASP A 51 . ? 4_455 ? 
6 AC1 6 ARG A 84 ? ARG A 84 . ? 1_555 ? 
# 
_pdbx_entry_details.entry_id                   1K3S 
_pdbx_entry_details.compound_details           ? 
_pdbx_entry_details.source_details             ? 
_pdbx_entry_details.nonpolymer_details         ? 
_pdbx_entry_details.sequence_details           ? 
_pdbx_entry_details.has_ligand_of_interest     ? 
_pdbx_entry_details.has_protein_modification   Y 
# 
loop_
_pdbx_validate_torsion.id 
_pdbx_validate_torsion.PDB_model_num 
_pdbx_validate_torsion.auth_comp_id 
_pdbx_validate_torsion.auth_asym_id 
_pdbx_validate_torsion.auth_seq_id 
_pdbx_validate_torsion.PDB_ins_code 
_pdbx_validate_torsion.label_alt_id 
_pdbx_validate_torsion.phi 
_pdbx_validate_torsion.psi 
1 1 PRO A 21 ? ? -48.69 153.96 
2 1 ASP B 26 ? ? -57.76 4.09   
# 
loop_
_pdbx_struct_mod_residue.id 
_pdbx_struct_mod_residue.label_asym_id 
_pdbx_struct_mod_residue.label_comp_id 
_pdbx_struct_mod_residue.label_seq_id 
_pdbx_struct_mod_residue.auth_asym_id 
_pdbx_struct_mod_residue.auth_comp_id 
_pdbx_struct_mod_residue.auth_seq_id 
_pdbx_struct_mod_residue.PDB_ins_code 
_pdbx_struct_mod_residue.parent_comp_id 
_pdbx_struct_mod_residue.details 
1 A MSE 1  A MSE 1  ? MET SELENOMETHIONINE 
2 A MSE 42 A MSE 42 ? MET SELENOMETHIONINE 
3 A MSE 47 A MSE 47 ? MET SELENOMETHIONINE 
4 B MSE 42 B MSE 42 ? MET SELENOMETHIONINE 
5 B MSE 47 B MSE 47 ? MET SELENOMETHIONINE 
# 
loop_
_pdbx_unobs_or_zero_occ_residues.id 
_pdbx_unobs_or_zero_occ_residues.PDB_model_num 
_pdbx_unobs_or_zero_occ_residues.polymer_flag 
_pdbx_unobs_or_zero_occ_residues.occupancy_flag 
_pdbx_unobs_or_zero_occ_residues.auth_asym_id 
_pdbx_unobs_or_zero_occ_residues.auth_comp_id 
_pdbx_unobs_or_zero_occ_residues.auth_seq_id 
_pdbx_unobs_or_zero_occ_residues.PDB_ins_code 
_pdbx_unobs_or_zero_occ_residues.label_asym_id 
_pdbx_unobs_or_zero_occ_residues.label_comp_id 
_pdbx_unobs_or_zero_occ_residues.label_seq_id 
1  1 Y 1 A ALA 16  ? A ALA 16  
2  1 Y 1 A PRO 17  ? A PRO 17  
3  1 Y 1 A GLU 18  ? A GLU 18  
4  1 Y 1 A ASP 19  ? A ASP 19  
5  1 Y 1 B MSE 1   ? B MSE 1   
6  1 Y 1 B GLU 18  ? B GLU 18  
7  1 Y 1 B ASP 19  ? B ASP 19  
8  1 Y 1 B GLU 20  ? B GLU 20  
9  1 Y 1 B PRO 21  ? B PRO 21  
10 1 Y 1 B TYR 112 ? B TYR 112 
11 1 Y 1 B ALA 113 ? B ALA 113 
# 
loop_
_chem_comp_atom.comp_id 
_chem_comp_atom.atom_id 
_chem_comp_atom.type_symbol 
_chem_comp_atom.pdbx_aromatic_flag 
_chem_comp_atom.pdbx_stereo_config 
_chem_comp_atom.pdbx_ordinal 
ALA N    N  N N 1   
ALA CA   C  N S 2   
ALA C    C  N N 3   
ALA O    O  N N 4   
ALA CB   C  N N 5   
ALA OXT  O  N N 6   
ALA H    H  N N 7   
ALA H2   H  N N 8   
ALA HA   H  N N 9   
ALA HB1  H  N N 10  
ALA HB2  H  N N 11  
ALA HB3  H  N N 12  
ALA HXT  H  N N 13  
ARG N    N  N N 14  
ARG CA   C  N S 15  
ARG C    C  N N 16  
ARG O    O  N N 17  
ARG CB   C  N N 18  
ARG CG   C  N N 19  
ARG CD   C  N N 20  
ARG NE   N  N N 21  
ARG CZ   C  N N 22  
ARG NH1  N  N N 23  
ARG NH2  N  N N 24  
ARG OXT  O  N N 25  
ARG H    H  N N 26  
ARG H2   H  N N 27  
ARG HA   H  N N 28  
ARG HB2  H  N N 29  
ARG HB3  H  N N 30  
ARG HG2  H  N N 31  
ARG HG3  H  N N 32  
ARG HD2  H  N N 33  
ARG HD3  H  N N 34  
ARG HE   H  N N 35  
ARG HH11 H  N N 36  
ARG HH12 H  N N 37  
ARG HH21 H  N N 38  
ARG HH22 H  N N 39  
ARG HXT  H  N N 40  
ASN N    N  N N 41  
ASN CA   C  N S 42  
ASN C    C  N N 43  
ASN O    O  N N 44  
ASN CB   C  N N 45  
ASN CG   C  N N 46  
ASN OD1  O  N N 47  
ASN ND2  N  N N 48  
ASN OXT  O  N N 49  
ASN H    H  N N 50  
ASN H2   H  N N 51  
ASN HA   H  N N 52  
ASN HB2  H  N N 53  
ASN HB3  H  N N 54  
ASN HD21 H  N N 55  
ASN HD22 H  N N 56  
ASN HXT  H  N N 57  
ASP N    N  N N 58  
ASP CA   C  N S 59  
ASP C    C  N N 60  
ASP O    O  N N 61  
ASP CB   C  N N 62  
ASP CG   C  N N 63  
ASP OD1  O  N N 64  
ASP OD2  O  N N 65  
ASP OXT  O  N N 66  
ASP H    H  N N 67  
ASP H2   H  N N 68  
ASP HA   H  N N 69  
ASP HB2  H  N N 70  
ASP HB3  H  N N 71  
ASP HD2  H  N N 72  
ASP HXT  H  N N 73  
CYS N    N  N N 74  
CYS CA   C  N R 75  
CYS C    C  N N 76  
CYS O    O  N N 77  
CYS CB   C  N N 78  
CYS SG   S  N N 79  
CYS OXT  O  N N 80  
CYS H    H  N N 81  
CYS H2   H  N N 82  
CYS HA   H  N N 83  
CYS HB2  H  N N 84  
CYS HB3  H  N N 85  
CYS HG   H  N N 86  
CYS HXT  H  N N 87  
GLN N    N  N N 88  
GLN CA   C  N S 89  
GLN C    C  N N 90  
GLN O    O  N N 91  
GLN CB   C  N N 92  
GLN CG   C  N N 93  
GLN CD   C  N N 94  
GLN OE1  O  N N 95  
GLN NE2  N  N N 96  
GLN OXT  O  N N 97  
GLN H    H  N N 98  
GLN H2   H  N N 99  
GLN HA   H  N N 100 
GLN HB2  H  N N 101 
GLN HB3  H  N N 102 
GLN HG2  H  N N 103 
GLN HG3  H  N N 104 
GLN HE21 H  N N 105 
GLN HE22 H  N N 106 
GLN HXT  H  N N 107 
GLU N    N  N N 108 
GLU CA   C  N S 109 
GLU C    C  N N 110 
GLU O    O  N N 111 
GLU CB   C  N N 112 
GLU CG   C  N N 113 
GLU CD   C  N N 114 
GLU OE1  O  N N 115 
GLU OE2  O  N N 116 
GLU OXT  O  N N 117 
GLU H    H  N N 118 
GLU H2   H  N N 119 
GLU HA   H  N N 120 
GLU HB2  H  N N 121 
GLU HB3  H  N N 122 
GLU HG2  H  N N 123 
GLU HG3  H  N N 124 
GLU HE2  H  N N 125 
GLU HXT  H  N N 126 
GLY N    N  N N 127 
GLY CA   C  N N 128 
GLY C    C  N N 129 
GLY O    O  N N 130 
GLY OXT  O  N N 131 
GLY H    H  N N 132 
GLY H2   H  N N 133 
GLY HA2  H  N N 134 
GLY HA3  H  N N 135 
GLY HXT  H  N N 136 
HIS N    N  N N 137 
HIS CA   C  N S 138 
HIS C    C  N N 139 
HIS O    O  N N 140 
HIS CB   C  N N 141 
HIS CG   C  Y N 142 
HIS ND1  N  Y N 143 
HIS CD2  C  Y N 144 
HIS CE1  C  Y N 145 
HIS NE2  N  Y N 146 
HIS OXT  O  N N 147 
HIS H    H  N N 148 
HIS H2   H  N N 149 
HIS HA   H  N N 150 
HIS HB2  H  N N 151 
HIS HB3  H  N N 152 
HIS HD1  H  N N 153 
HIS HD2  H  N N 154 
HIS HE1  H  N N 155 
HIS HE2  H  N N 156 
HIS HXT  H  N N 157 
HOH O    O  N N 158 
HOH H1   H  N N 159 
HOH H2   H  N N 160 
ILE N    N  N N 161 
ILE CA   C  N S 162 
ILE C    C  N N 163 
ILE O    O  N N 164 
ILE CB   C  N S 165 
ILE CG1  C  N N 166 
ILE CG2  C  N N 167 
ILE CD1  C  N N 168 
ILE OXT  O  N N 169 
ILE H    H  N N 170 
ILE H2   H  N N 171 
ILE HA   H  N N 172 
ILE HB   H  N N 173 
ILE HG12 H  N N 174 
ILE HG13 H  N N 175 
ILE HG21 H  N N 176 
ILE HG22 H  N N 177 
ILE HG23 H  N N 178 
ILE HD11 H  N N 179 
ILE HD12 H  N N 180 
ILE HD13 H  N N 181 
ILE HXT  H  N N 182 
LEU N    N  N N 183 
LEU CA   C  N S 184 
LEU C    C  N N 185 
LEU O    O  N N 186 
LEU CB   C  N N 187 
LEU CG   C  N N 188 
LEU CD1  C  N N 189 
LEU CD2  C  N N 190 
LEU OXT  O  N N 191 
LEU H    H  N N 192 
LEU H2   H  N N 193 
LEU HA   H  N N 194 
LEU HB2  H  N N 195 
LEU HB3  H  N N 196 
LEU HG   H  N N 197 
LEU HD11 H  N N 198 
LEU HD12 H  N N 199 
LEU HD13 H  N N 200 
LEU HD21 H  N N 201 
LEU HD22 H  N N 202 
LEU HD23 H  N N 203 
LEU HXT  H  N N 204 
LYS N    N  N N 205 
LYS CA   C  N S 206 
LYS C    C  N N 207 
LYS O    O  N N 208 
LYS CB   C  N N 209 
LYS CG   C  N N 210 
LYS CD   C  N N 211 
LYS CE   C  N N 212 
LYS NZ   N  N N 213 
LYS OXT  O  N N 214 
LYS H    H  N N 215 
LYS H2   H  N N 216 
LYS HA   H  N N 217 
LYS HB2  H  N N 218 
LYS HB3  H  N N 219 
LYS HG2  H  N N 220 
LYS HG3  H  N N 221 
LYS HD2  H  N N 222 
LYS HD3  H  N N 223 
LYS HE2  H  N N 224 
LYS HE3  H  N N 225 
LYS HZ1  H  N N 226 
LYS HZ2  H  N N 227 
LYS HZ3  H  N N 228 
LYS HXT  H  N N 229 
MET N    N  N N 230 
MET CA   C  N S 231 
MET C    C  N N 232 
MET O    O  N N 233 
MET CB   C  N N 234 
MET CG   C  N N 235 
MET SD   S  N N 236 
MET CE   C  N N 237 
MET OXT  O  N N 238 
MET H    H  N N 239 
MET H2   H  N N 240 
MET HA   H  N N 241 
MET HB2  H  N N 242 
MET HB3  H  N N 243 
MET HG2  H  N N 244 
MET HG3  H  N N 245 
MET HE1  H  N N 246 
MET HE2  H  N N 247 
MET HE3  H  N N 248 
MET HXT  H  N N 249 
MSE N    N  N N 250 
MSE CA   C  N S 251 
MSE C    C  N N 252 
MSE O    O  N N 253 
MSE OXT  O  N N 254 
MSE CB   C  N N 255 
MSE CG   C  N N 256 
MSE SE   SE N N 257 
MSE CE   C  N N 258 
MSE H    H  N N 259 
MSE H2   H  N N 260 
MSE HA   H  N N 261 
MSE HXT  H  N N 262 
MSE HB2  H  N N 263 
MSE HB3  H  N N 264 
MSE HG2  H  N N 265 
MSE HG3  H  N N 266 
MSE HE1  H  N N 267 
MSE HE2  H  N N 268 
MSE HE3  H  N N 269 
PHE N    N  N N 270 
PHE CA   C  N S 271 
PHE C    C  N N 272 
PHE O    O  N N 273 
PHE CB   C  N N 274 
PHE CG   C  Y N 275 
PHE CD1  C  Y N 276 
PHE CD2  C  Y N 277 
PHE CE1  C  Y N 278 
PHE CE2  C  Y N 279 
PHE CZ   C  Y N 280 
PHE OXT  O  N N 281 
PHE H    H  N N 282 
PHE H2   H  N N 283 
PHE HA   H  N N 284 
PHE HB2  H  N N 285 
PHE HB3  H  N N 286 
PHE HD1  H  N N 287 
PHE HD2  H  N N 288 
PHE HE1  H  N N 289 
PHE HE2  H  N N 290 
PHE HZ   H  N N 291 
PHE HXT  H  N N 292 
PO4 P    P  N N 293 
PO4 O1   O  N N 294 
PO4 O2   O  N N 295 
PO4 O3   O  N N 296 
PO4 O4   O  N N 297 
PRO N    N  N N 298 
PRO CA   C  N S 299 
PRO C    C  N N 300 
PRO O    O  N N 301 
PRO CB   C  N N 302 
PRO CG   C  N N 303 
PRO CD   C  N N 304 
PRO OXT  O  N N 305 
PRO H    H  N N 306 
PRO HA   H  N N 307 
PRO HB2  H  N N 308 
PRO HB3  H  N N 309 
PRO HG2  H  N N 310 
PRO HG3  H  N N 311 
PRO HD2  H  N N 312 
PRO HD3  H  N N 313 
PRO HXT  H  N N 314 
SER N    N  N N 315 
SER CA   C  N S 316 
SER C    C  N N 317 
SER O    O  N N 318 
SER CB   C  N N 319 
SER OG   O  N N 320 
SER OXT  O  N N 321 
SER H    H  N N 322 
SER H2   H  N N 323 
SER HA   H  N N 324 
SER HB2  H  N N 325 
SER HB3  H  N N 326 
SER HG   H  N N 327 
SER HXT  H  N N 328 
THR N    N  N N 329 
THR CA   C  N S 330 
THR C    C  N N 331 
THR O    O  N N 332 
THR CB   C  N R 333 
THR OG1  O  N N 334 
THR CG2  C  N N 335 
THR OXT  O  N N 336 
THR H    H  N N 337 
THR H2   H  N N 338 
THR HA   H  N N 339 
THR HB   H  N N 340 
THR HG1  H  N N 341 
THR HG21 H  N N 342 
THR HG22 H  N N 343 
THR HG23 H  N N 344 
THR HXT  H  N N 345 
TYR N    N  N N 346 
TYR CA   C  N S 347 
TYR C    C  N N 348 
TYR O    O  N N 349 
TYR CB   C  N N 350 
TYR CG   C  Y N 351 
TYR CD1  C  Y N 352 
TYR CD2  C  Y N 353 
TYR CE1  C  Y N 354 
TYR CE2  C  Y N 355 
TYR CZ   C  Y N 356 
TYR OH   O  N N 357 
TYR OXT  O  N N 358 
TYR H    H  N N 359 
TYR H2   H  N N 360 
TYR HA   H  N N 361 
TYR HB2  H  N N 362 
TYR HB3  H  N N 363 
TYR HD1  H  N N 364 
TYR HD2  H  N N 365 
TYR HE1  H  N N 366 
TYR HE2  H  N N 367 
TYR HH   H  N N 368 
TYR HXT  H  N N 369 
VAL N    N  N N 370 
VAL CA   C  N S 371 
VAL C    C  N N 372 
VAL O    O  N N 373 
VAL CB   C  N N 374 
VAL CG1  C  N N 375 
VAL CG2  C  N N 376 
VAL OXT  O  N N 377 
VAL H    H  N N 378 
VAL H2   H  N N 379 
VAL HA   H  N N 380 
VAL HB   H  N N 381 
VAL HG11 H  N N 382 
VAL HG12 H  N N 383 
VAL HG13 H  N N 384 
VAL HG21 H  N N 385 
VAL HG22 H  N N 386 
VAL HG23 H  N N 387 
VAL HXT  H  N N 388 
# 
loop_
_chem_comp_bond.comp_id 
_chem_comp_bond.atom_id_1 
_chem_comp_bond.atom_id_2 
_chem_comp_bond.value_order 
_chem_comp_bond.pdbx_aromatic_flag 
_chem_comp_bond.pdbx_stereo_config 
_chem_comp_bond.pdbx_ordinal 
ALA N   CA   sing N N 1   
ALA N   H    sing N N 2   
ALA N   H2   sing N N 3   
ALA CA  C    sing N N 4   
ALA CA  CB   sing N N 5   
ALA CA  HA   sing N N 6   
ALA C   O    doub N N 7   
ALA C   OXT  sing N N 8   
ALA CB  HB1  sing N N 9   
ALA CB  HB2  sing N N 10  
ALA CB  HB3  sing N N 11  
ALA OXT HXT  sing N N 12  
ARG N   CA   sing N N 13  
ARG N   H    sing N N 14  
ARG N   H2   sing N N 15  
ARG CA  C    sing N N 16  
ARG CA  CB   sing N N 17  
ARG CA  HA   sing N N 18  
ARG C   O    doub N N 19  
ARG C   OXT  sing N N 20  
ARG CB  CG   sing N N 21  
ARG CB  HB2  sing N N 22  
ARG CB  HB3  sing N N 23  
ARG CG  CD   sing N N 24  
ARG CG  HG2  sing N N 25  
ARG CG  HG3  sing N N 26  
ARG CD  NE   sing N N 27  
ARG CD  HD2  sing N N 28  
ARG CD  HD3  sing N N 29  
ARG NE  CZ   sing N N 30  
ARG NE  HE   sing N N 31  
ARG CZ  NH1  sing N N 32  
ARG CZ  NH2  doub N N 33  
ARG NH1 HH11 sing N N 34  
ARG NH1 HH12 sing N N 35  
ARG NH2 HH21 sing N N 36  
ARG NH2 HH22 sing N N 37  
ARG OXT HXT  sing N N 38  
ASN N   CA   sing N N 39  
ASN N   H    sing N N 40  
ASN N   H2   sing N N 41  
ASN CA  C    sing N N 42  
ASN CA  CB   sing N N 43  
ASN CA  HA   sing N N 44  
ASN C   O    doub N N 45  
ASN C   OXT  sing N N 46  
ASN CB  CG   sing N N 47  
ASN CB  HB2  sing N N 48  
ASN CB  HB3  sing N N 49  
ASN CG  OD1  doub N N 50  
ASN CG  ND2  sing N N 51  
ASN ND2 HD21 sing N N 52  
ASN ND2 HD22 sing N N 53  
ASN OXT HXT  sing N N 54  
ASP N   CA   sing N N 55  
ASP N   H    sing N N 56  
ASP N   H2   sing N N 57  
ASP CA  C    sing N N 58  
ASP CA  CB   sing N N 59  
ASP CA  HA   sing N N 60  
ASP C   O    doub N N 61  
ASP C   OXT  sing N N 62  
ASP CB  CG   sing N N 63  
ASP CB  HB2  sing N N 64  
ASP CB  HB3  sing N N 65  
ASP CG  OD1  doub N N 66  
ASP CG  OD2  sing N N 67  
ASP OD2 HD2  sing N N 68  
ASP OXT HXT  sing N N 69  
CYS N   CA   sing N N 70  
CYS N   H    sing N N 71  
CYS N   H2   sing N N 72  
CYS CA  C    sing N N 73  
CYS CA  CB   sing N N 74  
CYS CA  HA   sing N N 75  
CYS C   O    doub N N 76  
CYS C   OXT  sing N N 77  
CYS CB  SG   sing N N 78  
CYS CB  HB2  sing N N 79  
CYS CB  HB3  sing N N 80  
CYS SG  HG   sing N N 81  
CYS OXT HXT  sing N N 82  
GLN N   CA   sing N N 83  
GLN N   H    sing N N 84  
GLN N   H2   sing N N 85  
GLN CA  C    sing N N 86  
GLN CA  CB   sing N N 87  
GLN CA  HA   sing N N 88  
GLN C   O    doub N N 89  
GLN C   OXT  sing N N 90  
GLN CB  CG   sing N N 91  
GLN CB  HB2  sing N N 92  
GLN CB  HB3  sing N N 93  
GLN CG  CD   sing N N 94  
GLN CG  HG2  sing N N 95  
GLN CG  HG3  sing N N 96  
GLN CD  OE1  doub N N 97  
GLN CD  NE2  sing N N 98  
GLN NE2 HE21 sing N N 99  
GLN NE2 HE22 sing N N 100 
GLN OXT HXT  sing N N 101 
GLU N   CA   sing N N 102 
GLU N   H    sing N N 103 
GLU N   H2   sing N N 104 
GLU CA  C    sing N N 105 
GLU CA  CB   sing N N 106 
GLU CA  HA   sing N N 107 
GLU C   O    doub N N 108 
GLU C   OXT  sing N N 109 
GLU CB  CG   sing N N 110 
GLU CB  HB2  sing N N 111 
GLU CB  HB3  sing N N 112 
GLU CG  CD   sing N N 113 
GLU CG  HG2  sing N N 114 
GLU CG  HG3  sing N N 115 
GLU CD  OE1  doub N N 116 
GLU CD  OE2  sing N N 117 
GLU OE2 HE2  sing N N 118 
GLU OXT HXT  sing N N 119 
GLY N   CA   sing N N 120 
GLY N   H    sing N N 121 
GLY N   H2   sing N N 122 
GLY CA  C    sing N N 123 
GLY CA  HA2  sing N N 124 
GLY CA  HA3  sing N N 125 
GLY C   O    doub N N 126 
GLY C   OXT  sing N N 127 
GLY OXT HXT  sing N N 128 
HIS N   CA   sing N N 129 
HIS N   H    sing N N 130 
HIS N   H2   sing N N 131 
HIS CA  C    sing N N 132 
HIS CA  CB   sing N N 133 
HIS CA  HA   sing N N 134 
HIS C   O    doub N N 135 
HIS C   OXT  sing N N 136 
HIS CB  CG   sing N N 137 
HIS CB  HB2  sing N N 138 
HIS CB  HB3  sing N N 139 
HIS CG  ND1  sing Y N 140 
HIS CG  CD2  doub Y N 141 
HIS ND1 CE1  doub Y N 142 
HIS ND1 HD1  sing N N 143 
HIS CD2 NE2  sing Y N 144 
HIS CD2 HD2  sing N N 145 
HIS CE1 NE2  sing Y N 146 
HIS CE1 HE1  sing N N 147 
HIS NE2 HE2  sing N N 148 
HIS OXT HXT  sing N N 149 
HOH O   H1   sing N N 150 
HOH O   H2   sing N N 151 
ILE N   CA   sing N N 152 
ILE N   H    sing N N 153 
ILE N   H2   sing N N 154 
ILE CA  C    sing N N 155 
ILE CA  CB   sing N N 156 
ILE CA  HA   sing N N 157 
ILE C   O    doub N N 158 
ILE C   OXT  sing N N 159 
ILE CB  CG1  sing N N 160 
ILE CB  CG2  sing N N 161 
ILE CB  HB   sing N N 162 
ILE CG1 CD1  sing N N 163 
ILE CG1 HG12 sing N N 164 
ILE CG1 HG13 sing N N 165 
ILE CG2 HG21 sing N N 166 
ILE CG2 HG22 sing N N 167 
ILE CG2 HG23 sing N N 168 
ILE CD1 HD11 sing N N 169 
ILE CD1 HD12 sing N N 170 
ILE CD1 HD13 sing N N 171 
ILE OXT HXT  sing N N 172 
LEU N   CA   sing N N 173 
LEU N   H    sing N N 174 
LEU N   H2   sing N N 175 
LEU CA  C    sing N N 176 
LEU CA  CB   sing N N 177 
LEU CA  HA   sing N N 178 
LEU C   O    doub N N 179 
LEU C   OXT  sing N N 180 
LEU CB  CG   sing N N 181 
LEU CB  HB2  sing N N 182 
LEU CB  HB3  sing N N 183 
LEU CG  CD1  sing N N 184 
LEU CG  CD2  sing N N 185 
LEU CG  HG   sing N N 186 
LEU CD1 HD11 sing N N 187 
LEU CD1 HD12 sing N N 188 
LEU CD1 HD13 sing N N 189 
LEU CD2 HD21 sing N N 190 
LEU CD2 HD22 sing N N 191 
LEU CD2 HD23 sing N N 192 
LEU OXT HXT  sing N N 193 
LYS N   CA   sing N N 194 
LYS N   H    sing N N 195 
LYS N   H2   sing N N 196 
LYS CA  C    sing N N 197 
LYS CA  CB   sing N N 198 
LYS CA  HA   sing N N 199 
LYS C   O    doub N N 200 
LYS C   OXT  sing N N 201 
LYS CB  CG   sing N N 202 
LYS CB  HB2  sing N N 203 
LYS CB  HB3  sing N N 204 
LYS CG  CD   sing N N 205 
LYS CG  HG2  sing N N 206 
LYS CG  HG3  sing N N 207 
LYS CD  CE   sing N N 208 
LYS CD  HD2  sing N N 209 
LYS CD  HD3  sing N N 210 
LYS CE  NZ   sing N N 211 
LYS CE  HE2  sing N N 212 
LYS CE  HE3  sing N N 213 
LYS NZ  HZ1  sing N N 214 
LYS NZ  HZ2  sing N N 215 
LYS NZ  HZ3  sing N N 216 
LYS OXT HXT  sing N N 217 
MET N   CA   sing N N 218 
MET N   H    sing N N 219 
MET N   H2   sing N N 220 
MET CA  C    sing N N 221 
MET CA  CB   sing N N 222 
MET CA  HA   sing N N 223 
MET C   O    doub N N 224 
MET C   OXT  sing N N 225 
MET CB  CG   sing N N 226 
MET CB  HB2  sing N N 227 
MET CB  HB3  sing N N 228 
MET CG  SD   sing N N 229 
MET CG  HG2  sing N N 230 
MET CG  HG3  sing N N 231 
MET SD  CE   sing N N 232 
MET CE  HE1  sing N N 233 
MET CE  HE2  sing N N 234 
MET CE  HE3  sing N N 235 
MET OXT HXT  sing N N 236 
MSE N   CA   sing N N 237 
MSE N   H    sing N N 238 
MSE N   H2   sing N N 239 
MSE CA  C    sing N N 240 
MSE CA  CB   sing N N 241 
MSE CA  HA   sing N N 242 
MSE C   O    doub N N 243 
MSE C   OXT  sing N N 244 
MSE OXT HXT  sing N N 245 
MSE CB  CG   sing N N 246 
MSE CB  HB2  sing N N 247 
MSE CB  HB3  sing N N 248 
MSE CG  SE   sing N N 249 
MSE CG  HG2  sing N N 250 
MSE CG  HG3  sing N N 251 
MSE SE  CE   sing N N 252 
MSE CE  HE1  sing N N 253 
MSE CE  HE2  sing N N 254 
MSE CE  HE3  sing N N 255 
PHE N   CA   sing N N 256 
PHE N   H    sing N N 257 
PHE N   H2   sing N N 258 
PHE CA  C    sing N N 259 
PHE CA  CB   sing N N 260 
PHE CA  HA   sing N N 261 
PHE C   O    doub N N 262 
PHE C   OXT  sing N N 263 
PHE CB  CG   sing N N 264 
PHE CB  HB2  sing N N 265 
PHE CB  HB3  sing N N 266 
PHE CG  CD1  doub Y N 267 
PHE CG  CD2  sing Y N 268 
PHE CD1 CE1  sing Y N 269 
PHE CD1 HD1  sing N N 270 
PHE CD2 CE2  doub Y N 271 
PHE CD2 HD2  sing N N 272 
PHE CE1 CZ   doub Y N 273 
PHE CE1 HE1  sing N N 274 
PHE CE2 CZ   sing Y N 275 
PHE CE2 HE2  sing N N 276 
PHE CZ  HZ   sing N N 277 
PHE OXT HXT  sing N N 278 
PO4 P   O1   doub N N 279 
PO4 P   O2   sing N N 280 
PO4 P   O3   sing N N 281 
PO4 P   O4   sing N N 282 
PRO N   CA   sing N N 283 
PRO N   CD   sing N N 284 
PRO N   H    sing N N 285 
PRO CA  C    sing N N 286 
PRO CA  CB   sing N N 287 
PRO CA  HA   sing N N 288 
PRO C   O    doub N N 289 
PRO C   OXT  sing N N 290 
PRO CB  CG   sing N N 291 
PRO CB  HB2  sing N N 292 
PRO CB  HB3  sing N N 293 
PRO CG  CD   sing N N 294 
PRO CG  HG2  sing N N 295 
PRO CG  HG3  sing N N 296 
PRO CD  HD2  sing N N 297 
PRO CD  HD3  sing N N 298 
PRO OXT HXT  sing N N 299 
SER N   CA   sing N N 300 
SER N   H    sing N N 301 
SER N   H2   sing N N 302 
SER CA  C    sing N N 303 
SER CA  CB   sing N N 304 
SER CA  HA   sing N N 305 
SER C   O    doub N N 306 
SER C   OXT  sing N N 307 
SER CB  OG   sing N N 308 
SER CB  HB2  sing N N 309 
SER CB  HB3  sing N N 310 
SER OG  HG   sing N N 311 
SER OXT HXT  sing N N 312 
THR N   CA   sing N N 313 
THR N   H    sing N N 314 
THR N   H2   sing N N 315 
THR CA  C    sing N N 316 
THR CA  CB   sing N N 317 
THR CA  HA   sing N N 318 
THR C   O    doub N N 319 
THR C   OXT  sing N N 320 
THR CB  OG1  sing N N 321 
THR CB  CG2  sing N N 322 
THR CB  HB   sing N N 323 
THR OG1 HG1  sing N N 324 
THR CG2 HG21 sing N N 325 
THR CG2 HG22 sing N N 326 
THR CG2 HG23 sing N N 327 
THR OXT HXT  sing N N 328 
TYR N   CA   sing N N 329 
TYR N   H    sing N N 330 
TYR N   H2   sing N N 331 
TYR CA  C    sing N N 332 
TYR CA  CB   sing N N 333 
TYR CA  HA   sing N N 334 
TYR C   O    doub N N 335 
TYR C   OXT  sing N N 336 
TYR CB  CG   sing N N 337 
TYR CB  HB2  sing N N 338 
TYR CB  HB3  sing N N 339 
TYR CG  CD1  doub Y N 340 
TYR CG  CD2  sing Y N 341 
TYR CD1 CE1  sing Y N 342 
TYR CD1 HD1  sing N N 343 
TYR CD2 CE2  doub Y N 344 
TYR CD2 HD2  sing N N 345 
TYR CE1 CZ   doub Y N 346 
TYR CE1 HE1  sing N N 347 
TYR CE2 CZ   sing Y N 348 
TYR CE2 HE2  sing N N 349 
TYR CZ  OH   sing N N 350 
TYR OH  HH   sing N N 351 
TYR OXT HXT  sing N N 352 
VAL N   CA   sing N N 353 
VAL N   H    sing N N 354 
VAL N   H2   sing N N 355 
VAL CA  C    sing N N 356 
VAL CA  CB   sing N N 357 
VAL CA  HA   sing N N 358 
VAL C   O    doub N N 359 
VAL C   OXT  sing N N 360 
VAL CB  CG1  sing N N 361 
VAL CB  CG2  sing N N 362 
VAL CB  HB   sing N N 363 
VAL CG1 HG11 sing N N 364 
VAL CG1 HG12 sing N N 365 
VAL CG1 HG13 sing N N 366 
VAL CG2 HG21 sing N N 367 
VAL CG2 HG22 sing N N 368 
VAL CG2 HG23 sing N N 369 
VAL OXT HXT  sing N N 370 
# 
_atom_sites.entry_id                    1K3S 
_atom_sites.fract_transf_matrix[1][1]   0.00678406 
_atom_sites.fract_transf_matrix[1][2]   0.01432282 
_atom_sites.fract_transf_matrix[1][3]   -0.01593327 
_atom_sites.fract_transf_matrix[2][1]   -0.01191583 
_atom_sites.fract_transf_matrix[2][2]   -0.00958331 
_atom_sites.fract_transf_matrix[2][3]   -0.01368820 
_atom_sites.fract_transf_matrix[3][1]   -0.00799857 
_atom_sites.fract_transf_matrix[3][2]   0.00648422 
_atom_sites.fract_transf_matrix[3][3]   0.00242320 
_atom_sites.fract_transf_vector[1]      -0.233803 
_atom_sites.fract_transf_vector[2]      0.023010 
_atom_sites.fract_transf_vector[3]      -0.079581 
# 
loop_
_atom_type.symbol 
C  
N  
O  
P  
S  
SE 
# 
loop_
_atom_site.group_PDB 
_atom_site.id 
_atom_site.type_symbol 
_atom_site.label_atom_id 
_atom_site.label_alt_id 
_atom_site.label_comp_id 
_atom_site.label_asym_id 
_atom_site.label_entity_id 
_atom_site.label_seq_id 
_atom_site.pdbx_PDB_ins_code 
_atom_site.Cartn_x 
_atom_site.Cartn_y 
_atom_site.Cartn_z 
_atom_site.occupancy 
_atom_site.B_iso_or_equiv 
_atom_site.pdbx_formal_charge 
_atom_site.auth_seq_id 
_atom_site.auth_comp_id 
_atom_site.auth_asym_id 
_atom_site.auth_atom_id 
_atom_site.pdbx_PDB_model_num 
HETATM 1    N  N   . MSE A 1 1   ? -6.353  3.952   28.425  1.00 47.73 ? 1   MSE A N   1 
HETATM 2    C  CA  . MSE A 1 1   ? -5.559  4.331   27.219  1.00 45.63 ? 1   MSE A CA  1 
HETATM 3    C  C   . MSE A 1 1   ? -6.491  4.703   26.064  1.00 45.97 ? 1   MSE A C   1 
HETATM 4    O  O   . MSE A 1 1   ? -7.338  3.907   25.652  1.00 45.82 ? 1   MSE A O   1 
HETATM 5    C  CB  . MSE A 1 1   ? -4.658  3.166   26.793  1.00 46.72 ? 1   MSE A CB  1 
HETATM 6    C  CG  . MSE A 1 1   ? -3.706  2.643   27.875  1.00 47.95 ? 1   MSE A CG  1 
HETATM 7    SE SE  . MSE A 1 1   ? -2.174  3.775   28.241  1.00 46.10 ? 1   MSE A SE  1 
HETATM 8    C  CE  . MSE A 1 1   ? -3.075  5.165   29.231  1.00 46.63 ? 1   MSE A CE  1 
ATOM   9    N  N   . GLU A 1 2   ? -6.330  5.917   25.546  1.00 43.45 ? 2   GLU A N   1 
ATOM   10   C  CA  . GLU A 1 2   ? -7.142  6.392   24.432  1.00 39.76 ? 2   GLU A CA  1 
ATOM   11   C  C   . GLU A 1 2   ? -6.613  5.770   23.139  1.00 36.53 ? 2   GLU A C   1 
ATOM   12   O  O   . GLU A 1 2   ? -5.402  5.662   22.952  1.00 33.62 ? 2   GLU A O   1 
ATOM   13   C  CB  . GLU A 1 2   ? -7.058  7.914   24.352  1.00 41.27 ? 2   GLU A CB  1 
ATOM   14   C  CG  . GLU A 1 2   ? -8.022  8.551   23.377  1.00 42.13 ? 2   GLU A CG  1 
ATOM   15   C  CD  . GLU A 1 2   ? -7.884  10.060  23.343  1.00 44.26 ? 2   GLU A CD  1 
ATOM   16   O  OE1 . GLU A 1 2   ? -8.671  10.712  22.627  1.00 48.13 ? 2   GLU A OE1 1 
ATOM   17   O  OE2 . GLU A 1 2   ? -6.987  10.596  24.029  1.00 42.57 ? 2   GLU A OE2 1 
ATOM   18   N  N   . SER A 1 3   ? -7.515  5.359   22.251  1.00 34.37 ? 3   SER A N   1 
ATOM   19   C  CA  . SER A 1 3   ? -7.098  4.746   20.992  1.00 32.78 ? 3   SER A CA  1 
ATOM   20   C  C   . SER A 1 3   ? -6.260  5.728   20.187  1.00 29.24 ? 3   SER A C   1 
ATOM   21   O  O   . SER A 1 3   ? -6.303  6.934   20.430  1.00 28.69 ? 3   SER A O   1 
ATOM   22   C  CB  . SER A 1 3   ? -8.314  4.325   20.164  1.00 32.82 ? 3   SER A CB  1 
ATOM   23   O  OG  . SER A 1 3   ? -8.952  5.456   19.595  1.00 36.49 ? 3   SER A OG  1 
ATOM   24   N  N   . LEU A 1 4   ? -5.507  5.207   19.223  1.00 29.80 ? 4   LEU A N   1 
ATOM   25   C  CA  . LEU A 1 4   ? -4.660  6.044   18.382  1.00 28.55 ? 4   LEU A CA  1 
ATOM   26   C  C   . LEU A 1 4   ? -5.482  7.010   17.534  1.00 26.33 ? 4   LEU A C   1 
ATOM   27   O  O   . LEU A 1 4   ? -5.099  8.167   17.359  1.00 22.50 ? 4   LEU A O   1 
ATOM   28   C  CB  . LEU A 1 4   ? -3.785  5.171   17.476  1.00 28.85 ? 4   LEU A CB  1 
ATOM   29   C  CG  . LEU A 1 4   ? -2.835  5.899   16.515  1.00 30.89 ? 4   LEU A CG  1 
ATOM   30   C  CD1 . LEU A 1 4   ? -1.879  6.796   17.294  1.00 27.55 ? 4   LEU A CD1 1 
ATOM   31   C  CD2 . LEU A 1 4   ? -2.068  4.874   15.695  1.00 29.03 ? 4   LEU A CD2 1 
ATOM   32   N  N   . LEU A 1 5   ? -6.613  6.542   17.010  1.00 25.75 ? 5   LEU A N   1 
ATOM   33   C  CA  . LEU A 1 5   ? -7.462  7.396   16.187  1.00 27.51 ? 5   LEU A CA  1 
ATOM   34   C  C   . LEU A 1 5   ? -8.050  8.543   17.005  1.00 28.63 ? 5   LEU A C   1 
ATOM   35   O  O   . LEU A 1 5   ? -8.177  9.663   16.508  1.00 26.81 ? 5   LEU A O   1 
ATOM   36   C  CB  . LEU A 1 5   ? -8.598  6.589   15.541  1.00 27.82 ? 5   LEU A CB  1 
ATOM   37   C  CG  . LEU A 1 5   ? -9.500  7.409   14.604  1.00 32.32 ? 5   LEU A CG  1 
ATOM   38   C  CD1 . LEU A 1 5   ? -8.649  8.080   13.526  1.00 30.66 ? 5   LEU A CD1 1 
ATOM   39   C  CD2 . LEU A 1 5   ? -10.553 6.508   13.965  1.00 31.86 ? 5   LEU A CD2 1 
ATOM   40   N  N   . ASN A 1 6   ? -8.410  8.268   18.256  1.00 29.79 ? 6   ASN A N   1 
ATOM   41   C  CA  . ASN A 1 6   ? -8.965  9.312   19.107  1.00 32.43 ? 6   ASN A CA  1 
ATOM   42   C  C   . ASN A 1 6   ? -7.914  10.377  19.397  1.00 29.67 ? 6   ASN A C   1 
ATOM   43   O  O   . ASN A 1 6   ? -8.223  11.565  19.444  1.00 28.00 ? 6   ASN A O   1 
ATOM   44   C  CB  . ASN A 1 6   ? -9.491  8.728   20.424  1.00 36.83 ? 6   ASN A CB  1 
ATOM   45   C  CG  . ASN A 1 6   ? -10.807 7.997   20.252  1.00 40.73 ? 6   ASN A CG  1 
ATOM   46   O  OD1 . ASN A 1 6   ? -11.739 8.519   19.646  1.00 41.03 ? 6   ASN A OD1 1 
ATOM   47   N  ND2 . ASN A 1 6   ? -10.892 6.787   20.794  1.00 44.64 ? 6   ASN A ND2 1 
ATOM   48   N  N   . ARG A 1 7   ? -6.672  9.947   19.592  1.00 30.20 ? 7   ARG A N   1 
ATOM   49   C  CA  . ARG A 1 7   ? -5.587  10.878  19.864  1.00 31.37 ? 7   ARG A CA  1 
ATOM   50   C  C   . ARG A 1 7   ? -5.288  11.717  18.629  1.00 32.28 ? 7   ARG A C   1 
ATOM   51   O  O   . ARG A 1 7   ? -4.863  12.865  18.745  1.00 31.45 ? 7   ARG A O   1 
ATOM   52   C  CB  . ARG A 1 7   ? -4.333  10.123  20.314  1.00 33.87 ? 7   ARG A CB  1 
ATOM   53   C  CG  . ARG A 1 7   ? -4.441  9.579   21.736  1.00 33.96 ? 7   ARG A CG  1 
ATOM   54   C  CD  . ARG A 1 7   ? -4.001  8.128   21.824  1.00 35.11 ? 7   ARG A CD  1 
ATOM   55   N  NE  . ARG A 1 7   ? -2.560  7.962   21.684  1.00 37.75 ? 7   ARG A NE  1 
ATOM   56   C  CZ  . ARG A 1 7   ? -1.961  6.788   21.510  1.00 38.28 ? 7   ARG A CZ  1 
ATOM   57   N  NH1 . ARG A 1 7   ? -2.682  5.674   21.449  1.00 38.72 ? 7   ARG A NH1 1 
ATOM   58   N  NH2 . ARG A 1 7   ? -0.642  6.724   21.402  1.00 36.58 ? 7   ARG A NH2 1 
ATOM   59   N  N   . LEU A 1 8   ? -5.504  11.144  17.448  1.00 29.49 ? 8   LEU A N   1 
ATOM   60   C  CA  . LEU A 1 8   ? -5.275  11.879  16.212  1.00 31.32 ? 8   LEU A CA  1 
ATOM   61   C  C   . LEU A 1 8   ? -6.350  12.955  16.127  1.00 32.33 ? 8   LEU A C   1 
ATOM   62   O  O   . LEU A 1 8   ? -6.066  14.108  15.806  1.00 32.10 ? 8   LEU A O   1 
ATOM   63   C  CB  . LEU A 1 8   ? -5.374  10.953  14.993  1.00 30.92 ? 8   LEU A CB  1 
ATOM   64   C  CG  . LEU A 1 8   ? -5.273  11.648  13.627  1.00 30.64 ? 8   LEU A CG  1 
ATOM   65   C  CD1 . LEU A 1 8   ? -3.904  12.306  13.474  1.00 25.35 ? 8   LEU A CD1 1 
ATOM   66   C  CD2 . LEU A 1 8   ? -5.502  10.631  12.517  1.00 30.57 ? 8   LEU A CD2 1 
ATOM   67   N  N   . TYR A 1 9   ? -7.589  12.569  16.418  1.00 36.06 ? 9   TYR A N   1 
ATOM   68   C  CA  . TYR A 1 9   ? -8.698  13.514  16.394  1.00 35.63 ? 9   TYR A CA  1 
ATOM   69   C  C   . TYR A 1 9   ? -8.396  14.686  17.325  1.00 38.06 ? 9   TYR A C   1 
ATOM   70   O  O   . TYR A 1 9   ? -8.639  15.841  16.977  1.00 36.53 ? 9   TYR A O   1 
ATOM   71   C  CB  . TYR A 1 9   ? -10.004 12.837  16.829  1.00 34.14 ? 9   TYR A CB  1 
ATOM   72   C  CG  . TYR A 1 9   ? -10.598 11.884  15.810  1.00 35.14 ? 9   TYR A CG  1 
ATOM   73   C  CD1 . TYR A 1 9   ? -10.236 11.952  14.464  1.00 36.64 ? 9   TYR A CD1 1 
ATOM   74   C  CD2 . TYR A 1 9   ? -11.551 10.936  16.187  1.00 37.96 ? 9   TYR A CD2 1 
ATOM   75   C  CE1 . TYR A 1 9   ? -10.807 11.102  13.520  1.00 37.17 ? 9   TYR A CE1 1 
ATOM   76   C  CE2 . TYR A 1 9   ? -12.131 10.079  15.247  1.00 36.72 ? 9   TYR A CE2 1 
ATOM   77   C  CZ  . TYR A 1 9   ? -11.752 10.169  13.917  1.00 38.04 ? 9   TYR A CZ  1 
ATOM   78   O  OH  . TYR A 1 9   ? -12.311 9.326   12.983  1.00 38.00 ? 9   TYR A OH  1 
ATOM   79   N  N   . ASP A 1 10  ? -7.861  14.389  18.508  1.00 38.39 ? 10  ASP A N   1 
ATOM   80   C  CA  . ASP A 1 10  ? -7.533  15.443  19.462  1.00 40.98 ? 10  ASP A CA  1 
ATOM   81   C  C   . ASP A 1 10  ? -6.460  16.352  18.875  1.00 41.49 ? 10  ASP A C   1 
ATOM   82   O  O   . ASP A 1 10  ? -6.547  17.577  18.969  1.00 41.15 ? 10  ASP A O   1 
ATOM   83   C  CB  . ASP A 1 10  ? -7.032  14.854  20.788  1.00 41.10 ? 10  ASP A CB  1 
ATOM   84   C  CG  . ASP A 1 10  ? -8.078  13.998  21.487  1.00 41.56 ? 10  ASP A CG  1 
ATOM   85   O  OD1 . ASP A 1 10  ? -9.273  14.365  21.457  1.00 41.98 ? 10  ASP A OD1 1 
ATOM   86   O  OD2 . ASP A 1 10  ? -7.700  12.965  22.083  1.00 39.76 ? 10  ASP A OD2 1 
ATOM   87   N  N   . ALA A 1 11  ? -5.448  15.743  18.267  1.00 41.15 ? 11  ALA A N   1 
ATOM   88   C  CA  . ALA A 1 11  ? -4.357  16.494  17.665  1.00 41.30 ? 11  ALA A CA  1 
ATOM   89   C  C   . ALA A 1 11  ? -4.888  17.406  16.568  1.00 42.41 ? 11  ALA A C   1 
ATOM   90   O  O   . ALA A 1 11  ? -4.328  18.467  16.303  1.00 42.30 ? 11  ALA A O   1 
ATOM   91   C  CB  . ALA A 1 11  ? -3.322  15.542  17.099  1.00 43.38 ? 11  ALA A CB  1 
ATOM   92   N  N   . LEU A 1 12  ? -5.972  16.983  15.928  1.00 42.47 ? 12  LEU A N   1 
ATOM   93   C  CA  . LEU A 1 12  ? -6.578  17.776  14.867  1.00 44.76 ? 12  LEU A CA  1 
ATOM   94   C  C   . LEU A 1 12  ? -7.589  18.751  15.471  1.00 46.72 ? 12  LEU A C   1 
ATOM   95   O  O   . LEU A 1 12  ? -8.354  19.395  14.754  1.00 45.32 ? 12  LEU A O   1 
ATOM   96   C  CB  . LEU A 1 12  ? -7.261  16.856  13.851  1.00 42.49 ? 12  LEU A CB  1 
ATOM   97   C  CG  . LEU A 1 12  ? -6.329  15.858  13.155  1.00 41.36 ? 12  LEU A CG  1 
ATOM   98   C  CD1 . LEU A 1 12  ? -7.142  14.906  12.292  1.00 41.80 ? 12  LEU A CD1 1 
ATOM   99   C  CD2 . LEU A 1 12  ? -5.305  16.609  12.319  1.00 39.02 ? 12  LEU A CD2 1 
ATOM   100  N  N   . GLY A 1 13  ? -7.574  18.854  16.798  1.00 49.19 ? 13  GLY A N   1 
ATOM   101  C  CA  . GLY A 1 13  ? -8.480  19.747  17.495  1.00 52.67 ? 13  GLY A CA  1 
ATOM   102  C  C   . GLY A 1 13  ? -9.934  19.388  17.278  1.00 56.10 ? 13  GLY A C   1 
ATOM   103  O  O   . GLY A 1 13  ? -10.738 20.236  16.891  1.00 57.02 ? 13  GLY A O   1 
ATOM   104  N  N   . LEU A 1 14  ? -10.276 18.130  17.534  1.00 58.53 ? 14  LEU A N   1 
ATOM   105  C  CA  . LEU A 1 14  ? -11.641 17.654  17.354  1.00 61.53 ? 14  LEU A CA  1 
ATOM   106  C  C   . LEU A 1 14  ? -12.170 16.917  18.579  1.00 63.34 ? 14  LEU A C   1 
ATOM   107  O  O   . LEU A 1 14  ? -11.427 16.210  19.261  1.00 63.13 ? 14  LEU A O   1 
ATOM   108  C  CB  . LEU A 1 14  ? -11.706 16.740  16.131  1.00 62.86 ? 14  LEU A CB  1 
ATOM   109  C  CG  . LEU A 1 14  ? -12.988 15.939  15.896  1.00 63.74 ? 14  LEU A CG  1 
ATOM   110  C  CD1 . LEU A 1 14  ? -14.203 16.851  15.873  1.00 63.56 ? 14  LEU A CD1 1 
ATOM   111  C  CD2 . LEU A 1 14  ? -12.855 15.201  14.582  1.00 64.56 ? 14  LEU A CD2 1 
ATOM   112  N  N   . ASP A 1 15  ? -13.461 17.082  18.847  1.00 64.94 ? 15  ASP A N   1 
ATOM   113  C  CA  . ASP A 1 15  ? -14.096 16.442  19.994  1.00 66.91 ? 15  ASP A CA  1 
ATOM   114  C  C   . ASP A 1 15  ? -14.874 15.192  19.581  1.00 67.00 ? 15  ASP A C   1 
ATOM   115  O  O   . ASP A 1 15  ? -16.075 15.106  19.916  1.00 67.06 ? 15  ASP A O   1 
ATOM   116  C  CB  . ASP A 1 15  ? -15.037 17.432  20.687  1.00 67.43 ? 15  ASP A CB  1 
ATOM   117  C  CG  . ASP A 1 15  ? -14.372 18.767  20.969  1.00 68.95 ? 15  ASP A CG  1 
ATOM   118  O  OD1 . ASP A 1 15  ? -13.341 18.788  21.674  1.00 67.70 ? 15  ASP A OD1 1 
ATOM   119  O  OD2 . ASP A 1 15  ? -14.882 19.799  20.481  1.00 70.02 ? 15  ASP A OD2 1 
ATOM   120  N  N   . GLU A 1 20  ? -17.593 7.340   16.467  1.00 58.11 ? 20  GLU A N   1 
ATOM   121  C  CA  . GLU A 1 20  ? -18.645 7.895   15.568  1.00 58.76 ? 20  GLU A CA  1 
ATOM   122  C  C   . GLU A 1 20  ? -18.081 8.172   14.178  1.00 57.93 ? 20  GLU A C   1 
ATOM   123  O  O   . GLU A 1 20  ? -16.981 8.706   14.043  1.00 57.95 ? 20  GLU A O   1 
ATOM   124  C  CB  . GLU A 1 20  ? -19.206 9.197   16.148  1.00 59.21 ? 20  GLU A CB  1 
ATOM   125  C  CG  . GLU A 1 20  ? -18.167 10.296  16.321  1.00 60.68 ? 20  GLU A CG  1 
ATOM   126  C  CD  . GLU A 1 20  ? -18.783 11.632  16.691  1.00 63.07 ? 20  GLU A CD  1 
ATOM   127  O  OE1 . GLU A 1 20  ? -18.024 12.610  16.878  1.00 62.35 ? 20  GLU A OE1 1 
ATOM   128  O  OE2 . GLU A 1 20  ? -20.026 11.707  16.790  1.00 63.86 ? 20  GLU A OE2 1 
ATOM   129  N  N   . PRO A 1 21  ? -18.831 7.810   13.123  1.00 57.33 ? 21  PRO A N   1 
ATOM   130  C  CA  . PRO A 1 21  ? -18.356 8.048   11.757  1.00 56.55 ? 21  PRO A CA  1 
ATOM   131  C  C   . PRO A 1 21  ? -17.869 9.492   11.638  1.00 54.38 ? 21  PRO A C   1 
ATOM   132  O  O   . PRO A 1 21  ? -18.328 10.365  12.376  1.00 56.37 ? 21  PRO A O   1 
ATOM   133  C  CB  . PRO A 1 21  ? -19.595 7.768   10.913  1.00 58.67 ? 21  PRO A CB  1 
ATOM   134  C  CG  . PRO A 1 21  ? -20.267 6.673   11.690  1.00 59.02 ? 21  PRO A CG  1 
ATOM   135  C  CD  . PRO A 1 21  ? -20.166 7.186   13.112  1.00 57.63 ? 21  PRO A CD  1 
ATOM   136  N  N   . LEU A 1 22  ? -16.953 9.750   10.713  1.00 48.48 ? 22  LEU A N   1 
ATOM   137  C  CA  . LEU A 1 22  ? -16.426 11.099  10.582  1.00 42.13 ? 22  LEU A CA  1 
ATOM   138  C  C   . LEU A 1 22  ? -15.692 11.334  9.265   1.00 36.70 ? 22  LEU A C   1 
ATOM   139  O  O   . LEU A 1 22  ? -14.920 10.489  8.810   1.00 35.57 ? 22  LEU A O   1 
ATOM   140  C  CB  . LEU A 1 22  ? -15.493 11.366  11.764  1.00 39.42 ? 22  LEU A CB  1 
ATOM   141  C  CG  . LEU A 1 22  ? -14.831 12.722  11.978  1.00 40.89 ? 22  LEU A CG  1 
ATOM   142  C  CD1 . LEU A 1 22  ? -14.208 12.710  13.357  1.00 43.50 ? 22  LEU A CD1 1 
ATOM   143  C  CD2 . LEU A 1 22  ? -13.780 13.001  10.918  1.00 40.82 ? 22  LEU A CD2 1 
ATOM   144  N  N   . LEU A 1 23  ? -15.930 12.491  8.659   1.00 29.37 ? 23  LEU A N   1 
ATOM   145  C  CA  . LEU A 1 23  ? -15.277 12.827  7.404   1.00 26.34 ? 23  LEU A CA  1 
ATOM   146  C  C   . LEU A 1 23  ? -14.510 14.131  7.549   1.00 25.81 ? 23  LEU A C   1 
ATOM   147  O  O   . LEU A 1 23  ? -15.054 15.135  8.010   1.00 28.22 ? 23  LEU A O   1 
ATOM   148  C  CB  . LEU A 1 23  ? -16.309 12.960  6.286   1.00 25.23 ? 23  LEU A CB  1 
ATOM   149  C  CG  . LEU A 1 23  ? -15.738 13.229  4.891   1.00 29.78 ? 23  LEU A CG  1 
ATOM   150  C  CD1 . LEU A 1 23  ? -14.814 12.084  4.484   1.00 23.89 ? 23  LEU A CD1 1 
ATOM   151  C  CD2 . LEU A 1 23  ? -16.874 13.377  3.894   1.00 30.77 ? 23  LEU A CD2 1 
ATOM   152  N  N   . ILE A 1 24  ? -13.241 14.115  7.162   1.00 23.88 ? 24  ILE A N   1 
ATOM   153  C  CA  . ILE A 1 24  ? -12.427 15.312  7.249   1.00 23.61 ? 24  ILE A CA  1 
ATOM   154  C  C   . ILE A 1 24  ? -12.227 15.931  5.879   1.00 26.05 ? 24  ILE A C   1 
ATOM   155  O  O   . ILE A 1 24  ? -12.055 15.229  4.880   1.00 22.15 ? 24  ILE A O   1 
ATOM   156  C  CB  . ILE A 1 24  ? -11.036 15.023  7.837   1.00 24.01 ? 24  ILE A CB  1 
ATOM   157  C  CG1 . ILE A 1 24  ? -11.164 14.464  9.255   1.00 29.07 ? 24  ILE A CG1 1 
ATOM   158  C  CG2 . ILE A 1 24  ? -10.206 16.301  7.840   1.00 28.56 ? 24  ILE A CG2 1 
ATOM   159  C  CD1 . ILE A 1 24  ? -9.832  14.137  9.900   1.00 32.92 ? 24  ILE A CD1 1 
ATOM   160  N  N   . ILE A 1 25  ? -12.268 17.256  5.836   1.00 25.21 ? 25  ILE A N   1 
ATOM   161  C  CA  . ILE A 1 25  ? -12.047 17.969  4.593   1.00 31.51 ? 25  ILE A CA  1 
ATOM   162  C  C   . ILE A 1 25  ? -10.874 18.888  4.865   1.00 34.29 ? 25  ILE A C   1 
ATOM   163  O  O   . ILE A 1 25  ? -10.990 19.864  5.608   1.00 36.22 ? 25  ILE A O   1 
ATOM   164  C  CB  . ILE A 1 25  ? -13.276 18.791  4.173   1.00 33.84 ? 25  ILE A CB  1 
ATOM   165  C  CG1 . ILE A 1 25  ? -14.490 17.870  4.021   1.00 34.26 ? 25  ILE A CG1 1 
ATOM   166  C  CG2 . ILE A 1 25  ? -12.992 19.498  2.851   1.00 35.40 ? 25  ILE A CG2 1 
ATOM   167  C  CD1 . ILE A 1 25  ? -15.774 18.597  3.673   1.00 35.37 ? 25  ILE A CD1 1 
ATOM   168  N  N   . ASP A 1 26  ? -9.737  18.540  4.277   1.00 35.59 ? 26  ASP A N   1 
ATOM   169  C  CA  . ASP A 1 26  ? -8.501  19.287  4.441   1.00 39.06 ? 26  ASP A CA  1 
ATOM   170  C  C   . ASP A 1 26  ? -8.030  19.750  3.067   1.00 40.79 ? 26  ASP A C   1 
ATOM   171  O  O   . ASP A 1 26  ? -7.530  18.948  2.276   1.00 39.10 ? 26  ASP A O   1 
ATOM   172  C  CB  . ASP A 1 26  ? -7.442  18.380  5.072   1.00 41.03 ? 26  ASP A CB  1 
ATOM   173  C  CG  . ASP A 1 26  ? -6.188  19.128  5.460   1.00 44.16 ? 26  ASP A CG  1 
ATOM   174  O  OD1 . ASP A 1 26  ? -5.732  19.977  4.670   1.00 48.30 ? 26  ASP A OD1 1 
ATOM   175  O  OD2 . ASP A 1 26  ? -5.650  18.860  6.555   1.00 46.58 ? 26  ASP A OD2 1 
ATOM   176  N  N   . ASP A 1 27  ? -8.201  21.037  2.786   1.00 42.19 ? 27  ASP A N   1 
ATOM   177  C  CA  . ASP A 1 27  ? -7.798  21.611  1.503   1.00 44.98 ? 27  ASP A CA  1 
ATOM   178  C  C   . ASP A 1 27  ? -8.530  20.963  0.334   1.00 44.04 ? 27  ASP A C   1 
ATOM   179  O  O   . ASP A 1 27  ? -7.914  20.610  -0.672  1.00 43.37 ? 27  ASP A O   1 
ATOM   180  C  CB  . ASP A 1 27  ? -6.290  21.456  1.292   1.00 47.94 ? 27  ASP A CB  1 
ATOM   181  C  CG  . ASP A 1 27  ? -5.475  22.167  2.354   1.00 54.00 ? 27  ASP A CG  1 
ATOM   182  O  OD1 . ASP A 1 27  ? -5.718  23.372  2.588   1.00 55.46 ? 27  ASP A OD1 1 
ATOM   183  O  OD2 . ASP A 1 27  ? -4.588  21.518  2.949   1.00 54.95 ? 27  ASP A OD2 1 
ATOM   184  N  N   . GLY A 1 28  ? -9.842  20.807  0.467   1.00 42.29 ? 28  GLY A N   1 
ATOM   185  C  CA  . GLY A 1 28  ? -10.617 20.203  -0.600  1.00 39.31 ? 28  GLY A CA  1 
ATOM   186  C  C   . GLY A 1 28  ? -10.410 18.703  -0.712  1.00 36.69 ? 28  GLY A C   1 
ATOM   187  O  O   . GLY A 1 28  ? -11.039 18.049  -1.545  1.00 36.93 ? 28  GLY A O   1 
ATOM   188  N  N   . ILE A 1 29  ? -9.526  18.158  0.119   1.00 33.14 ? 29  ILE A N   1 
ATOM   189  C  CA  . ILE A 1 29  ? -9.257  16.724  0.113   1.00 27.63 ? 29  ILE A CA  1 
ATOM   190  C  C   . ILE A 1 29  ? -10.095 16.032  1.184   1.00 27.04 ? 29  ILE A C   1 
ATOM   191  O  O   . ILE A 1 29  ? -10.107 16.443  2.346   1.00 25.07 ? 29  ILE A O   1 
ATOM   192  C  CB  . ILE A 1 29  ? -7.768  16.427  0.383   1.00 27.70 ? 29  ILE A CB  1 
ATOM   193  C  CG1 . ILE A 1 29  ? -6.915  16.994  -0.753  1.00 30.88 ? 29  ILE A CG1 1 
ATOM   194  C  CG2 . ILE A 1 29  ? -7.538  14.923  0.499   1.00 25.04 ? 29  ILE A CG2 1 
ATOM   195  C  CD1 . ILE A 1 29  ? -5.436  16.812  -0.543  1.00 34.70 ? 29  ILE A CD1 1 
ATOM   196  N  N   . GLN A 1 30  ? -10.800 14.982  0.778   1.00 22.81 ? 30  GLN A N   1 
ATOM   197  C  CA  . GLN A 1 30  ? -11.642 14.220  1.692   1.00 22.94 ? 30  GLN A CA  1 
ATOM   198  C  C   . GLN A 1 30  ? -10.829 13.119  2.355   1.00 23.64 ? 30  GLN A C   1 
ATOM   199  O  O   . GLN A 1 30  ? -10.065 12.414  1.693   1.00 20.79 ? 30  GLN A O   1 
ATOM   200  C  CB  . GLN A 1 30  ? -12.800 13.561  0.942   1.00 23.80 ? 30  GLN A CB  1 
ATOM   201  C  CG  . GLN A 1 30  ? -13.753 14.502  0.250   1.00 21.97 ? 30  GLN A CG  1 
ATOM   202  C  CD  . GLN A 1 30  ? -14.776 13.743  -0.575  1.00 30.11 ? 30  GLN A CD  1 
ATOM   203  O  OE1 . GLN A 1 30  ? -15.475 12.866  -0.062  1.00 26.27 ? 30  GLN A OE1 1 
ATOM   204  N  NE2 . GLN A 1 30  ? -14.863 14.071  -1.857  1.00 29.94 ? 30  GLN A NE2 1 
ATOM   205  N  N   . VAL A 1 31  ? -11.000 12.966  3.662   1.00 21.42 ? 31  VAL A N   1 
ATOM   206  C  CA  . VAL A 1 31  ? -10.286 11.926  4.378   1.00 20.65 ? 31  VAL A CA  1 
ATOM   207  C  C   . VAL A 1 31  ? -11.173 11.297  5.438   1.00 19.33 ? 31  VAL A C   1 
ATOM   208  O  O   . VAL A 1 31  ? -11.765 12.002  6.256   1.00 21.37 ? 31  VAL A O   1 
ATOM   209  C  CB  . VAL A 1 31  ? -9.025  12.465  5.088   1.00 21.41 ? 31  VAL A CB  1 
ATOM   210  C  CG1 . VAL A 1 31  ? -8.247  11.305  5.703   1.00 25.08 ? 31  VAL A CG1 1 
ATOM   211  C  CG2 . VAL A 1 31  ? -8.153  13.231  4.112   1.00 27.12 ? 31  VAL A CG2 1 
ATOM   212  N  N   . TYR A 1 32  ? -11.278 9.973   5.404   1.00 19.99 ? 32  TYR A N   1 
ATOM   213  C  CA  . TYR A 1 32  ? -12.040 9.235   6.398   1.00 19.75 ? 32  TYR A CA  1 
ATOM   214  C  C   . TYR A 1 32  ? -11.158 8.074   6.824   1.00 19.17 ? 32  TYR A C   1 
ATOM   215  O  O   . TYR A 1 32  ? -10.170 7.763   6.156   1.00 18.02 ? 32  TYR A O   1 
ATOM   216  C  CB  . TYR A 1 32  ? -13.385 8.739   5.850   1.00 21.40 ? 32  TYR A CB  1 
ATOM   217  C  CG  . TYR A 1 32  ? -13.312 7.702   4.752   1.00 21.18 ? 32  TYR A CG  1 
ATOM   218  C  CD1 . TYR A 1 32  ? -13.464 8.064   3.412   1.00 20.47 ? 32  TYR A CD1 1 
ATOM   219  C  CD2 . TYR A 1 32  ? -13.131 6.354   5.055   1.00 20.88 ? 32  TYR A CD2 1 
ATOM   220  C  CE1 . TYR A 1 32  ? -13.445 7.106   2.405   1.00 21.89 ? 32  TYR A CE1 1 
ATOM   221  C  CE2 . TYR A 1 32  ? -13.109 5.389   4.056   1.00 22.01 ? 32  TYR A CE2 1 
ATOM   222  C  CZ  . TYR A 1 32  ? -13.266 5.769   2.737   1.00 21.17 ? 32  TYR A CZ  1 
ATOM   223  O  OH  . TYR A 1 32  ? -13.238 4.810   1.756   1.00 22.22 ? 32  TYR A OH  1 
ATOM   224  N  N   . PHE A 1 33  ? -11.501 7.435   7.934   1.00 20.69 ? 33  PHE A N   1 
ATOM   225  C  CA  . PHE A 1 33  ? -10.681 6.351   8.449   1.00 19.91 ? 33  PHE A CA  1 
ATOM   226  C  C   . PHE A 1 33  ? -11.373 5.006   8.543   1.00 20.18 ? 33  PHE A C   1 
ATOM   227  O  O   . PHE A 1 33  ? -12.561 4.916   8.830   1.00 17.02 ? 33  PHE A O   1 
ATOM   228  C  CB  . PHE A 1 33  ? -10.162 6.725   9.834   1.00 22.44 ? 33  PHE A CB  1 
ATOM   229  C  CG  . PHE A 1 33  ? -9.425  8.026   9.864   1.00 26.25 ? 33  PHE A CG  1 
ATOM   230  C  CD1 . PHE A 1 33  ? -8.092  8.094   9.480   1.00 24.95 ? 33  PHE A CD1 1 
ATOM   231  C  CD2 . PHE A 1 33  ? -10.076 9.196   10.239  1.00 29.10 ? 33  PHE A CD2 1 
ATOM   232  C  CE1 . PHE A 1 33  ? -7.415  9.315   9.468   1.00 27.42 ? 33  PHE A CE1 1 
ATOM   233  C  CE2 . PHE A 1 33  ? -9.409  10.417  10.229  1.00 27.89 ? 33  PHE A CE2 1 
ATOM   234  C  CZ  . PHE A 1 33  ? -8.076  10.474  9.842   1.00 26.23 ? 33  PHE A CZ  1 
ATOM   235  N  N   . ASN A 1 34  ? -10.605 3.959   8.287   1.00 17.93 ? 34  ASN A N   1 
ATOM   236  C  CA  . ASN A 1 34  ? -11.118 2.609   8.392   1.00 20.30 ? 34  ASN A CA  1 
ATOM   237  C  C   . ASN A 1 34  ? -10.229 1.988   9.452   1.00 20.56 ? 34  ASN A C   1 
ATOM   238  O  O   . ASN A 1 34  ? -9.087  2.414   9.627   1.00 21.11 ? 34  ASN A O   1 
ATOM   239  C  CB  . ASN A 1 34  ? -10.971 1.860   7.065   1.00 17.04 ? 34  ASN A CB  1 
ATOM   240  C  CG  . ASN A 1 34  ? -11.683 0.509   7.070   1.00 20.16 ? 34  ASN A CG  1 
ATOM   241  O  OD1 . ASN A 1 34  ? -12.469 0.208   7.970   1.00 20.11 ? 34  ASN A OD1 1 
ATOM   242  N  ND2 . ASN A 1 34  ? -11.417 -0.303  6.055   1.00 20.51 ? 34  ASN A ND2 1 
ATOM   243  N  N   . GLU A 1 35  ? -10.745 1.005   10.175  1.00 20.75 ? 35  GLU A N   1 
ATOM   244  C  CA  . GLU A 1 35  ? -9.938  0.367   11.200  1.00 23.37 ? 35  GLU A CA  1 
ATOM   245  C  C   . GLU A 1 35  ? -10.079 -1.139  11.201  1.00 23.14 ? 35  GLU A C   1 
ATOM   246  O  O   . GLU A 1 35  ? -11.132 -1.681  10.872  1.00 20.02 ? 35  GLU A O   1 
ATOM   247  C  CB  . GLU A 1 35  ? -10.313 0.872   12.599  1.00 26.43 ? 35  GLU A CB  1 
ATOM   248  C  CG  . GLU A 1 35  ? -10.123 2.358   12.830  1.00 31.20 ? 35  GLU A CG  1 
ATOM   249  C  CD  . GLU A 1 35  ? -10.286 2.735   14.293  1.00 33.07 ? 35  GLU A CD  1 
ATOM   250  O  OE1 . GLU A 1 35  ? -9.406  2.370   15.102  1.00 33.78 ? 35  GLU A OE1 1 
ATOM   251  O  OE2 . GLU A 1 35  ? -11.293 3.388   14.638  1.00 36.40 ? 35  GLU A OE2 1 
ATOM   252  N  N   . SER A 1 36  ? -8.990  -1.799  11.572  1.00 24.23 ? 36  SER A N   1 
ATOM   253  C  CA  . SER A 1 36  ? -8.953  -3.244  11.707  1.00 27.58 ? 36  SER A CA  1 
ATOM   254  C  C   . SER A 1 36  ? -8.270  -3.426  13.057  1.00 28.46 ? 36  SER A C   1 
ATOM   255  O  O   . SER A 1 36  ? -7.837  -2.450  13.670  1.00 26.22 ? 36  SER A O   1 
ATOM   256  C  CB  . SER A 1 36  ? -8.137  -3.893  10.578  1.00 32.13 ? 36  SER A CB  1 
ATOM   257  O  OG  . SER A 1 36  ? -6.798  -3.430  10.556  1.00 39.40 ? 36  SER A OG  1 
ATOM   258  N  N   . ASP A 1 37  ? -8.184  -4.663  13.527  1.00 34.19 ? 37  ASP A N   1 
ATOM   259  C  CA  . ASP A 1 37  ? -7.560  -4.953  14.812  1.00 35.27 ? 37  ASP A CA  1 
ATOM   260  C  C   . ASP A 1 37  ? -6.173  -4.329  15.004  1.00 34.67 ? 37  ASP A C   1 
ATOM   261  O  O   . ASP A 1 37  ? -5.910  -3.676  16.015  1.00 33.22 ? 37  ASP A O   1 
ATOM   262  C  CB  . ASP A 1 37  ? -7.473  -6.473  14.997  1.00 41.22 ? 37  ASP A CB  1 
ATOM   263  C  CG  . ASP A 1 37  ? -6.936  -7.183  13.761  1.00 45.24 ? 37  ASP A CG  1 
ATOM   264  O  OD1 . ASP A 1 37  ? -7.047  -8.427  13.686  1.00 50.55 ? 37  ASP A OD1 1 
ATOM   265  O  OD2 . ASP A 1 37  ? -6.401  -6.498  12.864  1.00 50.75 ? 37  ASP A OD2 1 
ATOM   266  N  N   . HIS A 1 38  ? -5.291  -4.507  14.029  1.00 30.14 ? 38  HIS A N   1 
ATOM   267  C  CA  . HIS A 1 38  ? -3.934  -3.991  14.152  1.00 29.19 ? 38  HIS A CA  1 
ATOM   268  C  C   . HIS A 1 38  ? -3.610  -2.774  13.293  1.00 28.64 ? 38  HIS A C   1 
ATOM   269  O  O   . HIS A 1 38  ? -2.506  -2.238  13.383  1.00 27.50 ? 38  HIS A O   1 
ATOM   270  C  CB  . HIS A 1 38  ? -2.935  -5.096  13.799  1.00 31.31 ? 38  HIS A CB  1 
ATOM   271  C  CG  . HIS A 1 38  ? -3.207  -6.401  14.479  1.00 37.95 ? 38  HIS A CG  1 
ATOM   272  N  ND1 . HIS A 1 38  ? -3.177  -6.548  15.850  1.00 38.07 ? 38  HIS A ND1 1 
ATOM   273  C  CD2 . HIS A 1 38  ? -3.527  -7.618  13.977  1.00 38.09 ? 38  HIS A CD2 1 
ATOM   274  C  CE1 . HIS A 1 38  ? -3.467  -7.799  16.162  1.00 41.80 ? 38  HIS A CE1 1 
ATOM   275  N  NE2 . HIS A 1 38  ? -3.684  -8.469  15.043  1.00 40.24 ? 38  HIS A NE2 1 
ATOM   276  N  N   . THR A 1 39  ? -4.553  -2.317  12.478  1.00 25.44 ? 39  THR A N   1 
ATOM   277  C  CA  . THR A 1 39  ? -4.237  -1.202  11.595  1.00 24.74 ? 39  THR A CA  1 
ATOM   278  C  C   . THR A 1 39  ? -5.251  -0.078  11.448  1.00 26.16 ? 39  THR A C   1 
ATOM   279  O  O   . THR A 1 39  ? -6.465  -0.301  11.406  1.00 24.71 ? 39  THR A O   1 
ATOM   280  C  CB  . THR A 1 39  ? -3.915  -1.735  10.175  1.00 23.43 ? 39  THR A CB  1 
ATOM   281  O  OG1 . THR A 1 39  ? -2.972  -2.809  10.271  1.00 24.99 ? 39  THR A OG1 1 
ATOM   282  C  CG2 . THR A 1 39  ? -3.321  -0.635  9.300   1.00 23.44 ? 39  THR A CG2 1 
ATOM   283  N  N   . LEU A 1 40  ? -4.726  1.142   11.375  1.00 24.62 ? 40  LEU A N   1 
ATOM   284  C  CA  . LEU A 1 40  ? -5.541  2.324   11.158  1.00 23.63 ? 40  LEU A CA  1 
ATOM   285  C  C   . LEU A 1 40  ? -5.271  2.688   9.701   1.00 24.11 ? 40  LEU A C   1 
ATOM   286  O  O   . LEU A 1 40  ? -4.114  2.821   9.286   1.00 24.95 ? 40  LEU A O   1 
ATOM   287  C  CB  . LEU A 1 40  ? -5.111  3.477   12.067  1.00 26.69 ? 40  LEU A CB  1 
ATOM   288  C  CG  . LEU A 1 40  ? -5.846  4.794   11.795  1.00 27.49 ? 40  LEU A CG  1 
ATOM   289  C  CD1 . LEU A 1 40  ? -7.349  4.594   11.972  1.00 29.18 ? 40  LEU A CD1 1 
ATOM   290  C  CD2 . LEU A 1 40  ? -5.338  5.872   12.735  1.00 28.98 ? 40  LEU A CD2 1 
ATOM   291  N  N   . GLU A 1 41  ? -6.337  2.830   8.927   1.00 20.43 ? 41  GLU A N   1 
ATOM   292  C  CA  . GLU A 1 41  ? -6.211  3.149   7.514   1.00 23.54 ? 41  GLU A CA  1 
ATOM   293  C  C   . GLU A 1 41  ? -6.803  4.502   7.174   1.00 21.63 ? 41  GLU A C   1 
ATOM   294  O  O   . GLU A 1 41  ? -7.996  4.741   7.368   1.00 23.74 ? 41  GLU A O   1 
ATOM   295  C  CB  . GLU A 1 41  ? -6.898  2.069   6.669   1.00 26.23 ? 41  GLU A CB  1 
ATOM   296  C  CG  . GLU A 1 41  ? -6.281  0.689   6.815   1.00 37.32 ? 41  GLU A CG  1 
ATOM   297  C  CD  . GLU A 1 41  ? -7.303  -0.378  7.160   1.00 45.32 ? 41  GLU A CD  1 
ATOM   298  O  OE1 . GLU A 1 41  ? -7.932  -0.276  8.236   1.00 44.36 ? 41  GLU A OE1 1 
ATOM   299  O  OE2 . GLU A 1 41  ? -7.477  -1.322  6.358   1.00 48.77 ? 41  GLU A OE2 1 
HETATM 300  N  N   . MSE A 1 42  ? -5.960  5.387   6.660   1.00 19.01 ? 42  MSE A N   1 
HETATM 301  C  CA  . MSE A 1 42  ? -6.400  6.709   6.258   1.00 21.23 ? 42  MSE A CA  1 
HETATM 302  C  C   . MSE A 1 42  ? -6.818  6.568   4.808   1.00 17.65 ? 42  MSE A C   1 
HETATM 303  O  O   . MSE A 1 42  ? -6.059  6.060   3.992   1.00 17.13 ? 42  MSE A O   1 
HETATM 304  C  CB  . MSE A 1 42  ? -5.257  7.703   6.400   1.00 19.41 ? 42  MSE A CB  1 
HETATM 305  C  CG  . MSE A 1 42  ? -4.814  7.868   7.834   1.00 29.37 ? 42  MSE A CG  1 
HETATM 306  SE SE  . MSE A 1 42  ? -3.427  9.181   8.015   1.00 35.79 ? 42  MSE A SE  1 
HETATM 307  C  CE  . MSE A 1 42  ? -2.334  8.240   9.303   1.00 37.39 ? 42  MSE A CE  1 
ATOM   308  N  N   . CYS A 1 43  ? -8.024  7.022   4.497   1.00 18.13 ? 43  CYS A N   1 
ATOM   309  C  CA  . CYS A 1 43  ? -8.565  6.887   3.151   1.00 19.80 ? 43  CYS A CA  1 
ATOM   310  C  C   . CYS A 1 43  ? -9.016  8.188   2.512   1.00 17.29 ? 43  CYS A C   1 
ATOM   311  O  O   . CYS A 1 43  ? -9.730  8.977   3.126   1.00 18.48 ? 43  CYS A O   1 
ATOM   312  C  CB  . CYS A 1 43  ? -9.764  5.940   3.180   1.00 17.63 ? 43  CYS A CB  1 
ATOM   313  S  SG  . CYS A 1 43  ? -9.449  4.362   3.983   1.00 21.38 ? 43  CYS A SG  1 
ATOM   314  N  N   . CYS A 1 44  ? -8.612  8.393   1.266   1.00 16.77 ? 44  CYS A N   1 
ATOM   315  C  CA  . CYS A 1 44  ? -9.031  9.570   0.529   1.00 17.10 ? 44  CYS A CA  1 
ATOM   316  C  C   . CYS A 1 44  ? -9.688  9.173   -0.783  1.00 17.74 ? 44  CYS A C   1 
ATOM   317  O  O   . CYS A 1 44  ? -9.009  8.753   -1.720  1.00 18.12 ? 44  CYS A O   1 
ATOM   318  C  CB  . CYS A 1 44  ? -7.858  10.493  0.204   1.00 17.34 ? 44  CYS A CB  1 
ATOM   319  S  SG  . CYS A 1 44  ? -8.391  11.909  -0.835  1.00 29.23 ? 44  CYS A SG  1 
ATOM   320  N  N   . PRO A 1 45  ? -11.024 9.270   -0.860  1.00 20.07 ? 45  PRO A N   1 
ATOM   321  C  CA  . PRO A 1 45  ? -11.687 8.912   -2.115  1.00 19.04 ? 45  PRO A CA  1 
ATOM   322  C  C   . PRO A 1 45  ? -11.414 10.107  -3.026  1.00 20.54 ? 45  PRO A C   1 
ATOM   323  O  O   . PRO A 1 45  ? -11.949 11.191  -2.806  1.00 23.33 ? 45  PRO A O   1 
ATOM   324  C  CB  . PRO A 1 45  ? -13.154 8.788   -1.709  1.00 17.72 ? 45  PRO A CB  1 
ATOM   325  C  CG  . PRO A 1 45  ? -13.290 9.817   -0.620  1.00 23.71 ? 45  PRO A CG  1 
ATOM   326  C  CD  . PRO A 1 45  ? -11.997 9.691   0.168   1.00 18.96 ? 45  PRO A CD  1 
ATOM   327  N  N   . PHE A 1 46  ? -10.575 9.919   -4.037  1.00 17.45 ? 46  PHE A N   1 
ATOM   328  C  CA  . PHE A 1 46  ? -10.223 11.033  -4.902  1.00 19.05 ? 46  PHE A CA  1 
ATOM   329  C  C   . PHE A 1 46  ? -10.918 11.134  -6.251  1.00 18.76 ? 46  PHE A C   1 
ATOM   330  O  O   . PHE A 1 46  ? -10.777 12.141  -6.936  1.00 21.34 ? 46  PHE A O   1 
ATOM   331  C  CB  . PHE A 1 46  ? -8.699  11.093  -5.070  1.00 17.05 ? 46  PHE A CB  1 
ATOM   332  C  CG  . PHE A 1 46  ? -8.101  9.917   -5.796  1.00 19.65 ? 46  PHE A CG  1 
ATOM   333  C  CD1 . PHE A 1 46  ? -7.772  10.013  -7.149  1.00 18.28 ? 46  PHE A CD1 1 
ATOM   334  C  CD2 . PHE A 1 46  ? -7.812  8.740   -5.121  1.00 18.10 ? 46  PHE A CD2 1 
ATOM   335  C  CE1 . PHE A 1 46  ? -7.154  8.955   -7.808  1.00 17.80 ? 46  PHE A CE1 1 
ATOM   336  C  CE2 . PHE A 1 46  ? -7.196  7.677   -5.773  1.00 18.94 ? 46  PHE A CE2 1 
ATOM   337  C  CZ  . PHE A 1 46  ? -6.866  7.787   -7.119  1.00 20.31 ? 46  PHE A CZ  1 
HETATM 338  N  N   . MSE A 1 47  ? -11.668 10.108  -6.632  1.00 17.95 ? 47  MSE A N   1 
HETATM 339  C  CA  . MSE A 1 47  ? -12.400 10.148  -7.896  1.00 19.49 ? 47  MSE A CA  1 
HETATM 340  C  C   . MSE A 1 47  ? -13.323 8.947   -7.990  1.00 18.24 ? 47  MSE A C   1 
HETATM 341  O  O   . MSE A 1 47  ? -13.112 7.952   -7.306  1.00 18.77 ? 47  MSE A O   1 
HETATM 342  C  CB  . MSE A 1 47  ? -11.435 10.174  -9.092  1.00 17.29 ? 47  MSE A CB  1 
HETATM 343  C  CG  . MSE A 1 47  ? -10.622 8.908   -9.313  1.00 22.92 ? 47  MSE A CG  1 
HETATM 344  SE SE  . MSE A 1 47  ? -9.536  9.007   -10.932 1.00 33.02 ? 47  MSE A SE  1 
HETATM 345  C  CE  . MSE A 1 47  ? -10.854 8.472   -12.227 1.00 24.62 ? 47  MSE A CE  1 
ATOM   346  N  N   . PRO A 1 48  ? -14.376 9.030   -8.823  1.00 17.95 ? 48  PRO A N   1 
ATOM   347  C  CA  . PRO A 1 48  ? -15.263 7.867   -8.915  1.00 19.04 ? 48  PRO A CA  1 
ATOM   348  C  C   . PRO A 1 48  ? -14.482 6.696   -9.491  1.00 15.95 ? 48  PRO A C   1 
ATOM   349  O  O   . PRO A 1 48  ? -13.544 6.892   -10.263 1.00 16.16 ? 48  PRO A O   1 
ATOM   350  C  CB  . PRO A 1 48  ? -16.374 8.346   -9.854  1.00 18.80 ? 48  PRO A CB  1 
ATOM   351  C  CG  . PRO A 1 48  ? -16.397 9.830   -9.631  1.00 21.79 ? 48  PRO A CG  1 
ATOM   352  C  CD  . PRO A 1 48  ? -14.919 10.163  -9.593  1.00 16.86 ? 48  PRO A CD  1 
ATOM   353  N  N   . LEU A 1 49  ? -14.865 5.482   -9.117  1.00 16.58 ? 49  LEU A N   1 
ATOM   354  C  CA  . LEU A 1 49  ? -14.178 4.294   -9.603  1.00 15.42 ? 49  LEU A CA  1 
ATOM   355  C  C   . LEU A 1 49  ? -14.379 4.136   -11.104 1.00 18.31 ? 49  LEU A C   1 
ATOM   356  O  O   . LEU A 1 49  ? -15.501 3.988   -11.569 1.00 17.89 ? 49  LEU A O   1 
ATOM   357  C  CB  . LEU A 1 49  ? -14.703 3.037   -8.893  1.00 14.69 ? 49  LEU A CB  1 
ATOM   358  C  CG  . LEU A 1 49  ? -13.995 1.738   -9.296  1.00 15.62 ? 49  LEU A CG  1 
ATOM   359  C  CD1 . LEU A 1 49  ? -12.555 1.776   -8.804  1.00 15.71 ? 49  LEU A CD1 1 
ATOM   360  C  CD2 . LEU A 1 49  ? -14.714 0.527   -8.711  1.00 16.63 ? 49  LEU A CD2 1 
ATOM   361  N  N   . PRO A 1 50  ? -13.287 4.160   -11.881 1.00 18.70 ? 50  PRO A N   1 
ATOM   362  C  CA  . PRO A 1 50  ? -13.439 4.005   -13.331 1.00 20.12 ? 50  PRO A CA  1 
ATOM   363  C  C   . PRO A 1 50  ? -13.996 2.623   -13.690 1.00 21.01 ? 50  PRO A C   1 
ATOM   364  O  O   . PRO A 1 50  ? -13.788 1.654   -12.962 1.00 19.87 ? 50  PRO A O   1 
ATOM   365  C  CB  . PRO A 1 50  ? -12.020 4.227   -13.856 1.00 19.94 ? 50  PRO A CB  1 
ATOM   366  C  CG  . PRO A 1 50  ? -11.157 3.795   -12.723 1.00 27.43 ? 50  PRO A CG  1 
ATOM   367  C  CD  . PRO A 1 50  ? -11.874 4.328   -11.505 1.00 17.78 ? 50  PRO A CD  1 
ATOM   368  N  N   . ASP A 1 51  ? -14.709 2.537   -14.807 1.00 20.17 ? 51  ASP A N   1 
ATOM   369  C  CA  . ASP A 1 51  ? -15.289 1.263   -15.234 1.00 23.54 ? 51  ASP A CA  1 
ATOM   370  C  C   . ASP A 1 51  ? -14.769 0.822   -16.600 1.00 21.90 ? 51  ASP A C   1 
ATOM   371  O  O   . ASP A 1 51  ? -15.379 -0.010  -17.265 1.00 23.53 ? 51  ASP A O   1 
ATOM   372  C  CB  . ASP A 1 51  ? -16.816 1.371   -15.270 1.00 27.09 ? 51  ASP A CB  1 
ATOM   373  C  CG  . ASP A 1 51  ? -17.316 2.196   -16.438 1.00 36.87 ? 51  ASP A CG  1 
ATOM   374  O  OD1 . ASP A 1 51  ? -16.726 3.264   -16.720 1.00 36.82 ? 51  ASP A OD1 1 
ATOM   375  O  OD2 . ASP A 1 51  ? -18.311 1.777   -17.072 1.00 39.65 ? 51  ASP A OD2 1 
ATOM   376  N  N   . ASP A 1 52  ? -13.643 1.388   -17.018 1.00 17.70 ? 52  ASP A N   1 
ATOM   377  C  CA  . ASP A 1 52  ? -13.055 1.041   -18.304 1.00 17.75 ? 52  ASP A CA  1 
ATOM   378  C  C   . ASP A 1 52  ? -11.723 0.350   -18.074 1.00 16.28 ? 52  ASP A C   1 
ATOM   379  O  O   . ASP A 1 52  ? -10.990 0.661   -17.129 1.00 17.07 ? 52  ASP A O   1 
ATOM   380  C  CB  . ASP A 1 52  ? -12.858 2.292   -19.166 1.00 15.55 ? 52  ASP A CB  1 
ATOM   381  C  CG  . ASP A 1 52  ? -11.860 3.258   -18.568 1.00 17.57 ? 52  ASP A CG  1 
ATOM   382  O  OD1 . ASP A 1 52  ? -12.132 3.786   -17.473 1.00 22.38 ? 52  ASP A OD1 1 
ATOM   383  O  OD2 . ASP A 1 52  ? -10.801 3.483   -19.187 1.00 16.36 ? 52  ASP A OD2 1 
ATOM   384  N  N   . ILE A 1 53  ? -11.411 -0.583  -18.961 1.00 16.63 ? 53  ILE A N   1 
ATOM   385  C  CA  . ILE A 1 53  ? -10.190 -1.373  -18.886 1.00 13.77 ? 53  ILE A CA  1 
ATOM   386  C  C   . ILE A 1 53  ? -8.890  -0.598  -18.782 1.00 16.59 ? 53  ILE A C   1 
ATOM   387  O  O   . ILE A 1 53  ? -8.079  -0.868  -17.908 1.00 13.77 ? 53  ILE A O   1 
ATOM   388  C  CB  . ILE A 1 53  ? -10.075 -2.301  -20.113 1.00 16.60 ? 53  ILE A CB  1 
ATOM   389  C  CG1 . ILE A 1 53  ? -11.244 -3.289  -20.125 1.00 17.23 ? 53  ILE A CG1 1 
ATOM   390  C  CG2 . ILE A 1 53  ? -8.732  -3.031  -20.108 1.00 16.12 ? 53  ILE A CG2 1 
ATOM   391  C  CD1 . ILE A 1 53  ? -11.364 -4.071  -21.431 1.00 21.08 ? 53  ILE A CD1 1 
ATOM   392  N  N   . LEU A 1 54  ? -8.687  0.366   -19.673 1.00 13.37 ? 54  LEU A N   1 
ATOM   393  C  CA  . LEU A 1 54  ? -7.433  1.093   -19.679 1.00 15.90 ? 54  LEU A CA  1 
ATOM   394  C  C   . LEU A 1 54  ? -7.149  1.981   -18.475 1.00 14.61 ? 54  LEU A C   1 
ATOM   395  O  O   . LEU A 1 54  ? -6.016  2.027   -18.003 1.00 14.72 ? 54  LEU A O   1 
ATOM   396  C  CB  . LEU A 1 54  ? -7.305  1.885   -20.977 1.00 14.57 ? 54  LEU A CB  1 
ATOM   397  C  CG  . LEU A 1 54  ? -7.308  1.003   -22.238 1.00 19.50 ? 54  LEU A CG  1 
ATOM   398  C  CD1 . LEU A 1 54  ? -7.100  1.865   -23.476 1.00 18.69 ? 54  LEU A CD1 1 
ATOM   399  C  CD2 . LEU A 1 54  ? -6.201  -0.053  -22.148 1.00 20.28 ? 54  LEU A CD2 1 
ATOM   400  N  N   . THR A 1 55  ? -8.160  2.683   -17.976 1.00 13.45 ? 55  THR A N   1 
ATOM   401  C  CA  . THR A 1 55  ? -7.950  3.548   -16.828 1.00 17.22 ? 55  THR A CA  1 
ATOM   402  C  C   . THR A 1 55  ? -7.652  2.694   -15.599 1.00 14.33 ? 55  THR A C   1 
ATOM   403  O  O   . THR A 1 55  ? -6.797  3.044   -14.787 1.00 16.23 ? 55  THR A O   1 
ATOM   404  C  CB  . THR A 1 55  ? -9.175  4.438   -16.563 1.00 15.53 ? 55  THR A CB  1 
ATOM   405  O  OG1 . THR A 1 55  ? -9.434  5.234   -17.729 1.00 22.08 ? 55  THR A OG1 1 
ATOM   406  C  CG2 . THR A 1 55  ? -8.913  5.366   -15.375 1.00 13.81 ? 55  THR A CG2 1 
ATOM   407  N  N   . LEU A 1 56  ? -8.355  1.572   -15.471 1.00 14.40 ? 56  LEU A N   1 
ATOM   408  C  CA  . LEU A 1 56  ? -8.133  0.666   -14.345 1.00 15.95 ? 56  LEU A CA  1 
ATOM   409  C  C   . LEU A 1 56  ? -6.721  0.077   -14.372 1.00 17.23 ? 56  LEU A C   1 
ATOM   410  O  O   . LEU A 1 56  ? -6.055  -0.003  -13.339 1.00 16.29 ? 56  LEU A O   1 
ATOM   411  C  CB  . LEU A 1 56  ? -9.175  -0.460  -14.356 1.00 15.73 ? 56  LEU A CB  1 
ATOM   412  C  CG  . LEU A 1 56  ? -10.616 -0.039  -14.050 1.00 18.51 ? 56  LEU A CG  1 
ATOM   413  C  CD1 . LEU A 1 56  ? -11.563 -1.183  -14.346 1.00 20.44 ? 56  LEU A CD1 1 
ATOM   414  C  CD2 . LEU A 1 56  ? -10.723 0.382   -12.587 1.00 17.30 ? 56  LEU A CD2 1 
ATOM   415  N  N   . GLN A 1 57  ? -6.250  -0.331  -15.547 1.00 16.00 ? 57  GLN A N   1 
ATOM   416  C  CA  . GLN A 1 57  ? -4.904  -0.883  -15.628 1.00 16.97 ? 57  GLN A CA  1 
ATOM   417  C  C   . GLN A 1 57  ? -3.881  0.202   -15.305 1.00 15.75 ? 57  GLN A C   1 
ATOM   418  O  O   . GLN A 1 57  ? -2.847  -0.063  -14.693 1.00 17.69 ? 57  GLN A O   1 
ATOM   419  C  CB  . GLN A 1 57  ? -4.635  -1.462  -17.016 1.00 14.96 ? 57  GLN A CB  1 
ATOM   420  C  CG  . GLN A 1 57  ? -5.499  -2.662  -17.349 1.00 19.68 ? 57  GLN A CG  1 
ATOM   421  C  CD  . GLN A 1 57  ? -5.196  -3.225  -18.716 1.00 19.68 ? 57  GLN A CD  1 
ATOM   422  O  OE1 . GLN A 1 57  ? -4.869  -2.484  -19.646 1.00 22.71 ? 57  GLN A OE1 1 
ATOM   423  N  NE2 . GLN A 1 57  ? -5.320  -4.535  -18.856 1.00 20.77 ? 57  GLN A NE2 1 
ATOM   424  N  N   . HIS A 1 58  ? -4.184  1.423   -15.721 1.00 16.48 ? 58  HIS A N   1 
ATOM   425  C  CA  . HIS A 1 58  ? -3.309  2.557   -15.464 1.00 17.50 ? 58  HIS A CA  1 
ATOM   426  C  C   . HIS A 1 58  ? -3.130  2.784   -13.958 1.00 16.79 ? 58  HIS A C   1 
ATOM   427  O  O   . HIS A 1 58  ? -2.024  3.037   -13.489 1.00 20.35 ? 58  HIS A O   1 
ATOM   428  C  CB  . HIS A 1 58  ? -3.899  3.815   -16.111 1.00 17.81 ? 58  HIS A CB  1 
ATOM   429  C  CG  . HIS A 1 58  ? -3.447  5.093   -15.473 1.00 18.16 ? 58  HIS A CG  1 
ATOM   430  N  ND1 . HIS A 1 58  ? -2.163  5.574   -15.598 1.00 19.03 ? 58  HIS A ND1 1 
ATOM   431  C  CD2 . HIS A 1 58  ? -4.113  5.992   -14.709 1.00 19.04 ? 58  HIS A CD2 1 
ATOM   432  C  CE1 . HIS A 1 58  ? -2.057  6.717   -14.941 1.00 20.89 ? 58  HIS A CE1 1 
ATOM   433  N  NE2 . HIS A 1 58  ? -3.227  6.993   -14.394 1.00 20.65 ? 58  HIS A NE2 1 
ATOM   434  N  N   . PHE A 1 59  ? -4.217  2.696   -13.202 1.00 17.08 ? 59  PHE A N   1 
ATOM   435  C  CA  . PHE A 1 59  ? -4.123  2.913   -11.770 1.00 17.90 ? 59  PHE A CA  1 
ATOM   436  C  C   . PHE A 1 59  ? -3.435  1.768   -11.047 1.00 19.34 ? 59  PHE A C   1 
ATOM   437  O  O   . PHE A 1 59  ? -2.844  1.962   -9.988  1.00 18.66 ? 59  PHE A O   1 
ATOM   438  C  CB  . PHE A 1 59  ? -5.504  3.216   -11.193 1.00 15.58 ? 59  PHE A CB  1 
ATOM   439  C  CG  . PHE A 1 59  ? -5.908  4.651   -11.368 1.00 20.15 ? 59  PHE A CG  1 
ATOM   440  C  CD1 . PHE A 1 59  ? -5.273  5.651   -10.638 1.00 14.74 ? 59  PHE A CD1 1 
ATOM   441  C  CD2 . PHE A 1 59  ? -6.870  5.017   -12.312 1.00 12.99 ? 59  PHE A CD2 1 
ATOM   442  C  CE1 . PHE A 1 59  ? -5.583  6.998   -10.846 1.00 17.41 ? 59  PHE A CE1 1 
ATOM   443  C  CE2 . PHE A 1 59  ? -7.186  6.358   -12.527 1.00 17.09 ? 59  PHE A CE2 1 
ATOM   444  C  CZ  . PHE A 1 59  ? -6.542  7.350   -11.795 1.00 17.93 ? 59  PHE A CZ  1 
ATOM   445  N  N   . LEU A 1 60  ? -3.491  0.577   -11.626 1.00 18.66 ? 60  LEU A N   1 
ATOM   446  C  CA  . LEU A 1 60  ? -2.796  -0.549  -11.033 1.00 19.71 ? 60  LEU A CA  1 
ATOM   447  C  C   . LEU A 1 60  ? -1.294  -0.310  -11.258 1.00 19.12 ? 60  LEU A C   1 
ATOM   448  O  O   . LEU A 1 60  ? -0.477  -0.582  -10.379 1.00 18.45 ? 60  LEU A O   1 
ATOM   449  C  CB  . LEU A 1 60  ? -3.256  -1.862  -11.674 1.00 16.00 ? 60  LEU A CB  1 
ATOM   450  C  CG  . LEU A 1 60  ? -4.587  -2.381  -11.110 1.00 20.38 ? 60  LEU A CG  1 
ATOM   451  C  CD1 . LEU A 1 60  ? -5.160  -3.470  -12.003 1.00 16.38 ? 60  LEU A CD1 1 
ATOM   452  C  CD2 . LEU A 1 60  ? -4.355  -2.913  -9.697  1.00 18.81 ? 60  LEU A CD2 1 
ATOM   453  N  N   . ARG A 1 61  ? -0.932  0.213   -12.427 1.00 16.99 ? 61  ARG A N   1 
ATOM   454  C  CA  . ARG A 1 61  ? 0.477   0.508   -12.707 1.00 18.80 ? 61  ARG A CA  1 
ATOM   455  C  C   . ARG A 1 61  ? 0.952   1.633   -11.785 1.00 20.00 ? 61  ARG A C   1 
ATOM   456  O  O   . ARG A 1 61  ? 2.069   1.600   -11.283 1.00 19.76 ? 61  ARG A O   1 
ATOM   457  C  CB  . ARG A 1 61  ? 0.693   0.948   -14.167 1.00 21.40 ? 61  ARG A CB  1 
ATOM   458  C  CG  . ARG A 1 61  ? 0.592   -0.165  -15.214 1.00 24.72 ? 61  ARG A CG  1 
ATOM   459  C  CD  . ARG A 1 61  ? 1.196   0.283   -16.548 1.00 26.84 ? 61  ARG A CD  1 
ATOM   460  N  NE  . ARG A 1 61  ? 0.500   1.435   -17.116 1.00 27.62 ? 61  ARG A NE  1 
ATOM   461  C  CZ  . ARG A 1 61  ? -0.640  1.359   -17.797 1.00 30.88 ? 61  ARG A CZ  1 
ATOM   462  N  NH1 . ARG A 1 61  ? -1.215  0.180   -18.000 1.00 23.62 ? 61  ARG A NH1 1 
ATOM   463  N  NH2 . ARG A 1 61  ? -1.205  2.460   -18.273 1.00 27.70 ? 61  ARG A NH2 1 
ATOM   464  N  N   . LEU A 1 62  ? 0.095   2.626   -11.565 1.00 17.42 ? 62  LEU A N   1 
ATOM   465  C  CA  . LEU A 1 62  ? 0.452   3.750   -10.708 1.00 24.31 ? 62  LEU A CA  1 
ATOM   466  C  C   . LEU A 1 62  ? 0.810   3.245   -9.317  1.00 26.53 ? 62  LEU A C   1 
ATOM   467  O  O   . LEU A 1 62  ? 1.700   3.781   -8.665  1.00 23.33 ? 62  LEU A O   1 
ATOM   468  C  CB  . LEU A 1 62  ? -0.701  4.752   -10.634 1.00 22.88 ? 62  LEU A CB  1 
ATOM   469  C  CG  . LEU A 1 62  ? -0.369  6.146   -10.088 1.00 26.96 ? 62  LEU A CG  1 
ATOM   470  C  CD1 . LEU A 1 62  ? 0.804   6.741   -10.866 1.00 25.28 ? 62  LEU A CD1 1 
ATOM   471  C  CD2 . LEU A 1 62  ? -1.586  7.043   -10.208 1.00 25.10 ? 62  LEU A CD2 1 
ATOM   472  N  N   . ASN A 1 63  ? 0.118   2.198   -8.877  1.00 28.10 ? 63  ASN A N   1 
ATOM   473  C  CA  . ASN A 1 63  ? 0.371   1.598   -7.573  1.00 28.10 ? 63  ASN A CA  1 
ATOM   474  C  C   . ASN A 1 63  ? 1.825   1.199   -7.420  1.00 29.06 ? 63  ASN A C   1 
ATOM   475  O  O   . ASN A 1 63  ? 2.397   1.289   -6.335  1.00 30.08 ? 63  ASN A O   1 
ATOM   476  C  CB  . ASN A 1 63  ? -0.490  0.358   -7.393  1.00 31.64 ? 63  ASN A CB  1 
ATOM   477  C  CG  . ASN A 1 63  ? -1.531  0.538   -6.339  1.00 29.51 ? 63  ASN A CG  1 
ATOM   478  O  OD1 . ASN A 1 63  ? -1.213  0.683   -5.159  1.00 34.87 ? 63  ASN A OD1 1 
ATOM   479  N  ND2 . ASN A 1 63  ? -2.791  0.541   -6.750  1.00 32.97 ? 63  ASN A ND2 1 
ATOM   480  N  N   . TYR A 1 64  ? 2.415   0.739   -8.513  1.00 26.47 ? 64  TYR A N   1 
ATOM   481  C  CA  . TYR A 1 64  ? 3.803   0.316   -8.507  1.00 31.04 ? 64  TYR A CA  1 
ATOM   482  C  C   . TYR A 1 64  ? 4.751   1.496   -8.289  1.00 31.78 ? 64  TYR A C   1 
ATOM   483  O  O   . TYR A 1 64  ? 5.761   1.369   -7.597  1.00 32.25 ? 64  TYR A O   1 
ATOM   484  C  CB  . TYR A 1 64  ? 4.131   -0.379  -9.830  1.00 31.77 ? 64  TYR A CB  1 
ATOM   485  C  CG  . TYR A 1 64  ? 5.534   -0.925  -9.915  1.00 37.00 ? 64  TYR A CG  1 
ATOM   486  C  CD1 . TYR A 1 64  ? 5.990   -1.873  -9.003  1.00 40.32 ? 64  TYR A CD1 1 
ATOM   487  C  CD2 . TYR A 1 64  ? 6.408   -0.499  -10.913 1.00 40.35 ? 64  TYR A CD2 1 
ATOM   488  C  CE1 . TYR A 1 64  ? 7.285   -2.386  -9.082  1.00 44.61 ? 64  TYR A CE1 1 
ATOM   489  C  CE2 . TYR A 1 64  ? 7.704   -1.005  -11.002 1.00 45.26 ? 64  TYR A CE2 1 
ATOM   490  C  CZ  . TYR A 1 64  ? 8.135   -1.947  -10.084 1.00 45.55 ? 64  TYR A CZ  1 
ATOM   491  O  OH  . TYR A 1 64  ? 9.414   -2.450  -10.164 1.00 51.90 ? 64  TYR A OH  1 
ATOM   492  N  N   . THR A 1 65  ? 4.418   2.647   -8.865  1.00 32.09 ? 65  THR A N   1 
ATOM   493  C  CA  . THR A 1 65  ? 5.281   3.818   -8.744  1.00 34.20 ? 65  THR A CA  1 
ATOM   494  C  C   . THR A 1 65  ? 4.905   4.854   -7.686  1.00 35.41 ? 65  THR A C   1 
ATOM   495  O  O   . THR A 1 65  ? 5.777   5.538   -7.153  1.00 36.79 ? 65  THR A O   1 
ATOM   496  C  CB  . THR A 1 65  ? 5.407   4.535   -10.096 1.00 33.18 ? 65  THR A CB  1 
ATOM   497  O  OG1 . THR A 1 65  ? 4.107   4.890   -10.576 1.00 35.33 ? 65  THR A OG1 1 
ATOM   498  C  CG2 . THR A 1 65  ? 6.084   3.624   -11.114 1.00 36.17 ? 65  THR A CG2 1 
ATOM   499  N  N   . SER A 1 66  ? 3.620   4.970   -7.371  1.00 34.91 ? 66  SER A N   1 
ATOM   500  C  CA  . SER A 1 66  ? 3.181   5.953   -6.386  1.00 36.80 ? 66  SER A CA  1 
ATOM   501  C  C   . SER A 1 66  ? 3.609   5.617   -4.959  1.00 37.28 ? 66  SER A C   1 
ATOM   502  O  O   . SER A 1 66  ? 3.741   4.450   -4.588  1.00 36.44 ? 66  SER A O   1 
ATOM   503  C  CB  . SER A 1 66  ? 1.659   6.115   -6.438  1.00 35.22 ? 66  SER A CB  1 
ATOM   504  O  OG  . SER A 1 66  ? 1.013   4.912   -6.081  1.00 42.51 ? 66  SER A OG  1 
ATOM   505  N  N   . ALA A 1 67  ? 3.823   6.659   -4.164  1.00 38.42 ? 67  ALA A N   1 
ATOM   506  C  CA  . ALA A 1 67  ? 4.233   6.502   -2.775  1.00 39.36 ? 67  ALA A CA  1 
ATOM   507  C  C   . ALA A 1 67  ? 3.079   5.981   -1.924  1.00 37.26 ? 67  ALA A C   1 
ATOM   508  O  O   . ALA A 1 67  ? 3.300   5.308   -0.919  1.00 40.96 ? 67  ALA A O   1 
ATOM   509  C  CB  . ALA A 1 67  ? 4.729   7.834   -2.222  1.00 40.44 ? 67  ALA A CB  1 
ATOM   510  N  N   . VAL A 1 68  ? 1.850   6.300   -2.321  1.00 33.14 ? 68  VAL A N   1 
ATOM   511  C  CA  . VAL A 1 68  ? 0.682   5.842   -1.580  1.00 30.45 ? 68  VAL A CA  1 
ATOM   512  C  C   . VAL A 1 68  ? -0.106  4.788   -2.348  1.00 25.98 ? 68  VAL A C   1 
ATOM   513  O  O   . VAL A 1 68  ? -0.166  4.791   -3.577  1.00 23.15 ? 68  VAL A O   1 
ATOM   514  C  CB  . VAL A 1 68  ? -0.278  7.003   -1.218  1.00 31.38 ? 68  VAL A CB  1 
ATOM   515  C  CG1 . VAL A 1 68  ? 0.466   8.053   -0.414  1.00 33.78 ? 68  VAL A CG1 1 
ATOM   516  C  CG2 . VAL A 1 68  ? -0.889  7.602   -2.480  1.00 33.59 ? 68  VAL A CG2 1 
ATOM   517  N  N   . THR A 1 69  ? -0.713  3.889   -1.592  1.00 21.01 ? 69  THR A N   1 
ATOM   518  C  CA  . THR A 1 69  ? -1.506  2.815   -2.150  1.00 21.30 ? 69  THR A CA  1 
ATOM   519  C  C   . THR A 1 69  ? -2.779  3.353   -2.782  1.00 19.18 ? 69  THR A C   1 
ATOM   520  O  O   . THR A 1 69  ? -3.421  4.256   -2.246  1.00 18.30 ? 69  THR A O   1 
ATOM   521  C  CB  . THR A 1 69  ? -1.895  1.826   -1.053  1.00 22.36 ? 69  THR A CB  1 
ATOM   522  O  OG1 . THR A 1 69  ? -0.704  1.302   -0.462  1.00 20.80 ? 69  THR A OG1 1 
ATOM   523  C  CG2 . THR A 1 69  ? -2.737  0.685   -1.617  1.00 20.30 ? 69  THR A CG2 1 
ATOM   524  N  N   . ILE A 1 70  ? -3.139  2.793   -3.924  1.00 18.18 ? 70  ILE A N   1 
ATOM   525  C  CA  . ILE A 1 70  ? -4.355  3.199   -4.606  1.00 14.68 ? 70  ILE A CA  1 
ATOM   526  C  C   . ILE A 1 70  ? -5.230  1.954   -4.716  1.00 17.62 ? 70  ILE A C   1 
ATOM   527  O  O   . ILE A 1 70  ? -4.775  0.909   -5.186  1.00 16.52 ? 70  ILE A O   1 
ATOM   528  C  CB  . ILE A 1 70  ? -4.040  3.771   -6.009  1.00 17.78 ? 70  ILE A CB  1 
ATOM   529  C  CG1 . ILE A 1 70  ? -3.296  5.104   -5.870  1.00 19.58 ? 70  ILE A CG1 1 
ATOM   530  C  CG2 . ILE A 1 70  ? -5.320  4.005   -6.787  1.00 13.66 ? 70  ILE A CG2 1 
ATOM   531  C  CD1 . ILE A 1 70  ? -2.811  5.677   -7.193  1.00 22.64 ? 70  ILE A CD1 1 
ATOM   532  N  N   . GLY A 1 71  ? -6.472  2.063   -4.247  1.00 14.97 ? 71  GLY A N   1 
ATOM   533  C  CA  . GLY A 1 71  ? -7.386  0.943   -4.304  1.00 15.92 ? 71  GLY A CA  1 
ATOM   534  C  C   . GLY A 1 71  ? -8.805  1.406   -4.575  1.00 14.63 ? 71  GLY A C   1 
ATOM   535  O  O   . GLY A 1 71  ? -9.033  2.552   -4.958  1.00 19.43 ? 71  GLY A O   1 
ATOM   536  N  N   . ALA A 1 72  ? -9.758  0.502   -4.379  1.00 17.72 ? 72  ALA A N   1 
ATOM   537  C  CA  . ALA A 1 72  ? -11.167 0.794   -4.577  1.00 17.86 ? 72  ALA A CA  1 
ATOM   538  C  C   . ALA A 1 72  ? -11.844 0.503   -3.249  1.00 16.39 ? 72  ALA A C   1 
ATOM   539  O  O   . ALA A 1 72  ? -11.488 -0.458  -2.569  1.00 17.40 ? 72  ALA A O   1 
ATOM   540  C  CB  . ALA A 1 72  ? -11.747 -0.104  -5.667  1.00 19.35 ? 72  ALA A CB  1 
ATOM   541  N  N   . ASP A 1 73  ? -12.814 1.328   -2.877  1.00 16.74 ? 73  ASP A N   1 
ATOM   542  C  CA  . ASP A 1 73  ? -13.510 1.126   -1.616  1.00 19.52 ? 73  ASP A CA  1 
ATOM   543  C  C   . ASP A 1 73  ? -14.439 -0.083  -1.685  1.00 18.35 ? 73  ASP A C   1 
ATOM   544  O  O   . ASP A 1 73  ? -14.693 -0.626  -2.760  1.00 17.37 ? 73  ASP A O   1 
ATOM   545  C  CB  . ASP A 1 73  ? -14.270 2.396   -1.211  1.00 19.50 ? 73  ASP A CB  1 
ATOM   546  C  CG  . ASP A 1 73  ? -15.278 2.840   -2.249  1.00 25.62 ? 73  ASP A CG  1 
ATOM   547  O  OD1 . ASP A 1 73  ? -15.822 3.951   -2.098  1.00 28.86 ? 73  ASP A OD1 1 
ATOM   548  O  OD2 . ASP A 1 73  ? -15.534 2.085   -3.209  1.00 31.31 ? 73  ASP A OD2 1 
ATOM   549  N  N   . ALA A 1 74  ? -14.923 -0.516  -0.528  1.00 21.89 ? 74  ALA A N   1 
ATOM   550  C  CA  . ALA A 1 74  ? -15.786 -1.696  -0.446  1.00 25.24 ? 74  ALA A CA  1 
ATOM   551  C  C   . ALA A 1 74  ? -17.044 -1.679  -1.313  1.00 26.98 ? 74  ALA A C   1 
ATOM   552  O  O   . ALA A 1 74  ? -17.463 -2.730  -1.800  1.00 28.09 ? 74  ALA A O   1 
ATOM   553  C  CB  . ALA A 1 74  ? -16.165 -1.953  1.010   1.00 22.50 ? 74  ALA A CB  1 
ATOM   554  N  N   . ASP A 1 75  ? -17.638 -0.502  -1.512  1.00 26.61 ? 75  ASP A N   1 
ATOM   555  C  CA  . ASP A 1 75  ? -18.858 -0.393  -2.315  1.00 28.31 ? 75  ASP A CA  1 
ATOM   556  C  C   . ASP A 1 75  ? -18.603 -0.199  -3.803  1.00 27.31 ? 75  ASP A C   1 
ATOM   557  O  O   . ASP A 1 75  ? -19.538 0.029   -4.573  1.00 23.45 ? 75  ASP A O   1 
ATOM   558  C  CB  . ASP A 1 75  ? -19.729 0.766   -1.820  1.00 34.92 ? 75  ASP A CB  1 
ATOM   559  C  CG  . ASP A 1 75  ? -20.161 0.598   -0.380  1.00 41.33 ? 75  ASP A CG  1 
ATOM   560  O  OD1 . ASP A 1 75  ? -20.623 -0.503  -0.016  1.00 46.48 ? 75  ASP A OD1 1 
ATOM   561  O  OD2 . ASP A 1 75  ? -20.048 1.575   0.388   1.00 47.76 ? 75  ASP A OD2 1 
ATOM   562  N  N   . ASN A 1 76  ? -17.340 -0.275  -4.204  1.00 23.47 ? 76  ASN A N   1 
ATOM   563  C  CA  . ASN A 1 76  ? -16.979 -0.108  -5.606  1.00 26.68 ? 76  ASN A CA  1 
ATOM   564  C  C   . ASN A 1 76  ? -17.463 1.226   -6.147  1.00 23.73 ? 76  ASN A C   1 
ATOM   565  O  O   . ASN A 1 76  ? -17.821 1.336   -7.313  1.00 25.17 ? 76  ASN A O   1 
ATOM   566  C  CB  . ASN A 1 76  ? -17.590 -1.238  -6.432  1.00 29.09 ? 76  ASN A CB  1 
ATOM   567  C  CG  . ASN A 1 76  ? -16.547 -2.074  -7.121  1.00 31.73 ? 76  ASN A CG  1 
ATOM   568  O  OD1 . ASN A 1 76  ? -15.621 -2.570  -6.487  1.00 32.71 ? 76  ASN A OD1 1 
ATOM   569  N  ND2 . ASN A 1 76  ? -16.687 -2.238  -8.432  1.00 36.13 ? 76  ASN A ND2 1 
ATOM   570  N  N   . THR A 1 77  ? -17.467 2.244   -5.301  1.00 23.55 ? 77  THR A N   1 
ATOM   571  C  CA  . THR A 1 77  ? -17.935 3.551   -5.723  1.00 25.84 ? 77  THR A CA  1 
ATOM   572  C  C   . THR A 1 77  ? -16.793 4.499   -6.066  1.00 24.11 ? 77  THR A C   1 
ATOM   573  O  O   . THR A 1 77  ? -16.904 5.309   -6.989  1.00 23.61 ? 77  THR A O   1 
ATOM   574  C  CB  . THR A 1 77  ? -18.810 4.202   -4.625  1.00 31.71 ? 77  THR A CB  1 
ATOM   575  O  OG1 . THR A 1 77  ? -18.013 4.471   -3.461  1.00 35.85 ? 77  THR A OG1 1 
ATOM   576  C  CG2 . THR A 1 77  ? -19.945 3.270   -4.235  1.00 28.27 ? 77  THR A CG2 1 
ATOM   577  N  N   . ALA A 1 78  ? -15.686 4.395   -5.343  1.00 19.63 ? 78  ALA A N   1 
ATOM   578  C  CA  . ALA A 1 78  ? -14.585 5.300   -5.609  1.00 18.50 ? 78  ALA A CA  1 
ATOM   579  C  C   . ALA A 1 78  ? -13.199 4.690   -5.623  1.00 15.80 ? 78  ALA A C   1 
ATOM   580  O  O   . ALA A 1 78  ? -12.958 3.632   -5.046  1.00 15.08 ? 78  ALA A O   1 
ATOM   581  C  CB  . ALA A 1 78  ? -14.614 6.437   -4.589  1.00 18.35 ? 78  ALA A CB  1 
ATOM   582  N  N   . LEU A 1 79  ? -12.298 5.371   -6.322  1.00 13.44 ? 79  LEU A N   1 
ATOM   583  C  CA  . LEU A 1 79  ? -10.905 4.989   -6.334  1.00 14.38 ? 79  LEU A CA  1 
ATOM   584  C  C   . LEU A 1 79  ? -10.457 5.687   -5.060  1.00 15.53 ? 79  LEU A C   1 
ATOM   585  O  O   . LEU A 1 79  ? -10.865 6.819   -4.802  1.00 18.13 ? 79  LEU A O   1 
ATOM   586  C  CB  . LEU A 1 79  ? -10.161 5.595   -7.517  1.00 16.95 ? 79  LEU A CB  1 
ATOM   587  C  CG  . LEU A 1 79  ? -9.883  4.699   -8.718  1.00 25.62 ? 79  LEU A CG  1 
ATOM   588  C  CD1 . LEU A 1 79  ? -8.956  5.441   -9.681  1.00 22.85 ? 79  LEU A CD1 1 
ATOM   589  C  CD2 . LEU A 1 79  ? -9.241  3.402   -8.263  1.00 21.35 ? 79  LEU A CD2 1 
ATOM   590  N  N   . VAL A 1 80  ? -9.624  5.029   -4.272  1.00 17.53 ? 80  VAL A N   1 
ATOM   591  C  CA  . VAL A 1 80  ? -9.175  5.610   -3.020  1.00 15.24 ? 80  VAL A CA  1 
ATOM   592  C  C   . VAL A 1 80  ? -7.676  5.529   -2.869  1.00 17.53 ? 80  VAL A C   1 
ATOM   593  O  O   . VAL A 1 80  ? -7.054  4.547   -3.278  1.00 21.66 ? 80  VAL A O   1 
ATOM   594  C  CB  . VAL A 1 80  ? -9.801  4.862   -1.811  1.00 21.40 ? 80  VAL A CB  1 
ATOM   595  C  CG1 . VAL A 1 80  ? -9.181  5.350   -0.509  1.00 20.43 ? 80  VAL A CG1 1 
ATOM   596  C  CG2 . VAL A 1 80  ? -11.305 5.054   -1.790  1.00 20.81 ? 80  VAL A CG2 1 
ATOM   597  N  N   . ALA A 1 81  ? -7.100  6.577   -2.289  1.00 14.89 ? 81  ALA A N   1 
ATOM   598  C  CA  . ALA A 1 81  ? -5.680  6.613   -1.997  1.00 15.93 ? 81  ALA A CA  1 
ATOM   599  C  C   . ALA A 1 81  ? -5.680  6.289   -0.501  1.00 17.64 ? 81  ALA A C   1 
ATOM   600  O  O   . ALA A 1 81  ? -6.569  6.740   0.230   1.00 16.31 ? 81  ALA A O   1 
ATOM   601  C  CB  . ALA A 1 81  ? -5.118  8.009   -2.237  1.00 17.99 ? 81  ALA A CB  1 
ATOM   602  N  N   . LEU A 1 82  ? -4.719  5.502   -0.036  1.00 15.70 ? 82  LEU A N   1 
ATOM   603  C  CA  . LEU A 1 82  ? -4.701  5.178   1.378   1.00 18.71 ? 82  LEU A CA  1 
ATOM   604  C  C   . LEU A 1 82  ? -3.326  4.940   1.982   1.00 18.13 ? 82  LEU A C   1 
ATOM   605  O  O   . LEU A 1 82  ? -2.339  4.726   1.278   1.00 18.34 ? 82  LEU A O   1 
ATOM   606  C  CB  . LEU A 1 82  ? -5.611  3.980   1.646   1.00 27.63 ? 82  LEU A CB  1 
ATOM   607  C  CG  . LEU A 1 82  ? -5.336  2.688   0.886   1.00 32.31 ? 82  LEU A CG  1 
ATOM   608  C  CD1 . LEU A 1 82  ? -4.192  1.944   1.548   1.00 33.92 ? 82  LEU A CD1 1 
ATOM   609  C  CD2 . LEU A 1 82  ? -6.594  1.828   0.892   1.00 36.76 ? 82  LEU A CD2 1 
ATOM   610  N  N   . TYR A 1 83  ? -3.284  4.988   3.306   1.00 16.36 ? 83  TYR A N   1 
ATOM   611  C  CA  . TYR A 1 83  ? -2.049  4.800   4.048   1.00 18.65 ? 83  TYR A CA  1 
ATOM   612  C  C   . TYR A 1 83  ? -2.362  3.996   5.302   1.00 18.86 ? 83  TYR A C   1 
ATOM   613  O  O   . TYR A 1 83  ? -3.236  4.367   6.088   1.00 20.51 ? 83  TYR A O   1 
ATOM   614  C  CB  . TYR A 1 83  ? -1.455  6.164   4.420   1.00 23.13 ? 83  TYR A CB  1 
ATOM   615  C  CG  . TYR A 1 83  ? -0.300  6.093   5.396   1.00 26.29 ? 83  TYR A CG  1 
ATOM   616  C  CD1 . TYR A 1 83  ? 0.879   5.423   5.072   1.00 26.66 ? 83  TYR A CD1 1 
ATOM   617  C  CD2 . TYR A 1 83  ? -0.399  6.675   6.660   1.00 29.57 ? 83  TYR A CD2 1 
ATOM   618  C  CE1 . TYR A 1 83  ? 1.931   5.329   5.987   1.00 30.04 ? 83  TYR A CE1 1 
ATOM   619  C  CE2 . TYR A 1 83  ? 0.641   6.589   7.579   1.00 27.77 ? 83  TYR A CE2 1 
ATOM   620  C  CZ  . TYR A 1 83  ? 1.801   5.915   7.238   1.00 30.98 ? 83  TYR A CZ  1 
ATOM   621  O  OH  . TYR A 1 83  ? 2.824   5.825   8.158   1.00 34.93 ? 83  TYR A OH  1 
ATOM   622  N  N   . ARG A 1 84  ? -1.658  2.882   5.464   1.00 18.48 ? 84  ARG A N   1 
ATOM   623  C  CA  . ARG A 1 84  ? -1.842  2.009   6.610   1.00 20.56 ? 84  ARG A CA  1 
ATOM   624  C  C   . ARG A 1 84  ? -0.809  2.352   7.667   1.00 19.30 ? 84  ARG A C   1 
ATOM   625  O  O   . ARG A 1 84  ? 0.378   2.450   7.374   1.00 19.32 ? 84  ARG A O   1 
ATOM   626  C  CB  . ARG A 1 84  ? -1.673  0.546   6.198   1.00 20.25 ? 84  ARG A CB  1 
ATOM   627  C  CG  . ARG A 1 84  ? -2.720  0.038   5.214   1.00 23.65 ? 84  ARG A CG  1 
ATOM   628  C  CD  . ARG A 1 84  ? -2.269  -1.270  4.588   1.00 25.98 ? 84  ARG A CD  1 
ATOM   629  N  NE  . ARG A 1 84  ? -2.006  -2.323  5.571   1.00 28.63 ? 84  ARG A NE  1 
ATOM   630  C  CZ  . ARG A 1 84  ? -2.942  -3.061  6.163   1.00 28.18 ? 84  ARG A CZ  1 
ATOM   631  N  NH1 . ARG A 1 84  ? -4.225  -2.870  5.884   1.00 30.93 ? 84  ARG A NH1 1 
ATOM   632  N  NH2 . ARG A 1 84  ? -2.593  -4.010  7.025   1.00 29.13 ? 84  ARG A NH2 1 
ATOM   633  N  N   . LEU A 1 85  ? -1.272  2.521   8.898   1.00 25.32 ? 85  LEU A N   1 
ATOM   634  C  CA  . LEU A 1 85  ? -0.401  2.846   10.014  1.00 27.43 ? 85  LEU A CA  1 
ATOM   635  C  C   . LEU A 1 85  ? -0.724  1.886   11.164  1.00 26.75 ? 85  LEU A C   1 
ATOM   636  O  O   . LEU A 1 85  ? -1.888  1.687   11.510  1.00 24.38 ? 85  LEU A O   1 
ATOM   637  C  CB  . LEU A 1 85  ? -0.646  4.291   10.453  1.00 33.41 ? 85  LEU A CB  1 
ATOM   638  C  CG  . LEU A 1 85  ? 0.302   4.865   11.505  1.00 37.99 ? 85  LEU A CG  1 
ATOM   639  C  CD1 . LEU A 1 85  ? 1.700   4.988   10.918  1.00 38.84 ? 85  LEU A CD1 1 
ATOM   640  C  CD2 . LEU A 1 85  ? -0.199  6.226   11.957  1.00 38.36 ? 85  LEU A CD2 1 
ATOM   641  N  N   . PRO A 1 86  ? 0.304   1.266   11.757  1.00 26.70 ? 86  PRO A N   1 
ATOM   642  C  CA  . PRO A 1 86  ? 0.088   0.331   12.865  1.00 27.98 ? 86  PRO A CA  1 
ATOM   643  C  C   . PRO A 1 86  ? -0.660  0.978   14.027  1.00 28.22 ? 86  PRO A C   1 
ATOM   644  O  O   . PRO A 1 86  ? -0.348  2.100   14.424  1.00 26.14 ? 86  PRO A O   1 
ATOM   645  C  CB  . PRO A 1 86  ? 1.508   -0.082  13.242  1.00 27.77 ? 86  PRO A CB  1 
ATOM   646  C  CG  . PRO A 1 86  ? 2.205   -0.063  11.918  1.00 30.81 ? 86  PRO A CG  1 
ATOM   647  C  CD  . PRO A 1 86  ? 1.712   1.240   11.321  1.00 28.62 ? 86  PRO A CD  1 
ATOM   648  N  N   . GLN A 1 87  ? -1.647  0.267   14.563  1.00 26.42 ? 87  GLN A N   1 
ATOM   649  C  CA  . GLN A 1 87  ? -2.431  0.779   15.680  1.00 29.27 ? 87  GLN A CA  1 
ATOM   650  C  C   . GLN A 1 87  ? -1.538  0.954   16.901  1.00 27.98 ? 87  GLN A C   1 
ATOM   651  O  O   . GLN A 1 87  ? -1.972  1.468   17.926  1.00 29.20 ? 87  GLN A O   1 
ATOM   652  C  CB  . GLN A 1 87  ? -3.580  -0.177  16.006  1.00 29.42 ? 87  GLN A CB  1 
ATOM   653  C  CG  . GLN A 1 87  ? -4.684  -0.214  14.957  1.00 34.24 ? 87  GLN A CG  1 
ATOM   654  C  CD  . GLN A 1 87  ? -5.708  0.894   15.137  1.00 34.06 ? 87  GLN A CD  1 
ATOM   655  O  OE1 . GLN A 1 87  ? -5.473  1.865   15.857  1.00 29.51 ? 87  GLN A OE1 1 
ATOM   656  N  NE2 . GLN A 1 87  ? -6.850  0.754   14.472  1.00 33.96 ? 87  GLN A NE2 1 
ATOM   657  N  N   . THR A 1 88  ? -0.285  0.525   16.778  1.00 27.10 ? 88  THR A N   1 
ATOM   658  C  CA  . THR A 1 88  ? 0.682   0.637   17.866  1.00 29.15 ? 88  THR A CA  1 
ATOM   659  C  C   . THR A 1 88  ? 1.582   1.853   17.685  1.00 27.06 ? 88  THR A C   1 
ATOM   660  O  O   . THR A 1 88  ? 2.493   2.080   18.479  1.00 27.16 ? 88  THR A O   1 
ATOM   661  C  CB  . THR A 1 88  ? 1.579   -0.615  17.947  1.00 30.82 ? 88  THR A CB  1 
ATOM   662  O  OG1 . THR A 1 88  ? 2.212   -0.831  16.680  1.00 35.22 ? 88  THR A OG1 1 
ATOM   663  C  CG2 . THR A 1 88  ? 0.760   -1.838  18.322  1.00 31.35 ? 88  THR A CG2 1 
ATOM   664  N  N   . SER A 1 89  ? 1.319   2.634   16.640  1.00 25.21 ? 89  SER A N   1 
ATOM   665  C  CA  . SER A 1 89  ? 2.111   3.825   16.349  1.00 24.79 ? 89  SER A CA  1 
ATOM   666  C  C   . SER A 1 89  ? 1.882   4.908   17.389  1.00 23.81 ? 89  SER A C   1 
ATOM   667  O  O   . SER A 1 89  ? 0.883   4.893   18.101  1.00 23.22 ? 89  SER A O   1 
ATOM   668  C  CB  . SER A 1 89  ? 1.753   4.381   14.969  1.00 27.21 ? 89  SER A CB  1 
ATOM   669  O  OG  . SER A 1 89  ? 1.928   3.405   13.964  1.00 26.16 ? 89  SER A OG  1 
ATOM   670  N  N   . THR A 1 90  ? 2.810   5.855   17.465  1.00 23.98 ? 90  THR A N   1 
ATOM   671  C  CA  . THR A 1 90  ? 2.698   6.955   18.413  1.00 24.33 ? 90  THR A CA  1 
ATOM   672  C  C   . THR A 1 90  ? 1.777   8.031   17.845  1.00 26.85 ? 90  THR A C   1 
ATOM   673  O  O   . THR A 1 90  ? 1.607   8.137   16.627  1.00 28.37 ? 90  THR A O   1 
ATOM   674  C  CB  . THR A 1 90  ? 4.063   7.593   18.683  1.00 24.63 ? 90  THR A CB  1 
ATOM   675  O  OG1 . THR A 1 90  ? 4.523   8.245   17.497  1.00 26.92 ? 90  THR A OG1 1 
ATOM   676  C  CG2 . THR A 1 90  ? 5.074   6.536   19.085  1.00 24.37 ? 90  THR A CG2 1 
ATOM   677  N  N   . GLU A 1 91  ? 1.190   8.832   18.730  1.00 25.69 ? 91  GLU A N   1 
ATOM   678  C  CA  . GLU A 1 91  ? 0.285   9.900   18.318  1.00 27.38 ? 91  GLU A CA  1 
ATOM   679  C  C   . GLU A 1 91  ? 0.957   10.795  17.287  1.00 30.82 ? 91  GLU A C   1 
ATOM   680  O  O   . GLU A 1 91  ? 0.337   11.206  16.300  1.00 25.83 ? 91  GLU A O   1 
ATOM   681  C  CB  . GLU A 1 91  ? -0.134  10.729  19.536  1.00 28.80 ? 91  GLU A CB  1 
ATOM   682  C  CG  . GLU A 1 91  ? -1.030  11.922  19.215  1.00 35.13 ? 91  GLU A CG  1 
ATOM   683  C  CD  . GLU A 1 91  ? -0.248  13.137  18.759  1.00 37.24 ? 91  GLU A CD  1 
ATOM   684  O  OE1 . GLU A 1 91  ? -0.873  14.088  18.240  1.00 39.10 ? 91  GLU A OE1 1 
ATOM   685  O  OE2 . GLU A 1 91  ? 0.989   13.144  18.927  1.00 41.47 ? 91  GLU A OE2 1 
ATOM   686  N  N   . GLU A 1 92  ? 2.234   11.080  17.518  1.00 30.54 ? 92  GLU A N   1 
ATOM   687  C  CA  . GLU A 1 92  ? 3.011   11.931  16.627  1.00 33.91 ? 92  GLU A CA  1 
ATOM   688  C  C   . GLU A 1 92  ? 3.147   11.329  15.228  1.00 31.16 ? 92  GLU A C   1 
ATOM   689  O  O   . GLU A 1 92  ? 3.028   12.033  14.229  1.00 31.64 ? 92  GLU A O   1 
ATOM   690  C  CB  . GLU A 1 92  ? 4.399   12.171  17.218  1.00 33.81 ? 92  GLU A CB  1 
ATOM   691  C  CG  . GLU A 1 92  ? 5.170   13.284  16.542  1.00 41.17 ? 92  GLU A CG  1 
ATOM   692  C  CD  . GLU A 1 92  ? 6.583   13.415  17.081  1.00 45.65 ? 92  GLU A CD  1 
ATOM   693  O  OE1 . GLU A 1 92  ? 6.742   13.401  18.321  1.00 45.85 ? 92  GLU A OE1 1 
ATOM   694  O  OE2 . GLU A 1 92  ? 7.528   13.533  16.268  1.00 45.13 ? 92  GLU A OE2 1 
ATOM   695  N  N   . GLU A 1 93  ? 3.410   10.028  15.159  1.00 30.44 ? 93  GLU A N   1 
ATOM   696  C  CA  . GLU A 1 93  ? 3.550   9.350   13.873  1.00 30.56 ? 93  GLU A CA  1 
ATOM   697  C  C   . GLU A 1 93  ? 2.209   9.384   13.140  1.00 28.87 ? 93  GLU A C   1 
ATOM   698  O  O   . GLU A 1 93  ? 2.163   9.469   11.913  1.00 28.57 ? 93  GLU A O   1 
ATOM   699  C  CB  . GLU A 1 93  ? 4.011   7.906   14.083  1.00 30.43 ? 93  GLU A CB  1 
ATOM   700  C  CG  . GLU A 1 93  ? 5.371   7.801   14.773  1.00 34.10 ? 93  GLU A CG  1 
ATOM   701  C  CD  . GLU A 1 93  ? 5.748   6.377   15.133  1.00 36.33 ? 93  GLU A CD  1 
ATOM   702  O  OE1 . GLU A 1 93  ? 4.901   5.655   15.701  1.00 36.46 ? 93  GLU A OE1 1 
ATOM   703  O  OE2 . GLU A 1 93  ? 6.898   5.979   14.860  1.00 41.21 ? 93  GLU A OE2 1 
ATOM   704  N  N   . ALA A 1 94  ? 1.121   9.327   13.899  1.00 27.84 ? 94  ALA A N   1 
ATOM   705  C  CA  . ALA A 1 94  ? -0.211  9.381   13.313  1.00 27.43 ? 94  ALA A CA  1 
ATOM   706  C  C   . ALA A 1 94  ? -0.408  10.755  12.674  1.00 28.57 ? 94  ALA A C   1 
ATOM   707  O  O   . ALA A 1 94  ? -0.769  10.858  11.502  1.00 26.42 ? 94  ALA A O   1 
ATOM   708  C  CB  . ALA A 1 94  ? -1.270  9.144   14.383  1.00 25.99 ? 94  ALA A CB  1 
ATOM   709  N  N   . LEU A 1 95  ? -0.153  11.808  13.445  1.00 28.30 ? 95  LEU A N   1 
ATOM   710  C  CA  . LEU A 1 95  ? -0.314  13.175  12.954  1.00 28.72 ? 95  LEU A CA  1 
ATOM   711  C  C   . LEU A 1 95  ? 0.605   13.489  11.776  1.00 28.59 ? 95  LEU A C   1 
ATOM   712  O  O   . LEU A 1 95  ? 0.158   14.020  10.754  1.00 27.51 ? 95  LEU A O   1 
ATOM   713  C  CB  . LEU A 1 95  ? -0.068  14.178  14.088  1.00 29.44 ? 95  LEU A CB  1 
ATOM   714  C  CG  . LEU A 1 95  ? -0.232  15.672  13.780  1.00 29.64 ? 95  LEU A CG  1 
ATOM   715  C  CD1 . LEU A 1 95  ? -1.590  15.945  13.135  1.00 27.06 ? 95  LEU A CD1 1 
ATOM   716  C  CD2 . LEU A 1 95  ? -0.092  16.464  15.077  1.00 28.02 ? 95  LEU A CD2 1 
ATOM   717  N  N   . THR A 1 96  ? 1.886   13.173  11.911  1.00 26.73 ? 96  THR A N   1 
ATOM   718  C  CA  . THR A 1 96  ? 2.823   13.440  10.830  1.00 30.99 ? 96  THR A CA  1 
ATOM   719  C  C   . THR A 1 96  ? 2.423   12.619  9.608   1.00 29.62 ? 96  THR A C   1 
ATOM   720  O  O   . THR A 1 96  ? 2.447   13.115  8.483   1.00 27.88 ? 96  THR A O   1 
ATOM   721  C  CB  . THR A 1 96  ? 4.270   13.079  11.221  1.00 33.36 ? 96  THR A CB  1 
ATOM   722  O  OG1 . THR A 1 96  ? 4.378   11.663  11.399  1.00 40.83 ? 96  THR A OG1 1 
ATOM   723  C  CG2 . THR A 1 96  ? 4.657   13.776  12.512  1.00 31.52 ? 96  THR A CG2 1 
ATOM   724  N  N   . GLY A 1 97  ? 2.051   11.361  9.839   1.00 27.55 ? 97  GLY A N   1 
ATOM   725  C  CA  . GLY A 1 97  ? 1.637   10.501  8.745   1.00 28.42 ? 97  GLY A CA  1 
ATOM   726  C  C   . GLY A 1 97  ? 0.446   11.107  8.021   1.00 25.28 ? 97  GLY A C   1 
ATOM   727  O  O   . GLY A 1 97  ? 0.387   11.118  6.791   1.00 23.60 ? 97  GLY A O   1 
ATOM   728  N  N   . PHE A 1 98  ? -0.503  11.612  8.800   1.00 25.47 ? 98  PHE A N   1 
ATOM   729  C  CA  . PHE A 1 98  ? -1.700  12.249  8.269   1.00 25.79 ? 98  PHE A CA  1 
ATOM   730  C  C   . PHE A 1 98  ? -1.313  13.415  7.359   1.00 29.39 ? 98  PHE A C   1 
ATOM   731  O  O   . PHE A 1 98  ? -1.816  13.540  6.242   1.00 26.33 ? 98  PHE A O   1 
ATOM   732  C  CB  . PHE A 1 98  ? -2.565  12.760  9.424   1.00 25.44 ? 98  PHE A CB  1 
ATOM   733  C  CG  . PHE A 1 98  ? -3.713  13.624  8.990   1.00 28.76 ? 98  PHE A CG  1 
ATOM   734  C  CD1 . PHE A 1 98  ? -4.860  13.060  8.442   1.00 26.83 ? 98  PHE A CD1 1 
ATOM   735  C  CD2 . PHE A 1 98  ? -3.636  15.007  9.102   1.00 27.82 ? 98  PHE A CD2 1 
ATOM   736  C  CE1 . PHE A 1 98  ? -5.914  13.860  8.014   1.00 28.04 ? 98  PHE A CE1 1 
ATOM   737  C  CE2 . PHE A 1 98  ? -4.687  15.820  8.674   1.00 30.22 ? 98  PHE A CE2 1 
ATOM   738  C  CZ  . PHE A 1 98  ? -5.827  15.244  8.128   1.00 28.55 ? 98  PHE A CZ  1 
ATOM   739  N  N   . GLU A 1 99  ? -0.411  14.263  7.846   1.00 25.49 ? 99  GLU A N   1 
ATOM   740  C  CA  . GLU A 1 99  ? 0.042   15.422  7.090   1.00 29.84 ? 99  GLU A CA  1 
ATOM   741  C  C   . GLU A 1 99  ? 0.737   15.046  5.790   1.00 26.72 ? 99  GLU A C   1 
ATOM   742  O  O   . GLU A 1 99  ? 0.518   15.681  4.761   1.00 29.00 ? 99  GLU A O   1 
ATOM   743  C  CB  . GLU A 1 99  ? 0.979   16.276  7.947   1.00 29.66 ? 99  GLU A CB  1 
ATOM   744  C  CG  . GLU A 1 99  ? 0.280   16.956  9.108   1.00 35.92 ? 99  GLU A CG  1 
ATOM   745  C  CD  . GLU A 1 99  ? 1.219   17.804  9.941   1.00 44.34 ? 99  GLU A CD  1 
ATOM   746  O  OE1 . GLU A 1 99  ? 0.729   18.493  10.860  1.00 50.72 ? 99  GLU A OE1 1 
ATOM   747  O  OE2 . GLU A 1 99  ? 2.444   17.782  9.683   1.00 48.33 ? 99  GLU A OE2 1 
ATOM   748  N  N   . LEU A 1 100 ? 1.580   14.021  5.840   1.00 25.15 ? 100 LEU A N   1 
ATOM   749  C  CA  . LEU A 1 100 ? 2.290   13.573  4.650   1.00 26.02 ? 100 LEU A CA  1 
ATOM   750  C  C   . LEU A 1 100 ? 1.313   12.923  3.671   1.00 24.70 ? 100 LEU A C   1 
ATOM   751  O  O   . LEU A 1 100 ? 1.474   13.036  2.462   1.00 23.93 ? 100 LEU A O   1 
ATOM   752  C  CB  . LEU A 1 100 ? 3.394   12.584  5.035   1.00 30.26 ? 100 LEU A CB  1 
ATOM   753  C  CG  . LEU A 1 100 ? 4.529   13.158  5.893   1.00 36.08 ? 100 LEU A CG  1 
ATOM   754  C  CD1 . LEU A 1 100 ? 5.491   12.051  6.303   1.00 38.27 ? 100 LEU A CD1 1 
ATOM   755  C  CD2 . LEU A 1 100 ? 5.264   14.231  5.108   1.00 37.31 ? 100 LEU A CD2 1 
ATOM   756  N  N   . PHE A 1 101 ? 0.307   12.240  4.208   1.00 23.15 ? 101 PHE A N   1 
ATOM   757  C  CA  . PHE A 1 101 ? -0.717  11.586  3.394   1.00 23.02 ? 101 PHE A CA  1 
ATOM   758  C  C   . PHE A 1 101 ? -1.408  12.672  2.576   1.00 23.66 ? 101 PHE A C   1 
ATOM   759  O  O   . PHE A 1 101 ? -1.477  12.594  1.347   1.00 22.13 ? 101 PHE A O   1 
ATOM   760  C  CB  . PHE A 1 101 ? -1.732  10.877  4.306   1.00 23.01 ? 101 PHE A CB  1 
ATOM   761  C  CG  . PHE A 1 101 ? -2.844  10.174  3.567   1.00 19.27 ? 101 PHE A CG  1 
ATOM   762  C  CD1 . PHE A 1 101 ? -4.173  10.496  3.822   1.00 19.88 ? 101 PHE A CD1 1 
ATOM   763  C  CD2 . PHE A 1 101 ? -2.564  9.175   2.638   1.00 19.31 ? 101 PHE A CD2 1 
ATOM   764  C  CE1 . PHE A 1 101 ? -5.219  9.829   3.163   1.00 22.76 ? 101 PHE A CE1 1 
ATOM   765  C  CE2 . PHE A 1 101 ? -3.595  8.505   1.975   1.00 22.61 ? 101 PHE A CE2 1 
ATOM   766  C  CZ  . PHE A 1 101 ? -4.923  8.833   2.240   1.00 20.03 ? 101 PHE A CZ  1 
ATOM   767  N  N   . ILE A 1 102 ? -1.910  13.688  3.272   1.00 23.62 ? 102 ILE A N   1 
ATOM   768  C  CA  . ILE A 1 102 ? -2.588  14.809  2.631   1.00 25.79 ? 102 ILE A CA  1 
ATOM   769  C  C   . ILE A 1 102 ? -1.730  15.376  1.505   1.00 25.60 ? 102 ILE A C   1 
ATOM   770  O  O   . ILE A 1 102 ? -2.215  15.611  0.400   1.00 24.78 ? 102 ILE A O   1 
ATOM   771  C  CB  . ILE A 1 102 ? -2.871  15.948  3.634   1.00 25.67 ? 102 ILE A CB  1 
ATOM   772  C  CG1 . ILE A 1 102 ? -3.749  15.438  4.778   1.00 32.19 ? 102 ILE A CG1 1 
ATOM   773  C  CG2 . ILE A 1 102 ? -3.554  17.110  2.927   1.00 30.50 ? 102 ILE A CG2 1 
ATOM   774  C  CD1 . ILE A 1 102 ? -5.128  14.984  4.347   1.00 31.30 ? 102 ILE A CD1 1 
ATOM   775  N  N   . SER A 1 103 ? -0.454  15.600  1.799   1.00 22.96 ? 103 SER A N   1 
ATOM   776  C  CA  . SER A 1 103 ? 0.484   16.135  0.818   1.00 25.66 ? 103 SER A CA  1 
ATOM   777  C  C   . SER A 1 103 ? 0.588   15.244  -0.420  1.00 23.27 ? 103 SER A C   1 
ATOM   778  O  O   . SER A 1 103 ? 0.570   15.729  -1.552  1.00 22.87 ? 103 SER A O   1 
ATOM   779  C  CB  . SER A 1 103 ? 1.864   16.291  1.459   1.00 22.75 ? 103 SER A CB  1 
ATOM   780  O  OG  . SER A 1 103 ? 2.859   16.483  0.477   1.00 29.12 ? 103 SER A OG  1 
ATOM   781  N  N   . ASN A 1 104 ? 0.705   13.939  -0.197  1.00 19.81 ? 104 ASN A N   1 
ATOM   782  C  CA  . ASN A 1 104 ? 0.811   12.985  -1.294  1.00 22.10 ? 104 ASN A CA  1 
ATOM   783  C  C   . ASN A 1 104 ? -0.474  12.901  -2.114  1.00 20.66 ? 104 ASN A C   1 
ATOM   784  O  O   . ASN A 1 104 ? -0.435  12.906  -3.348  1.00 18.24 ? 104 ASN A O   1 
ATOM   785  C  CB  . ASN A 1 104 ? 1.165   11.599  -0.751  1.00 22.81 ? 104 ASN A CB  1 
ATOM   786  C  CG  . ASN A 1 104 ? 2.630   11.473  -0.380  1.00 29.03 ? 104 ASN A CG  1 
ATOM   787  O  OD1 . ASN A 1 104 ? 3.498   11.419  -1.249  1.00 32.88 ? 104 ASN A OD1 1 
ATOM   788  N  ND2 . ASN A 1 104 ? 2.912   11.427  0.914   1.00 31.98 ? 104 ASN A ND2 1 
ATOM   789  N  N   . VAL A 1 105 ? -1.612  12.827  -1.434  1.00 21.40 ? 105 VAL A N   1 
ATOM   790  C  CA  . VAL A 1 105 ? -2.895  12.735  -2.126  1.00 21.91 ? 105 VAL A CA  1 
ATOM   791  C  C   . VAL A 1 105 ? -3.219  14.008  -2.910  1.00 22.92 ? 105 VAL A C   1 
ATOM   792  O  O   . VAL A 1 105 ? -3.824  13.948  -3.982  1.00 25.17 ? 105 VAL A O   1 
ATOM   793  C  CB  . VAL A 1 105 ? -4.045  12.453  -1.137  1.00 22.23 ? 105 VAL A CB  1 
ATOM   794  C  CG1 . VAL A 1 105 ? -5.365  12.372  -1.889  1.00 26.25 ? 105 VAL A CG1 1 
ATOM   795  C  CG2 . VAL A 1 105 ? -3.781  11.153  -0.395  1.00 25.04 ? 105 VAL A CG2 1 
ATOM   796  N  N   . LYS A 1 106 ? -2.823  15.156  -2.374  1.00 19.78 ? 106 LYS A N   1 
ATOM   797  C  CA  . LYS A 1 106 ? -3.081  16.420  -3.047  1.00 23.59 ? 106 LYS A CA  1 
ATOM   798  C  C   . LYS A 1 106 ? -2.439  16.421  -4.425  1.00 21.83 ? 106 LYS A C   1 
ATOM   799  O  O   . LYS A 1 106 ? -3.064  16.811  -5.407  1.00 24.34 ? 106 LYS A O   1 
ATOM   800  C  CB  . LYS A 1 106 ? -2.538  17.594  -2.228  1.00 30.48 ? 106 LYS A CB  1 
ATOM   801  C  CG  . LYS A 1 106 ? -2.775  18.950  -2.872  1.00 39.92 ? 106 LYS A CG  1 
ATOM   802  C  CD  . LYS A 1 106 ? -2.302  20.101  -1.986  1.00 46.00 ? 106 LYS A CD  1 
ATOM   803  C  CE  . LYS A 1 106 ? -2.524  21.446  -2.679  1.00 48.83 ? 106 LYS A CE  1 
ATOM   804  N  NZ  . LYS A 1 106 ? -2.026  22.605  -1.879  1.00 47.87 ? 106 LYS A NZ  1 
ATOM   805  N  N   . GLN A 1 107 ? -1.190  15.976  -4.496  1.00 20.02 ? 107 GLN A N   1 
ATOM   806  C  CA  . GLN A 1 107 ? -0.478  15.934  -5.763  1.00 22.24 ? 107 GLN A CA  1 
ATOM   807  C  C   . GLN A 1 107 ? -0.989  14.805  -6.652  1.00 20.31 ? 107 GLN A C   1 
ATOM   808  O  O   . GLN A 1 107 ? -1.029  14.938  -7.871  1.00 20.08 ? 107 GLN A O   1 
ATOM   809  C  CB  . GLN A 1 107 ? 1.018   15.764  -5.524  1.00 22.41 ? 107 GLN A CB  1 
ATOM   810  C  CG  . GLN A 1 107 ? 1.856   15.898  -6.774  1.00 28.69 ? 107 GLN A CG  1 
ATOM   811  C  CD  . GLN A 1 107 ? 3.315   16.138  -6.454  1.00 29.11 ? 107 GLN A CD  1 
ATOM   812  O  OE1 . GLN A 1 107 ? 3.638   16.957  -5.599  1.00 28.38 ? 107 GLN A OE1 1 
ATOM   813  N  NE2 . GLN A 1 107 ? 4.202   15.433  -7.144  1.00 28.55 ? 107 GLN A NE2 1 
ATOM   814  N  N   . LEU A 1 108 ? -1.369  13.690  -6.040  1.00 19.80 ? 108 LEU A N   1 
ATOM   815  C  CA  . LEU A 1 108 ? -1.888  12.557  -6.794  1.00 19.81 ? 108 LEU A CA  1 
ATOM   816  C  C   . LEU A 1 108 ? -3.161  12.978  -7.523  1.00 19.48 ? 108 LEU A C   1 
ATOM   817  O  O   . LEU A 1 108 ? -3.321  12.740  -8.724  1.00 19.74 ? 108 LEU A O   1 
ATOM   818  C  CB  . LEU A 1 108 ? -2.206  11.394  -5.849  1.00 20.08 ? 108 LEU A CB  1 
ATOM   819  C  CG  . LEU A 1 108 ? -3.061  10.255  -6.424  1.00 22.42 ? 108 LEU A CG  1 
ATOM   820  C  CD1 . LEU A 1 108 ? -2.354  9.619   -7.613  1.00 25.74 ? 108 LEU A CD1 1 
ATOM   821  C  CD2 . LEU A 1 108 ? -3.317  9.212   -5.343  1.00 25.10 ? 108 LEU A CD2 1 
ATOM   822  N  N   . LYS A 1 109 ? -4.056  13.616  -6.780  1.00 16.46 ? 109 LYS A N   1 
ATOM   823  C  CA  . LYS A 1 109 ? -5.331  14.062  -7.312  1.00 19.92 ? 109 LYS A CA  1 
ATOM   824  C  C   . LYS A 1 109 ? -5.160  15.093  -8.427  1.00 22.33 ? 109 LYS A C   1 
ATOM   825  O  O   . LYS A 1 109 ? -5.780  14.976  -9.486  1.00 18.36 ? 109 LYS A O   1 
ATOM   826  C  CB  . LYS A 1 109 ? -6.183  14.642  -6.179  1.00 20.36 ? 109 LYS A CB  1 
ATOM   827  C  CG  . LYS A 1 109 ? -7.661  14.795  -6.503  1.00 28.76 ? 109 LYS A CG  1 
ATOM   828  C  CD  . LYS A 1 109 ? -8.453  15.255  -5.282  1.00 29.25 ? 109 LYS A CD  1 
ATOM   829  C  CE  . LYS A 1 109 ? -9.941  15.296  -5.570  1.00 31.18 ? 109 LYS A CE  1 
ATOM   830  N  NZ  . LYS A 1 109 ? -10.256 16.176  -6.725  1.00 36.63 ? 109 LYS A NZ  1 
ATOM   831  N  N   . GLU A 1 110 ? -4.313  16.093  -8.203  1.00 22.07 ? 110 GLU A N   1 
ATOM   832  C  CA  . GLU A 1 110 ? -4.113  17.125  -9.214  1.00 23.78 ? 110 GLU A CA  1 
ATOM   833  C  C   . GLU A 1 110 ? -3.462  16.623  -10.500 1.00 22.31 ? 110 GLU A C   1 
ATOM   834  O  O   . GLU A 1 110 ? -3.647  17.216  -11.561 1.00 24.85 ? 110 GLU A O   1 
ATOM   835  C  CB  . GLU A 1 110 ? -3.298  18.292  -8.640  1.00 29.29 ? 110 GLU A CB  1 
ATOM   836  C  CG  . GLU A 1 110 ? -1.922  17.934  -8.122  1.00 37.33 ? 110 GLU A CG  1 
ATOM   837  C  CD  . GLU A 1 110 ? -1.169  19.154  -7.607  1.00 43.65 ? 110 GLU A CD  1 
ATOM   838  O  OE1 . GLU A 1 110 ? -1.749  19.907  -6.793  1.00 42.59 ? 110 GLU A OE1 1 
ATOM   839  O  OE2 . GLU A 1 110 ? 0.000   19.358  -8.010  1.00 44.66 ? 110 GLU A OE2 1 
ATOM   840  N  N   . HIS A 1 111 ? -2.709  15.533  -10.414 1.00 20.68 ? 111 HIS A N   1 
ATOM   841  C  CA  . HIS A 1 111 ? -2.046  14.982  -11.592 1.00 21.88 ? 111 HIS A CA  1 
ATOM   842  C  C   . HIS A 1 111 ? -2.787  13.847  -12.289 1.00 20.30 ? 111 HIS A C   1 
ATOM   843  O  O   . HIS A 1 111 ? -2.707  13.712  -13.507 1.00 20.30 ? 111 HIS A O   1 
ATOM   844  C  CB  . HIS A 1 111 ? -0.650  14.476  -11.223 1.00 22.56 ? 111 HIS A CB  1 
ATOM   845  C  CG  . HIS A 1 111 ? 0.378   15.556  -11.126 1.00 29.41 ? 111 HIS A CG  1 
ATOM   846  N  ND1 . HIS A 1 111 ? 1.231   15.862  -12.165 1.00 26.50 ? 111 HIS A ND1 1 
ATOM   847  C  CD2 . HIS A 1 111 ? 0.670   16.421  -10.126 1.00 25.77 ? 111 HIS A CD2 1 
ATOM   848  C  CE1 . HIS A 1 111 ? 2.007   16.870  -11.808 1.00 28.78 ? 111 HIS A CE1 1 
ATOM   849  N  NE2 . HIS A 1 111 ? 1.686   17.228  -10.577 1.00 29.28 ? 111 HIS A NE2 1 
ATOM   850  N  N   . TYR A 1 112 ? -3.513  13.040  -11.524 1.00 20.45 ? 112 TYR A N   1 
ATOM   851  C  CA  . TYR A 1 112 ? -4.191  11.883  -12.098 1.00 18.55 ? 112 TYR A CA  1 
ATOM   852  C  C   . TYR A 1 112 ? -5.700  11.830  -11.993 1.00 20.01 ? 112 TYR A C   1 
ATOM   853  O  O   . TYR A 1 112 ? -6.324  11.012  -12.660 1.00 19.77 ? 112 TYR A O   1 
ATOM   854  C  CB  . TYR A 1 112 ? -3.604  10.612  -11.483 1.00 19.96 ? 112 TYR A CB  1 
ATOM   855  C  CG  . TYR A 1 112 ? -2.141  10.445  -11.794 1.00 24.81 ? 112 TYR A CG  1 
ATOM   856  C  CD1 . TYR A 1 112 ? -1.724  10.110  -13.078 1.00 25.98 ? 112 TYR A CD1 1 
ATOM   857  C  CD2 . TYR A 1 112 ? -1.170  10.664  -10.819 1.00 26.57 ? 112 TYR A CD2 1 
ATOM   858  C  CE1 . TYR A 1 112 ? -0.377  9.997   -13.389 1.00 30.23 ? 112 TYR A CE1 1 
ATOM   859  C  CE2 . TYR A 1 112 ? 0.183   10.554  -11.120 1.00 29.51 ? 112 TYR A CE2 1 
ATOM   860  C  CZ  . TYR A 1 112 ? 0.570   10.221  -12.406 1.00 30.04 ? 112 TYR A CZ  1 
ATOM   861  O  OH  . TYR A 1 112 ? 1.906   10.123  -12.724 1.00 37.18 ? 112 TYR A OH  1 
ATOM   862  N  N   . ALA A 1 113 ? -6.286  12.686  -11.165 1.00 20.66 ? 113 ALA A N   1 
ATOM   863  C  CA  . ALA A 1 113 ? -7.732  12.681  -10.982 1.00 26.02 ? 113 ALA A CA  1 
ATOM   864  C  C   . ALA A 1 113 ? -8.472  13.566  -11.976 1.00 29.98 ? 113 ALA A C   1 
ATOM   865  O  O   . ALA A 1 113 ? -7.815  14.185  -12.841 1.00 29.79 ? 113 ALA A O   1 
ATOM   866  C  CB  . ALA A 1 113 ? -8.079  13.102  -9.562  1.00 28.84 ? 113 ALA A CB  1 
ATOM   867  O  OXT . ALA A 1 113 ? -9.715  13.622  -11.867 1.00 36.41 ? 113 ALA A OXT 1 
ATOM   868  N  N   . GLU B 1 2   ? 25.081  0.337   5.646   1.00 56.01 ? 2   GLU B N   1 
ATOM   869  C  CA  . GLU B 1 2   ? 24.450  -1.002  5.463   1.00 56.79 ? 2   GLU B CA  1 
ATOM   870  C  C   . GLU B 1 2   ? 22.993  -0.850  5.029   1.00 54.97 ? 2   GLU B C   1 
ATOM   871  O  O   . GLU B 1 2   ? 22.119  -0.553  5.847   1.00 55.33 ? 2   GLU B O   1 
ATOM   872  C  CB  . GLU B 1 2   ? 24.526  -1.795  6.771   1.00 60.58 ? 2   GLU B CB  1 
ATOM   873  C  CG  . GLU B 1 2   ? 23.938  -3.196  6.699   1.00 67.14 ? 2   GLU B CG  1 
ATOM   874  C  CD  . GLU B 1 2   ? 24.717  -4.124  5.786   1.00 69.93 ? 2   GLU B CD  1 
ATOM   875  O  OE1 . GLU B 1 2   ? 24.310  -5.299  5.648   1.00 70.82 ? 2   GLU B OE1 1 
ATOM   876  O  OE2 . GLU B 1 2   ? 25.734  -3.685  5.206   1.00 72.04 ? 2   GLU B OE2 1 
ATOM   877  N  N   . SER B 1 3   ? 22.738  -1.054  3.740   1.00 50.80 ? 3   SER B N   1 
ATOM   878  C  CA  . SER B 1 3   ? 21.390  -0.934  3.190   1.00 48.20 ? 3   SER B CA  1 
ATOM   879  C  C   . SER B 1 3   ? 20.402  -1.889  3.855   1.00 45.53 ? 3   SER B C   1 
ATOM   880  O  O   . SER B 1 3   ? 20.791  -2.922  4.395   1.00 41.10 ? 3   SER B O   1 
ATOM   881  C  CB  . SER B 1 3   ? 21.408  -1.201  1.682   1.00 47.72 ? 3   SER B CB  1 
ATOM   882  O  OG  . SER B 1 3   ? 22.173  -0.225  0.997   1.00 49.34 ? 3   SER B OG  1 
ATOM   883  N  N   . LEU B 1 4   ? 19.122  -1.534  3.808   1.00 44.77 ? 4   LEU B N   1 
ATOM   884  C  CA  . LEU B 1 4   ? 18.082  -2.366  4.400   1.00 43.57 ? 4   LEU B CA  1 
ATOM   885  C  C   . LEU B 1 4   ? 18.009  -3.711  3.681   1.00 41.28 ? 4   LEU B C   1 
ATOM   886  O  O   . LEU B 1 4   ? 17.743  -4.743  4.296   1.00 39.23 ? 4   LEU B O   1 
ATOM   887  C  CB  . LEU B 1 4   ? 16.724  -1.664  4.321   1.00 42.56 ? 4   LEU B CB  1 
ATOM   888  C  CG  . LEU B 1 4   ? 15.536  -2.474  4.846   1.00 43.46 ? 4   LEU B CG  1 
ATOM   889  C  CD1 . LEU B 1 4   ? 15.788  -2.884  6.293   1.00 42.20 ? 4   LEU B CD1 1 
ATOM   890  C  CD2 . LEU B 1 4   ? 14.263  -1.650  4.734   1.00 39.01 ? 4   LEU B CD2 1 
ATOM   891  N  N   . LEU B 1 5   ? 18.241  -3.695  2.372   1.00 41.17 ? 5   LEU B N   1 
ATOM   892  C  CA  . LEU B 1 5   ? 18.214  -4.929  1.594   1.00 41.10 ? 5   LEU B CA  1 
ATOM   893  C  C   . LEU B 1 5   ? 19.282  -5.875  2.134   1.00 39.42 ? 5   LEU B C   1 
ATOM   894  O  O   . LEU B 1 5   ? 19.000  -7.037  2.431   1.00 36.50 ? 5   LEU B O   1 
ATOM   895  C  CB  . LEU B 1 5   ? 18.476  -4.637  0.115   1.00 39.34 ? 5   LEU B CB  1 
ATOM   896  C  CG  . LEU B 1 5   ? 18.568  -5.862  -0.799  1.00 39.01 ? 5   LEU B CG  1 
ATOM   897  C  CD1 . LEU B 1 5   ? 17.327  -6.727  -0.637  1.00 40.81 ? 5   LEU B CD1 1 
ATOM   898  C  CD2 . LEU B 1 5   ? 18.720  -5.406  -2.242  1.00 38.37 ? 5   LEU B CD2 1 
ATOM   899  N  N   . ASN B 1 6   ? 20.508  -5.373  2.258   1.00 41.07 ? 6   ASN B N   1 
ATOM   900  C  CA  . ASN B 1 6   ? 21.602  -6.186  2.780   1.00 43.56 ? 6   ASN B CA  1 
ATOM   901  C  C   . ASN B 1 6   ? 21.233  -6.683  4.167   1.00 40.46 ? 6   ASN B C   1 
ATOM   902  O  O   . ASN B 1 6   ? 21.552  -7.810  4.540   1.00 38.72 ? 6   ASN B O   1 
ATOM   903  C  CB  . ASN B 1 6   ? 22.898  -5.376  2.842   1.00 46.58 ? 6   ASN B CB  1 
ATOM   904  C  CG  . ASN B 1 6   ? 23.492  -5.125  1.472   1.00 50.97 ? 6   ASN B CG  1 
ATOM   905  O  OD1 . ASN B 1 6   ? 23.704  -6.058  0.697   1.00 52.87 ? 6   ASN B OD1 1 
ATOM   906  N  ND2 . ASN B 1 6   ? 23.769  -3.862  1.167   1.00 53.11 ? 6   ASN B ND2 1 
ATOM   907  N  N   . ARG B 1 7   ? 20.547  -5.831  4.921   1.00 39.62 ? 7   ARG B N   1 
ATOM   908  C  CA  . ARG B 1 7   ? 20.103  -6.162  6.271   1.00 40.34 ? 7   ARG B CA  1 
ATOM   909  C  C   . ARG B 1 7   ? 19.166  -7.369  6.229   1.00 39.22 ? 7   ARG B C   1 
ATOM   910  O  O   . ARG B 1 7   ? 19.317  -8.318  7.002   1.00 37.21 ? 7   ARG B O   1 
ATOM   911  C  CB  . ARG B 1 7   ? 19.359  -4.973  6.883   1.00 44.69 ? 7   ARG B CB  1 
ATOM   912  C  CG  . ARG B 1 7   ? 19.888  -4.510  8.227   1.00 50.21 ? 7   ARG B CG  1 
ATOM   913  C  CD  . ARG B 1 7   ? 20.936  -3.418  8.073   1.00 49.93 ? 7   ARG B CD  1 
ATOM   914  N  NE  . ARG B 1 7   ? 20.400  -2.223  7.420   1.00 51.06 ? 7   ARG B NE  1 
ATOM   915  C  CZ  . ARG B 1 7   ? 19.358  -1.525  7.862   1.00 52.57 ? 7   ARG B CZ  1 
ATOM   916  N  NH1 . ARG B 1 7   ? 18.721  -1.892  8.969   1.00 51.28 ? 7   ARG B NH1 1 
ATOM   917  N  NH2 . ARG B 1 7   ? 18.947  -0.454  7.194   1.00 51.59 ? 7   ARG B NH2 1 
ATOM   918  N  N   . LEU B 1 8   ? 18.191  -7.319  5.324   1.00 36.52 ? 8   LEU B N   1 
ATOM   919  C  CA  . LEU B 1 8   ? 17.221  -8.401  5.170   1.00 33.73 ? 8   LEU B CA  1 
ATOM   920  C  C   . LEU B 1 8   ? 17.908  -9.719  4.834   1.00 31.86 ? 8   LEU B C   1 
ATOM   921  O  O   . LEU B 1 8   ? 17.607  -10.752 5.426   1.00 31.89 ? 8   LEU B O   1 
ATOM   922  C  CB  . LEU B 1 8   ? 16.213  -8.052  4.070   1.00 34.12 ? 8   LEU B CB  1 
ATOM   923  C  CG  . LEU B 1 8   ? 15.240  -9.160  3.660   1.00 32.75 ? 8   LEU B CG  1 
ATOM   924  C  CD1 . LEU B 1 8   ? 14.373  -9.561  4.846   1.00 34.34 ? 8   LEU B CD1 1 
ATOM   925  C  CD2 . LEU B 1 8   ? 14.381  -8.667  2.511   1.00 37.40 ? 8   LEU B CD2 1 
ATOM   926  N  N   . TYR B 1 9   ? 18.822  -9.680  3.871   1.00 32.68 ? 9   TYR B N   1 
ATOM   927  C  CA  . TYR B 1 9   ? 19.551  -10.877 3.474   1.00 35.39 ? 9   TYR B CA  1 
ATOM   928  C  C   . TYR B 1 9   ? 20.243  -11.502 4.679   1.00 34.71 ? 9   TYR B C   1 
ATOM   929  O  O   . TYR B 1 9   ? 20.098  -12.697 4.936   1.00 32.50 ? 9   TYR B O   1 
ATOM   930  C  CB  . TYR B 1 9   ? 20.581  -10.529 2.395   1.00 37.48 ? 9   TYR B CB  1 
ATOM   931  C  CG  . TYR B 1 9   ? 19.994  -10.438 1.002   1.00 41.89 ? 9   TYR B CG  1 
ATOM   932  C  CD1 . TYR B 1 9   ? 20.579  -9.632  0.026   1.00 45.88 ? 9   TYR B CD1 1 
ATOM   933  C  CD2 . TYR B 1 9   ? 18.866  -11.180 0.652   1.00 44.84 ? 9   TYR B CD2 1 
ATOM   934  C  CE1 . TYR B 1 9   ? 20.054  -9.567  -1.267  1.00 47.58 ? 9   TYR B CE1 1 
ATOM   935  C  CE2 . TYR B 1 9   ? 18.336  -11.123 -0.632  1.00 46.86 ? 9   TYR B CE2 1 
ATOM   936  C  CZ  . TYR B 1 9   ? 18.931  -10.317 -1.586  1.00 49.53 ? 9   TYR B CZ  1 
ATOM   937  O  OH  . TYR B 1 9   ? 18.402  -10.269 -2.856  1.00 54.20 ? 9   TYR B OH  1 
ATOM   938  N  N   . ASP B 1 10  ? 20.985  -10.691 5.424   1.00 34.98 ? 10  ASP B N   1 
ATOM   939  C  CA  . ASP B 1 10  ? 21.684  -11.193 6.599   1.00 38.58 ? 10  ASP B CA  1 
ATOM   940  C  C   . ASP B 1 10  ? 20.682  -11.850 7.536   1.00 36.36 ? 10  ASP B C   1 
ATOM   941  O  O   . ASP B 1 10  ? 20.894  -12.966 8.003   1.00 37.16 ? 10  ASP B O   1 
ATOM   942  C  CB  . ASP B 1 10  ? 22.408  -10.055 7.328   1.00 41.28 ? 10  ASP B CB  1 
ATOM   943  C  CG  . ASP B 1 10  ? 23.378  -9.310  6.433   1.00 44.69 ? 10  ASP B CG  1 
ATOM   944  O  OD1 . ASP B 1 10  ? 24.012  -9.958  5.576   1.00 49.10 ? 10  ASP B OD1 1 
ATOM   945  O  OD2 . ASP B 1 10  ? 23.518  -8.079  6.591   1.00 47.41 ? 10  ASP B OD2 1 
ATOM   946  N  N   . ALA B 1 11  ? 19.579  -11.154 7.794   1.00 36.67 ? 11  ALA B N   1 
ATOM   947  C  CA  . ALA B 1 11  ? 18.537  -11.658 8.679   1.00 35.07 ? 11  ALA B CA  1 
ATOM   948  C  C   . ALA B 1 11  ? 17.958  -12.978 8.185   1.00 34.58 ? 11  ALA B C   1 
ATOM   949  O  O   . ALA B 1 11  ? 17.541  -13.817 8.982   1.00 36.10 ? 11  ALA B O   1 
ATOM   950  C  CB  . ALA B 1 11  ? 17.428  -10.624 8.812   1.00 35.37 ? 11  ALA B CB  1 
ATOM   951  N  N   . LEU B 1 12  ? 17.928  -13.157 6.869   1.00 35.78 ? 12  LEU B N   1 
ATOM   952  C  CA  . LEU B 1 12  ? 17.403  -14.382 6.272   1.00 35.29 ? 12  LEU B CA  1 
ATOM   953  C  C   . LEU B 1 12  ? 18.487  -15.444 6.177   1.00 35.86 ? 12  LEU B C   1 
ATOM   954  O  O   . LEU B 1 12  ? 18.211  -16.593 5.838   1.00 33.03 ? 12  LEU B O   1 
ATOM   955  C  CB  . LEU B 1 12  ? 16.856  -14.100 4.870   1.00 34.81 ? 12  LEU B CB  1 
ATOM   956  C  CG  . LEU B 1 12  ? 15.482  -13.442 4.765   1.00 35.83 ? 12  LEU B CG  1 
ATOM   957  C  CD1 . LEU B 1 12  ? 15.197  -13.086 3.313   1.00 35.50 ? 12  LEU B CD1 1 
ATOM   958  C  CD2 . LEU B 1 12  ? 14.419  -14.394 5.307   1.00 36.27 ? 12  LEU B CD2 1 
ATOM   959  N  N   . GLY B 1 13  ? 19.723  -15.045 6.467   1.00 38.64 ? 13  GLY B N   1 
ATOM   960  C  CA  . GLY B 1 13  ? 20.841  -15.971 6.395   1.00 39.53 ? 13  GLY B CA  1 
ATOM   961  C  C   . GLY B 1 13  ? 21.376  -16.106 4.980   1.00 40.45 ? 13  GLY B C   1 
ATOM   962  O  O   . GLY B 1 13  ? 22.326  -16.846 4.734   1.00 42.54 ? 13  GLY B O   1 
ATOM   963  N  N   . LEU B 1 14  ? 20.769  -15.384 4.045   1.00 40.67 ? 14  LEU B N   1 
ATOM   964  C  CA  . LEU B 1 14  ? 21.179  -15.429 2.646   1.00 41.01 ? 14  LEU B CA  1 
ATOM   965  C  C   . LEU B 1 14  ? 22.505  -14.721 2.410   1.00 42.94 ? 14  LEU B C   1 
ATOM   966  O  O   . LEU B 1 14  ? 22.756  -13.650 2.964   1.00 46.77 ? 14  LEU B O   1 
ATOM   967  C  CB  . LEU B 1 14  ? 20.107  -14.786 1.764   1.00 39.83 ? 14  LEU B CB  1 
ATOM   968  C  CG  . LEU B 1 14  ? 18.724  -15.434 1.778   1.00 37.55 ? 14  LEU B CG  1 
ATOM   969  C  CD1 . LEU B 1 14  ? 17.766  -14.618 0.933   1.00 36.48 ? 14  LEU B CD1 1 
ATOM   970  C  CD2 . LEU B 1 14  ? 18.826  -16.855 1.255   1.00 40.20 ? 14  LEU B CD2 1 
ATOM   971  N  N   . ASP B 1 15  ? 23.352  -15.321 1.583   1.00 41.99 ? 15  ASP B N   1 
ATOM   972  C  CA  . ASP B 1 15  ? 24.640  -14.725 1.266   1.00 44.86 ? 15  ASP B CA  1 
ATOM   973  C  C   . ASP B 1 15  ? 24.761  -14.464 -0.236  1.00 44.66 ? 15  ASP B C   1 
ATOM   974  O  O   . ASP B 1 15  ? 25.377  -15.243 -0.965  1.00 42.99 ? 15  ASP B O   1 
ATOM   975  C  CB  . ASP B 1 15  ? 25.779  -15.634 1.723   1.00 45.37 ? 15  ASP B CB  1 
ATOM   976  C  CG  . ASP B 1 15  ? 27.132  -14.966 1.597   1.00 49.88 ? 15  ASP B CG  1 
ATOM   977  O  OD1 . ASP B 1 15  ? 28.148  -15.591 1.970   1.00 50.84 ? 15  ASP B OD1 1 
ATOM   978  O  OD2 . ASP B 1 15  ? 27.179  -13.807 1.127   1.00 48.66 ? 15  ASP B OD2 1 
ATOM   979  N  N   . ALA B 1 16  ? 24.164  -13.368 -0.692  1.00 45.64 ? 16  ALA B N   1 
ATOM   980  C  CA  . ALA B 1 16  ? 24.217  -13.006 -2.104  1.00 46.58 ? 16  ALA B CA  1 
ATOM   981  C  C   . ALA B 1 16  ? 25.471  -12.177 -2.353  1.00 48.20 ? 16  ALA B C   1 
ATOM   982  O  O   . ALA B 1 16  ? 25.776  -11.254 -1.596  1.00 46.63 ? 16  ALA B O   1 
ATOM   983  C  CB  . ALA B 1 16  ? 22.977  -12.214 -2.488  1.00 46.49 ? 16  ALA B CB  1 
ATOM   984  N  N   . PRO B 1 17  ? 26.214  -12.494 -3.424  1.00 50.15 ? 17  PRO B N   1 
ATOM   985  C  CA  . PRO B 1 17  ? 27.440  -11.755 -3.745  1.00 51.16 ? 17  PRO B CA  1 
ATOM   986  C  C   . PRO B 1 17  ? 27.176  -10.315 -4.186  1.00 52.05 ? 17  PRO B C   1 
ATOM   987  O  O   . PRO B 1 17  ? 26.019  -10.011 -4.552  1.00 53.44 ? 17  PRO B O   1 
ATOM   988  C  CB  . PRO B 1 17  ? 28.061  -12.599 -4.852  1.00 50.96 ? 17  PRO B CB  1 
ATOM   989  C  CG  . PRO B 1 17  ? 26.853  -13.115 -5.577  1.00 49.96 ? 17  PRO B CG  1 
ATOM   990  C  CD  . PRO B 1 17  ? 25.947  -13.533 -4.436  1.00 50.67 ? 17  PRO B CD  1 
ATOM   991  N  N   . LEU B 1 22  ? 17.529  -9.815  -7.089  1.00 28.74 ? 22  LEU B N   1 
ATOM   992  C  CA  . LEU B 1 22  ? 16.401  -10.752 -7.374  1.00 27.71 ? 22  LEU B CA  1 
ATOM   993  C  C   . LEU B 1 22  ? 16.559  -12.076 -6.630  1.00 27.28 ? 22  LEU B C   1 
ATOM   994  O  O   . LEU B 1 22  ? 17.619  -12.698 -6.664  1.00 25.43 ? 22  LEU B O   1 
ATOM   995  C  CB  . LEU B 1 22  ? 16.305  -11.018 -8.880  1.00 29.85 ? 22  LEU B CB  1 
ATOM   996  C  CG  . LEU B 1 22  ? 15.331  -12.133 -9.273  1.00 34.30 ? 22  LEU B CG  1 
ATOM   997  C  CD1 . LEU B 1 22  ? 13.927  -11.767 -8.815  1.00 36.78 ? 22  LEU B CD1 1 
ATOM   998  C  CD2 . LEU B 1 22  ? 15.369  -12.350 -10.778 1.00 34.11 ? 22  LEU B CD2 1 
ATOM   999  N  N   . LEU B 1 23  ? 15.490  -12.508 -5.974  1.00 23.36 ? 23  LEU B N   1 
ATOM   1000 C  CA  . LEU B 1 23  ? 15.495  -13.747 -5.205  1.00 28.84 ? 23  LEU B CA  1 
ATOM   1001 C  C   . LEU B 1 23  ? 14.408  -14.701 -5.692  1.00 28.85 ? 23  LEU B C   1 
ATOM   1002 O  O   . LEU B 1 23  ? 13.223  -14.409 -5.559  1.00 32.49 ? 23  LEU B O   1 
ATOM   1003 C  CB  . LEU B 1 23  ? 15.271  -13.410 -3.733  1.00 29.18 ? 23  LEU B CB  1 
ATOM   1004 C  CG  . LEU B 1 23  ? 15.385  -14.507 -2.682  1.00 36.65 ? 23  LEU B CG  1 
ATOM   1005 C  CD1 . LEU B 1 23  ? 16.814  -15.025 -2.633  1.00 37.42 ? 23  LEU B CD1 1 
ATOM   1006 C  CD2 . LEU B 1 23  ? 14.977  -13.940 -1.333  1.00 35.76 ? 23  LEU B CD2 1 
ATOM   1007 N  N   . ILE B 1 24  ? 14.806  -15.842 -6.248  1.00 28.13 ? 24  ILE B N   1 
ATOM   1008 C  CA  . ILE B 1 24  ? 13.839  -16.818 -6.751  1.00 32.40 ? 24  ILE B CA  1 
ATOM   1009 C  C   . ILE B 1 24  ? 13.693  -18.053 -5.863  1.00 36.46 ? 24  ILE B C   1 
ATOM   1010 O  O   . ILE B 1 24  ? 14.680  -18.693 -5.497  1.00 37.01 ? 24  ILE B O   1 
ATOM   1011 C  CB  . ILE B 1 24  ? 14.198  -17.280 -8.186  1.00 32.16 ? 24  ILE B CB  1 
ATOM   1012 C  CG1 . ILE B 1 24  ? 13.346  -18.494 -8.567  1.00 35.66 ? 24  ILE B CG1 1 
ATOM   1013 C  CG2 . ILE B 1 24  ? 15.683  -17.588 -8.279  1.00 38.94 ? 24  ILE B CG2 1 
ATOM   1014 C  CD1 . ILE B 1 24  ? 13.684  -19.097 -9.908  1.00 36.52 ? 24  ILE B CD1 1 
ATOM   1015 N  N   . ILE B 1 25  ? 12.448  -18.385 -5.532  1.00 38.99 ? 25  ILE B N   1 
ATOM   1016 C  CA  . ILE B 1 25  ? 12.148  -19.538 -4.688  1.00 43.63 ? 25  ILE B CA  1 
ATOM   1017 C  C   . ILE B 1 25  ? 11.348  -20.590 -5.459  1.00 46.42 ? 25  ILE B C   1 
ATOM   1018 O  O   . ILE B 1 25  ? 10.416  -20.261 -6.190  1.00 45.95 ? 25  ILE B O   1 
ATOM   1019 C  CB  . ILE B 1 25  ? 11.334  -19.112 -3.454  1.00 41.02 ? 25  ILE B CB  1 
ATOM   1020 C  CG1 . ILE B 1 25  ? 12.035  -17.950 -2.749  1.00 41.77 ? 25  ILE B CG1 1 
ATOM   1021 C  CG2 . ILE B 1 25  ? 11.172  -20.288 -2.507  1.00 42.95 ? 25  ILE B CG2 1 
ATOM   1022 C  CD1 . ILE B 1 25  ? 11.236  -17.354 -1.611  1.00 43.59 ? 25  ILE B CD1 1 
ATOM   1023 N  N   . ASP B 1 26  ? 11.708  -21.859 -5.283  1.00 52.78 ? 26  ASP B N   1 
ATOM   1024 C  CA  . ASP B 1 26  ? 11.021  -22.952 -5.967  1.00 56.58 ? 26  ASP B CA  1 
ATOM   1025 C  C   . ASP B 1 26  ? 9.521   -23.033 -5.699  1.00 58.13 ? 26  ASP B C   1 
ATOM   1026 O  O   . ASP B 1 26  ? 8.854   -23.966 -6.151  1.00 59.14 ? 26  ASP B O   1 
ATOM   1027 C  CB  . ASP B 1 26  ? 11.671  -24.286 -5.615  1.00 60.22 ? 26  ASP B CB  1 
ATOM   1028 C  CG  . ASP B 1 26  ? 13.016  -24.465 -6.283  1.00 62.89 ? 26  ASP B CG  1 
ATOM   1029 O  OD1 . ASP B 1 26  ? 13.620  -25.541 -6.106  1.00 65.35 ? 26  ASP B OD1 1 
ATOM   1030 O  OD2 . ASP B 1 26  ? 13.463  -23.532 -6.987  1.00 62.90 ? 26  ASP B OD2 1 
ATOM   1031 N  N   . ASP B 1 27  ? 8.993   -22.068 -4.953  1.00 56.38 ? 27  ASP B N   1 
ATOM   1032 C  CA  . ASP B 1 27  ? 7.564   -22.026 -4.676  1.00 53.99 ? 27  ASP B CA  1 
ATOM   1033 C  C   . ASP B 1 27  ? 6.941   -21.371 -5.898  1.00 52.14 ? 27  ASP B C   1 
ATOM   1034 O  O   . ASP B 1 27  ? 5.775   -20.975 -5.880  1.00 52.65 ? 27  ASP B O   1 
ATOM   1035 C  CB  . ASP B 1 27  ? 7.274   -21.163 -3.447  1.00 54.22 ? 27  ASP B CB  1 
ATOM   1036 C  CG  . ASP B 1 27  ? 7.884   -21.723 -2.183  1.00 57.90 ? 27  ASP B CG  1 
ATOM   1037 O  OD1 . ASP B 1 27  ? 7.788   -21.051 -1.134  1.00 56.70 ? 27  ASP B OD1 1 
ATOM   1038 O  OD2 . ASP B 1 27  ? 8.455   -22.834 -2.236  1.00 60.89 ? 27  ASP B OD2 1 
ATOM   1039 N  N   . GLY B 1 28  ? 7.734   -21.260 -6.960  1.00 49.51 ? 28  GLY B N   1 
ATOM   1040 C  CA  . GLY B 1 28  ? 7.262   -20.621 -8.172  1.00 45.79 ? 28  GLY B CA  1 
ATOM   1041 C  C   . GLY B 1 28  ? 7.064   -19.150 -7.864  1.00 44.47 ? 28  GLY B C   1 
ATOM   1042 O  O   . GLY B 1 28  ? 6.048   -18.562 -8.237  1.00 44.76 ? 28  GLY B O   1 
ATOM   1043 N  N   . ILE B 1 29  ? 8.038   -18.556 -7.176  1.00 39.95 ? 29  ILE B N   1 
ATOM   1044 C  CA  . ILE B 1 29  ? 7.956   -17.151 -6.790  1.00 36.48 ? 29  ILE B CA  1 
ATOM   1045 C  C   . ILE B 1 29  ? 9.254   -16.361 -6.990  1.00 33.79 ? 29  ILE B C   1 
ATOM   1046 O  O   . ILE B 1 29  ? 10.309  -16.717 -6.461  1.00 33.81 ? 29  ILE B O   1 
ATOM   1047 C  CB  . ILE B 1 29  ? 7.517   -17.029 -5.316  1.00 37.23 ? 29  ILE B CB  1 
ATOM   1048 C  CG1 . ILE B 1 29  ? 7.616   -15.575 -4.849  1.00 36.77 ? 29  ILE B CG1 1 
ATOM   1049 C  CG2 . ILE B 1 29  ? 8.374   -17.930 -4.452  1.00 42.56 ? 29  ILE B CG2 1 
ATOM   1050 C  CD1 . ILE B 1 29  ? 7.157   -15.361 -3.423  1.00 43.29 ? 29  ILE B CD1 1 
ATOM   1051 N  N   . GLN B 1 30  ? 9.148   -15.275 -7.748  1.00 28.37 ? 30  GLN B N   1 
ATOM   1052 C  CA  . GLN B 1 30  ? 10.275  -14.403 -8.041  1.00 28.14 ? 30  GLN B CA  1 
ATOM   1053 C  C   . GLN B 1 30  ? 10.106  -13.080 -7.304  1.00 28.79 ? 30  GLN B C   1 
ATOM   1054 O  O   . GLN B 1 30  ? 9.153   -12.344 -7.558  1.00 26.60 ? 30  GLN B O   1 
ATOM   1055 C  CB  . GLN B 1 30  ? 10.340  -14.134 -9.544  1.00 29.35 ? 30  GLN B CB  1 
ATOM   1056 C  CG  . GLN B 1 30  ? 10.586  -15.365 -10.386 1.00 38.31 ? 30  GLN B CG  1 
ATOM   1057 C  CD  . GLN B 1 30  ? 10.404  -15.097 -11.867 1.00 43.36 ? 30  GLN B CD  1 
ATOM   1058 O  OE1 . GLN B 1 30  ? 10.896  -14.097 -12.396 1.00 44.18 ? 30  GLN B OE1 1 
ATOM   1059 N  NE2 . GLN B 1 30  ? 9.700   -15.995 -12.548 1.00 45.59 ? 30  GLN B NE2 1 
ATOM   1060 N  N   . VAL B 1 31  ? 11.024  -12.775 -6.393  1.00 25.02 ? 31  VAL B N   1 
ATOM   1061 C  CA  . VAL B 1 31  ? 10.938  -11.529 -5.642  1.00 23.16 ? 31  VAL B CA  1 
ATOM   1062 C  C   . VAL B 1 31  ? 11.994  -10.533 -6.099  1.00 25.02 ? 31  VAL B C   1 
ATOM   1063 O  O   . VAL B 1 31  ? 13.193  -10.825 -6.065  1.00 27.01 ? 31  VAL B O   1 
ATOM   1064 C  CB  . VAL B 1 31  ? 11.104  -11.764 -4.124  1.00 23.84 ? 31  VAL B CB  1 
ATOM   1065 C  CG1 . VAL B 1 31  ? 10.990  -10.440 -3.378  1.00 24.91 ? 31  VAL B CG1 1 
ATOM   1066 C  CG2 . VAL B 1 31  ? 10.047  -12.739 -3.625  1.00 24.50 ? 31  VAL B CG2 1 
ATOM   1067 N  N   . TYR B 1 32  ? 11.537  -9.362  -6.532  1.00 22.68 ? 32  TYR B N   1 
ATOM   1068 C  CA  . TYR B 1 32  ? 12.421  -8.296  -6.992  1.00 25.64 ? 32  TYR B CA  1 
ATOM   1069 C  C   . TYR B 1 32  ? 12.462  -7.210  -5.931  1.00 27.99 ? 32  TYR B C   1 
ATOM   1070 O  O   . TYR B 1 32  ? 11.447  -6.903  -5.313  1.00 27.12 ? 32  TYR B O   1 
ATOM   1071 C  CB  . TYR B 1 32  ? 11.897  -7.696  -8.299  1.00 29.79 ? 32  TYR B CB  1 
ATOM   1072 C  CG  . TYR B 1 32  ? 11.961  -8.632  -9.477  1.00 34.19 ? 32  TYR B CG  1 
ATOM   1073 C  CD1 . TYR B 1 32  ? 13.103  -8.697  -10.278 1.00 34.28 ? 32  TYR B CD1 1 
ATOM   1074 C  CD2 . TYR B 1 32  ? 10.887  -9.466  -9.786  1.00 35.55 ? 32  TYR B CD2 1 
ATOM   1075 C  CE1 . TYR B 1 32  ? 13.173  -9.572  -11.362 1.00 38.31 ? 32  TYR B CE1 1 
ATOM   1076 C  CE2 . TYR B 1 32  ? 10.948  -10.349 -10.864 1.00 37.30 ? 32  TYR B CE2 1 
ATOM   1077 C  CZ  . TYR B 1 32  ? 12.092  -10.395 -11.648 1.00 37.86 ? 32  TYR B CZ  1 
ATOM   1078 O  OH  . TYR B 1 32  ? 12.160  -11.266 -12.712 1.00 41.88 ? 32  TYR B OH  1 
ATOM   1079 N  N   . PHE B 1 33  ? 13.634  -6.618  -5.734  1.00 27.48 ? 33  PHE B N   1 
ATOM   1080 C  CA  . PHE B 1 33  ? 13.792  -5.568  -4.743  1.00 29.37 ? 33  PHE B CA  1 
ATOM   1081 C  C   . PHE B 1 33  ? 14.125  -4.220  -5.380  1.00 30.75 ? 33  PHE B C   1 
ATOM   1082 O  O   . PHE B 1 33  ? 14.996  -4.120  -6.248  1.00 31.41 ? 33  PHE B O   1 
ATOM   1083 C  CB  . PHE B 1 33  ? 14.883  -5.961  -3.745  1.00 28.15 ? 33  PHE B CB  1 
ATOM   1084 C  CG  . PHE B 1 33  ? 14.525  -7.145  -2.891  1.00 27.96 ? 33  PHE B CG  1 
ATOM   1085 C  CD1 . PHE B 1 33  ? 13.602  -7.020  -1.858  1.00 26.29 ? 33  PHE B CD1 1 
ATOM   1086 C  CD2 . PHE B 1 33  ? 15.107  -8.389  -3.121  1.00 28.35 ? 33  PHE B CD2 1 
ATOM   1087 C  CE1 . PHE B 1 33  ? 13.265  -8.113  -1.069  1.00 27.89 ? 33  PHE B CE1 1 
ATOM   1088 C  CE2 . PHE B 1 33  ? 14.776  -9.488  -2.336  1.00 26.10 ? 33  PHE B CE2 1 
ATOM   1089 C  CZ  . PHE B 1 33  ? 13.853  -9.350  -1.309  1.00 28.47 ? 33  PHE B CZ  1 
ATOM   1090 N  N   . ASN B 1 34  ? 13.412  -3.188  -4.941  1.00 33.46 ? 34  ASN B N   1 
ATOM   1091 C  CA  . ASN B 1 34  ? 13.609  -1.831  -5.431  1.00 40.09 ? 34  ASN B CA  1 
ATOM   1092 C  C   . ASN B 1 34  ? 13.966  -0.954  -4.231  1.00 40.71 ? 34  ASN B C   1 
ATOM   1093 O  O   . ASN B 1 34  ? 13.182  -0.838  -3.288  1.00 40.63 ? 34  ASN B O   1 
ATOM   1094 C  CB  . ASN B 1 34  ? 12.322  -1.325  -6.087  1.00 43.64 ? 34  ASN B CB  1 
ATOM   1095 C  CG  . ASN B 1 34  ? 12.515  -0.009  -6.811  1.00 49.66 ? 34  ASN B CG  1 
ATOM   1096 O  OD1 . ASN B 1 34  ? 12.952  0.981   -6.224  1.00 53.30 ? 34  ASN B OD1 1 
ATOM   1097 N  ND2 . ASN B 1 34  ? 12.187  0.009   -8.098  1.00 50.63 ? 34  ASN B ND2 1 
ATOM   1098 N  N   . GLU B 1 35  ? 15.150  -0.348  -4.259  1.00 44.20 ? 35  GLU B N   1 
ATOM   1099 C  CA  . GLU B 1 35  ? 15.592  0.494   -3.151  1.00 48.58 ? 35  GLU B CA  1 
ATOM   1100 C  C   . GLU B 1 35  ? 15.628  1.984   -3.459  1.00 51.37 ? 35  GLU B C   1 
ATOM   1101 O  O   . GLU B 1 35  ? 16.450  2.718   -2.904  1.00 52.45 ? 35  GLU B O   1 
ATOM   1102 C  CB  . GLU B 1 35  ? 16.978  0.058   -2.669  1.00 50.52 ? 35  GLU B CB  1 
ATOM   1103 C  CG  . GLU B 1 35  ? 16.993  -1.239  -1.888  1.00 52.65 ? 35  GLU B CG  1 
ATOM   1104 C  CD  . GLU B 1 35  ? 18.347  -1.513  -1.259  1.00 55.06 ? 35  GLU B CD  1 
ATOM   1105 O  OE1 . GLU B 1 35  ? 19.325  -1.706  -2.011  1.00 56.74 ? 35  GLU B OE1 1 
ATOM   1106 O  OE2 . GLU B 1 35  ? 18.432  -1.527  -0.011  1.00 54.32 ? 35  GLU B OE2 1 
ATOM   1107 N  N   . SER B 1 36  ? 14.736  2.439   -4.332  1.00 53.57 ? 36  SER B N   1 
ATOM   1108 C  CA  . SER B 1 36  ? 14.693  3.853   -4.684  1.00 55.44 ? 36  SER B CA  1 
ATOM   1109 C  C   . SER B 1 36  ? 13.743  4.608   -3.757  1.00 55.77 ? 36  SER B C   1 
ATOM   1110 O  O   . SER B 1 36  ? 12.974  4.001   -3.010  1.00 55.44 ? 36  SER B O   1 
ATOM   1111 C  CB  . SER B 1 36  ? 14.255  4.027   -6.142  1.00 54.78 ? 36  SER B CB  1 
ATOM   1112 O  OG  . SER B 1 36  ? 12.964  3.487   -6.363  1.00 57.47 ? 36  SER B OG  1 
ATOM   1113 N  N   . ASP B 1 37  ? 13.816  5.935   -3.801  1.00 56.67 ? 37  ASP B N   1 
ATOM   1114 C  CA  . ASP B 1 37  ? 12.963  6.786   -2.979  1.00 56.06 ? 37  ASP B CA  1 
ATOM   1115 C  C   . ASP B 1 37  ? 13.066  6.496   -1.483  1.00 54.40 ? 37  ASP B C   1 
ATOM   1116 O  O   . ASP B 1 37  ? 12.054  6.432   -0.782  1.00 52.57 ? 37  ASP B O   1 
ATOM   1117 C  CB  . ASP B 1 37  ? 11.506  6.655   -3.432  1.00 59.18 ? 37  ASP B CB  1 
ATOM   1118 C  CG  . ASP B 1 37  ? 11.284  7.176   -4.842  1.00 61.44 ? 37  ASP B CG  1 
ATOM   1119 O  OD1 . ASP B 1 37  ? 10.152  7.043   -5.354  1.00 63.75 ? 37  ASP B OD1 1 
ATOM   1120 O  OD2 . ASP B 1 37  ? 12.238  7.721   -5.436  1.00 61.07 ? 37  ASP B OD2 1 
ATOM   1121 N  N   . HIS B 1 38  ? 14.294  6.319   -1.002  1.00 52.58 ? 38  HIS B N   1 
ATOM   1122 C  CA  . HIS B 1 38  ? 14.553  6.062   0.413   1.00 51.22 ? 38  HIS B CA  1 
ATOM   1123 C  C   . HIS B 1 38  ? 13.687  4.966   1.034   1.00 49.77 ? 38  HIS B C   1 
ATOM   1124 O  O   . HIS B 1 38  ? 13.321  5.049   2.205   1.00 49.87 ? 38  HIS B O   1 
ATOM   1125 C  CB  . HIS B 1 38  ? 14.375  7.360   1.210   1.00 51.44 ? 38  HIS B CB  1 
ATOM   1126 C  CG  . HIS B 1 38  ? 15.356  8.432   0.847   1.00 50.41 ? 38  HIS B CG  1 
ATOM   1127 N  ND1 . HIS B 1 38  ? 16.682  8.386   1.223   1.00 50.30 ? 38  HIS B ND1 1 
ATOM   1128 C  CD2 . HIS B 1 38  ? 15.211  9.567   0.123   1.00 51.02 ? 38  HIS B CD2 1 
ATOM   1129 C  CE1 . HIS B 1 38  ? 17.309  9.448   0.747   1.00 50.58 ? 38  HIS B CE1 1 
ATOM   1130 N  NE2 . HIS B 1 38  ? 16.439  10.180  0.076   1.00 51.00 ? 38  HIS B NE2 1 
ATOM   1131 N  N   . THR B 1 39  ? 13.362  3.939   0.256   1.00 47.63 ? 39  THR B N   1 
ATOM   1132 C  CA  . THR B 1 39  ? 12.545  2.840   0.766   1.00 43.64 ? 39  THR B CA  1 
ATOM   1133 C  C   . THR B 1 39  ? 12.953  1.513   0.139   1.00 38.66 ? 39  THR B C   1 
ATOM   1134 O  O   . THR B 1 39  ? 13.660  1.485   -0.866  1.00 37.66 ? 39  THR B O   1 
ATOM   1135 C  CB  . THR B 1 39  ? 11.045  3.066   0.475   1.00 45.93 ? 39  THR B CB  1 
ATOM   1136 O  OG1 . THR B 1 39  ? 10.834  3.094   -0.941  1.00 48.23 ? 39  THR B OG1 1 
ATOM   1137 C  CG2 . THR B 1 39  ? 10.569  4.385   1.078   1.00 48.34 ? 39  THR B CG2 1 
ATOM   1138 N  N   . LEU B 1 40  ? 12.513  0.417   0.748   1.00 35.16 ? 40  LEU B N   1 
ATOM   1139 C  CA  . LEU B 1 40  ? 12.801  -0.919  0.238   1.00 32.27 ? 40  LEU B CA  1 
ATOM   1140 C  C   . LEU B 1 40  ? 11.486  -1.524  -0.237  1.00 30.72 ? 40  LEU B C   1 
ATOM   1141 O  O   . LEU B 1 40  ? 10.587  -1.768  0.562   1.00 28.55 ? 40  LEU B O   1 
ATOM   1142 C  CB  . LEU B 1 40  ? 13.396  -1.806  1.328   1.00 32.09 ? 40  LEU B CB  1 
ATOM   1143 C  CG  . LEU B 1 40  ? 13.596  -3.262  0.887   1.00 31.94 ? 40  LEU B CG  1 
ATOM   1144 C  CD1 . LEU B 1 40  ? 14.641  -3.325  -0.216  1.00 30.62 ? 40  LEU B CD1 1 
ATOM   1145 C  CD2 . LEU B 1 40  ? 14.015  -4.111  2.074   1.00 33.68 ? 40  LEU B CD2 1 
ATOM   1146 N  N   . GLU B 1 41  ? 11.383  -1.772  -1.536  1.00 31.67 ? 41  GLU B N   1 
ATOM   1147 C  CA  . GLU B 1 41  ? 10.162  -2.325  -2.103  1.00 31.64 ? 41  GLU B CA  1 
ATOM   1148 C  C   . GLU B 1 41  ? 10.329  -3.761  -2.589  1.00 29.59 ? 41  GLU B C   1 
ATOM   1149 O  O   . GLU B 1 41  ? 11.247  -4.064  -3.342  1.00 30.50 ? 41  GLU B O   1 
ATOM   1150 C  CB  . GLU B 1 41  ? 9.700   -1.449  -3.268  1.00 32.53 ? 41  GLU B CB  1 
ATOM   1151 C  CG  . GLU B 1 41  ? 8.333   -1.803  -3.827  1.00 34.96 ? 41  GLU B CG  1 
ATOM   1152 C  CD  . GLU B 1 41  ? 8.004   -1.021  -5.084  1.00 36.47 ? 41  GLU B CD  1 
ATOM   1153 O  OE1 . GLU B 1 41  ? 6.813   -0.950  -5.447  1.00 37.91 ? 41  GLU B OE1 1 
ATOM   1154 O  OE2 . GLU B 1 41  ? 8.937   -0.484  -5.717  1.00 41.11 ? 41  GLU B OE2 1 
HETATM 1155 N  N   . MSE B 1 42  ? 9.437   -4.640  -2.146  1.00 27.85 ? 42  MSE B N   1 
HETATM 1156 C  CA  . MSE B 1 42  ? 9.463   -6.034  -2.568  1.00 24.03 ? 42  MSE B CA  1 
HETATM 1157 C  C   . MSE B 1 42  ? 8.408   -6.167  -3.649  1.00 23.59 ? 42  MSE B C   1 
HETATM 1158 O  O   . MSE B 1 42  ? 7.287   -5.692  -3.482  1.00 23.81 ? 42  MSE B O   1 
HETATM 1159 C  CB  . MSE B 1 42  ? 9.118   -6.950  -1.406  1.00 24.64 ? 42  MSE B CB  1 
HETATM 1160 C  CG  . MSE B 1 42  ? 10.164  -6.977  -0.330  1.00 35.11 ? 42  MSE B CG  1 
HETATM 1161 SE SE  . MSE B 1 42  ? 9.488   -7.856  1.220   1.00 39.96 ? 42  MSE B SE  1 
HETATM 1162 C  CE  . MSE B 1 42  ? 10.017  -6.538  2.533   1.00 40.21 ? 42  MSE B CE  1 
ATOM   1163 N  N   . CYS B 1 43  ? 8.758   -6.826  -4.746  1.00 20.68 ? 43  CYS B N   1 
ATOM   1164 C  CA  . CYS B 1 43  ? 7.832   -6.969  -5.856  1.00 22.75 ? 43  CYS B CA  1 
ATOM   1165 C  C   . CYS B 1 43  ? 7.805   -8.395  -6.376  1.00 22.63 ? 43  CYS B C   1 
ATOM   1166 O  O   . CYS B 1 43  ? 8.843   -9.040  -6.496  1.00 25.24 ? 43  CYS B O   1 
ATOM   1167 C  CB  . CYS B 1 43  ? 8.250   -6.026  -6.988  1.00 22.29 ? 43  CYS B CB  1 
ATOM   1168 S  SG  A CYS B 1 43  ? 8.632   -4.353  -6.452  0.50 21.97 ? 43  CYS B SG  1 
ATOM   1169 S  SG  B CYS B 1 43  ? 7.129   -5.977  -8.401  0.50 24.94 ? 43  CYS B SG  1 
ATOM   1170 N  N   . CYS B 1 44  ? 6.614   -8.894  -6.676  1.00 20.06 ? 44  CYS B N   1 
ATOM   1171 C  CA  . CYS B 1 44  ? 6.503   -10.238 -7.211  1.00 19.32 ? 44  CYS B CA  1 
ATOM   1172 C  C   . CYS B 1 44  ? 5.427   -10.355 -8.268  1.00 18.44 ? 44  CYS B C   1 
ATOM   1173 O  O   . CYS B 1 44  ? 4.246   -10.248 -7.970  1.00 19.38 ? 44  CYS B O   1 
ATOM   1174 C  CB  . CYS B 1 44  ? 6.204   -11.254 -6.114  1.00 18.07 ? 44  CYS B CB  1 
ATOM   1175 S  SG  . CYS B 1 44  ? 5.952   -12.924 -6.787  1.00 24.05 ? 44  CYS B SG  1 
ATOM   1176 N  N   . PRO B 1 45  ? 5.828   -10.568 -9.525  1.00 21.29 ? 45  PRO B N   1 
ATOM   1177 C  CA  . PRO B 1 45  ? 4.859   -10.712 -10.617 1.00 23.39 ? 45  PRO B CA  1 
ATOM   1178 C  C   . PRO B 1 45  ? 4.230   -12.089 -10.424 1.00 24.42 ? 45  PRO B C   1 
ATOM   1179 O  O   . PRO B 1 45  ? 4.910   -13.109 -10.539 1.00 29.23 ? 45  PRO B O   1 
ATOM   1180 C  CB  . PRO B 1 45  ? 5.737   -10.620 -11.862 1.00 24.94 ? 45  PRO B CB  1 
ATOM   1181 C  CG  . PRO B 1 45  ? 7.030   -11.236 -11.399 1.00 27.27 ? 45  PRO B CG  1 
ATOM   1182 C  CD  . PRO B 1 45  ? 7.213   -10.650 -10.023 1.00 24.00 ? 45  PRO B CD  1 
ATOM   1183 N  N   . PHE B 1 46  ? 2.940   -12.126 -10.115 1.00 25.76 ? 46  PHE B N   1 
ATOM   1184 C  CA  . PHE B 1 46  ? 2.289   -13.402 -9.862  1.00 22.73 ? 46  PHE B CA  1 
ATOM   1185 C  C   . PHE B 1 46  ? 1.330   -13.933 -10.923 1.00 25.38 ? 46  PHE B C   1 
ATOM   1186 O  O   . PHE B 1 46  ? 0.926   -15.094 -10.856 1.00 26.63 ? 46  PHE B O   1 
ATOM   1187 C  CB  . PHE B 1 46  ? 1.598   -13.356 -8.495  1.00 19.96 ? 46  PHE B CB  1 
ATOM   1188 C  CG  . PHE B 1 46  ? 0.463   -12.372 -8.405  1.00 19.71 ? 46  PHE B CG  1 
ATOM   1189 C  CD1 . PHE B 1 46  ? -0.850  -12.781 -8.639  1.00 19.65 ? 46  PHE B CD1 1 
ATOM   1190 C  CD2 . PHE B 1 46  ? 0.701   -11.046 -8.060  1.00 17.15 ? 46  PHE B CD2 1 
ATOM   1191 C  CE1 . PHE B 1 46  ? -1.910  -11.885 -8.527  1.00 19.76 ? 46  PHE B CE1 1 
ATOM   1192 C  CE2 . PHE B 1 46  ? -0.352  -10.132 -7.941  1.00 17.88 ? 46  PHE B CE2 1 
ATOM   1193 C  CZ  . PHE B 1 46  ? -1.661  -10.552 -8.175  1.00 23.40 ? 46  PHE B CZ  1 
HETATM 1194 N  N   . MSE B 1 47  ? 0.963   -13.098 -11.890 1.00 24.90 ? 47  MSE B N   1 
HETATM 1195 C  CA  . MSE B 1 47  ? 0.068   -13.523 -12.966 1.00 27.52 ? 47  MSE B CA  1 
HETATM 1196 C  C   . MSE B 1 47  ? 0.031   -12.466 -14.060 1.00 28.51 ? 47  MSE B C   1 
HETATM 1197 O  O   . MSE B 1 47  ? 0.429   -11.322 -13.839 1.00 29.21 ? 47  MSE B O   1 
HETATM 1198 C  CB  . MSE B 1 47  ? -1.355  -13.763 -12.447 1.00 29.86 ? 47  MSE B CB  1 
HETATM 1199 C  CG  . MSE B 1 47  ? -2.125  -12.496 -12.091 1.00 35.88 ? 47  MSE B CG  1 
HETATM 1200 SE SE  . MSE B 1 47  ? -3.955  -12.860 -11.555 1.00 44.18 ? 47  MSE B SE  1 
HETATM 1201 C  CE  . MSE B 1 47  ? -4.851  -12.435 -13.210 1.00 40.00 ? 47  MSE B CE  1 
ATOM   1202 N  N   . PRO B 1 48  ? -0.439  -12.839 -15.261 1.00 27.59 ? 48  PRO B N   1 
ATOM   1203 C  CA  . PRO B 1 48  ? -0.512  -11.883 -16.368 1.00 28.00 ? 48  PRO B CA  1 
ATOM   1204 C  C   . PRO B 1 48  ? -1.524  -10.784 -16.054 1.00 25.09 ? 48  PRO B C   1 
ATOM   1205 O  O   . PRO B 1 48  ? -2.458  -10.992 -15.280 1.00 26.37 ? 48  PRO B O   1 
ATOM   1206 C  CB  . PRO B 1 48  ? -0.958  -12.746 -17.549 1.00 29.01 ? 48  PRO B CB  1 
ATOM   1207 C  CG  . PRO B 1 48  ? -0.483  -14.117 -17.182 1.00 31.75 ? 48  PRO B CG  1 
ATOM   1208 C  CD  . PRO B 1 48  ? -0.815  -14.188 -15.717 1.00 30.47 ? 48  PRO B CD  1 
ATOM   1209 N  N   . LEU B 1 49  ? -1.331  -9.618  -16.654 1.00 26.53 ? 49  LEU B N   1 
ATOM   1210 C  CA  . LEU B 1 49  ? -2.235  -8.497  -16.440 1.00 26.29 ? 49  LEU B CA  1 
ATOM   1211 C  C   . LEU B 1 49  ? -3.590  -8.815  -17.069 1.00 27.14 ? 49  LEU B C   1 
ATOM   1212 O  O   . LEU B 1 49  ? -3.676  -9.109  -18.260 1.00 26.07 ? 49  LEU B O   1 
ATOM   1213 C  CB  . LEU B 1 49  ? -1.657  -7.229  -17.070 1.00 26.70 ? 49  LEU B CB  1 
ATOM   1214 C  CG  . LEU B 1 49  ? -2.511  -5.965  -16.942 1.00 30.15 ? 49  LEU B CG  1 
ATOM   1215 C  CD1 . LEU B 1 49  ? -2.694  -5.615  -15.466 1.00 28.52 ? 49  LEU B CD1 1 
ATOM   1216 C  CD2 . LEU B 1 49  ? -1.839  -4.817  -17.686 1.00 31.12 ? 49  LEU B CD2 1 
ATOM   1217 N  N   . PRO B 1 50  ? -4.666  -8.779  -16.270 1.00 28.17 ? 50  PRO B N   1 
ATOM   1218 C  CA  . PRO B 1 50  ? -5.978  -9.079  -16.850 1.00 27.15 ? 50  PRO B CA  1 
ATOM   1219 C  C   . PRO B 1 50  ? -6.555  -7.932  -17.679 1.00 27.59 ? 50  PRO B C   1 
ATOM   1220 O  O   . PRO B 1 50  ? -6.168  -6.773  -17.518 1.00 23.38 ? 50  PRO B O   1 
ATOM   1221 C  CB  . PRO B 1 50  ? -6.830  -9.412  -15.627 1.00 25.22 ? 50  PRO B CB  1 
ATOM   1222 C  CG  . PRO B 1 50  ? -6.216  -8.582  -14.546 1.00 28.81 ? 50  PRO B CG  1 
ATOM   1223 C  CD  . PRO B 1 50  ? -4.732  -8.735  -14.798 1.00 27.03 ? 50  PRO B CD  1 
ATOM   1224 N  N   . ASP B 1 51  ? -7.469  -8.282  -18.577 1.00 27.08 ? 51  ASP B N   1 
ATOM   1225 C  CA  . ASP B 1 51  ? -8.140  -7.322  -19.443 1.00 30.98 ? 51  ASP B CA  1 
ATOM   1226 C  C   . ASP B 1 51  ? -9.622  -7.377  -19.134 1.00 31.24 ? 51  ASP B C   1 
ATOM   1227 O  O   . ASP B 1 51  ? -10.453 -6.986  -19.947 1.00 35.89 ? 51  ASP B O   1 
ATOM   1228 C  CB  . ASP B 1 51  ? -7.921  -7.676  -20.914 1.00 39.10 ? 51  ASP B CB  1 
ATOM   1229 C  CG  . ASP B 1 51  ? -6.650  -7.078  -21.473 1.00 44.65 ? 51  ASP B CG  1 
ATOM   1230 O  OD1 . ASP B 1 51  ? -5.553  -7.427  -20.987 1.00 48.63 ? 51  ASP B OD1 1 
ATOM   1231 O  OD2 . ASP B 1 51  ? -6.750  -6.250  -22.403 1.00 52.32 ? 51  ASP B OD2 1 
ATOM   1232 N  N   . ASP B 1 52  ? -9.940  -7.877  -17.946 1.00 27.55 ? 52  ASP B N   1 
ATOM   1233 C  CA  . ASP B 1 52  ? -11.318 -8.005  -17.498 1.00 26.58 ? 52  ASP B CA  1 
ATOM   1234 C  C   . ASP B 1 52  ? -11.600 -6.938  -16.448 1.00 22.03 ? 52  ASP B C   1 
ATOM   1235 O  O   . ASP B 1 52  ? -10.924 -6.873  -15.422 1.00 21.25 ? 52  ASP B O   1 
ATOM   1236 C  CB  . ASP B 1 52  ? -11.530 -9.410  -16.922 1.00 30.65 ? 52  ASP B CB  1 
ATOM   1237 C  CG  . ASP B 1 52  ? -12.887 -9.584  -16.287 1.00 35.44 ? 52  ASP B CG  1 
ATOM   1238 O  OD1 . ASP B 1 52  ? -13.074 -9.127  -15.142 1.00 37.00 ? 52  ASP B OD1 1 
ATOM   1239 O  OD2 . ASP B 1 52  ? -13.774 -10.176 -16.937 1.00 44.31 ? 52  ASP B OD2 1 
ATOM   1240 N  N   . ILE B 1 53  ? -12.598 -6.100  -16.713 1.00 18.08 ? 53  ILE B N   1 
ATOM   1241 C  CA  . ILE B 1 53  ? -12.965 -5.020  -15.798 1.00 19.48 ? 53  ILE B CA  1 
ATOM   1242 C  C   . ILE B 1 53  ? -13.175 -5.478  -14.354 1.00 21.09 ? 53  ILE B C   1 
ATOM   1243 O  O   . ILE B 1 53  ? -12.562 -4.938  -13.427 1.00 18.05 ? 53  ILE B O   1 
ATOM   1244 C  CB  . ILE B 1 53  ? -14.247 -4.299  -16.283 1.00 19.23 ? 53  ILE B CB  1 
ATOM   1245 C  CG1 . ILE B 1 53  ? -13.967 -3.598  -17.616 1.00 24.34 ? 53  ILE B CG1 1 
ATOM   1246 C  CG2 . ILE B 1 53  ? -14.729 -3.300  -15.229 1.00 14.04 ? 53  ILE B CG2 1 
ATOM   1247 C  CD1 . ILE B 1 53  ? -15.205 -3.063  -18.303 1.00 24.58 ? 53  ILE B CD1 1 
ATOM   1248 N  N   . LEU B 1 54  ? -14.039 -6.468  -14.163 1.00 19.11 ? 54  LEU B N   1 
ATOM   1249 C  CA  . LEU B 1 54  ? -14.322 -6.962  -12.821 1.00 22.35 ? 54  LEU B CA  1 
ATOM   1250 C  C   . LEU B 1 54  ? -13.090 -7.502  -12.100 1.00 20.15 ? 54  LEU B C   1 
ATOM   1251 O  O   . LEU B 1 54  ? -12.936 -7.299  -10.897 1.00 18.96 ? 54  LEU B O   1 
ATOM   1252 C  CB  . LEU B 1 54  ? -15.418 -8.030  -12.873 1.00 20.64 ? 54  LEU B CB  1 
ATOM   1253 C  CG  . LEU B 1 54  ? -16.781 -7.489  -13.327 1.00 22.78 ? 54  LEU B CG  1 
ATOM   1254 C  CD1 . LEU B 1 54  ? -17.820 -8.603  -13.306 1.00 22.54 ? 54  LEU B CD1 1 
ATOM   1255 C  CD2 . LEU B 1 54  ? -17.213 -6.345  -12.414 1.00 20.41 ? 54  LEU B CD2 1 
ATOM   1256 N  N   . THR B 1 55  ? -12.222 -8.196  -12.829 1.00 19.72 ? 55  THR B N   1 
ATOM   1257 C  CA  . THR B 1 55  ? -11.008 -8.737  -12.235 1.00 19.79 ? 55  THR B CA  1 
ATOM   1258 C  C   . THR B 1 55  ? -10.096 -7.583  -11.820 1.00 19.17 ? 55  THR B C   1 
ATOM   1259 O  O   . THR B 1 55  ? -9.510  -7.599  -10.737 1.00 17.95 ? 55  THR B O   1 
ATOM   1260 C  CB  . THR B 1 55  ? -10.247 -9.641  -13.223 1.00 22.01 ? 55  THR B CB  1 
ATOM   1261 O  OG1 . THR B 1 55  ? -11.128 -10.660 -13.711 1.00 24.36 ? 55  THR B OG1 1 
ATOM   1262 C  CG2 . THR B 1 55  ? -9.049  -10.300 -12.530 1.00 20.69 ? 55  THR B CG2 1 
ATOM   1263 N  N   . LEU B 1 56  ? -9.982  -6.576  -12.680 1.00 15.40 ? 56  LEU B N   1 
ATOM   1264 C  CA  . LEU B 1 56  ? -9.147  -5.419  -12.372 1.00 16.51 ? 56  LEU B CA  1 
ATOM   1265 C  C   . LEU B 1 56  ? -9.678  -4.693  -11.134 1.00 14.72 ? 56  LEU B C   1 
ATOM   1266 O  O   . LEU B 1 56  ? -8.907  -4.307  -10.259 1.00 15.82 ? 56  LEU B O   1 
ATOM   1267 C  CB  . LEU B 1 56  ? -9.089  -4.472  -13.580 1.00 13.42 ? 56  LEU B CB  1 
ATOM   1268 C  CG  . LEU B 1 56  ? -8.330  -5.097  -14.759 1.00 15.58 ? 56  LEU B CG  1 
ATOM   1269 C  CD1 . LEU B 1 56  ? -8.555  -4.289  -16.034 1.00 17.50 ? 56  LEU B CD1 1 
ATOM   1270 C  CD2 . LEU B 1 56  ? -6.844  -5.182  -14.410 1.00 15.04 ? 56  LEU B CD2 1 
ATOM   1271 N  N   . GLN B 1 57  ? -10.995 -4.525  -11.052 1.00 15.53 ? 57  GLN B N   1 
ATOM   1272 C  CA  . GLN B 1 57  ? -11.601 -3.856  -9.906  1.00 16.73 ? 57  GLN B CA  1 
ATOM   1273 C  C   . GLN B 1 57  ? -11.402 -4.690  -8.639  1.00 17.23 ? 57  GLN B C   1 
ATOM   1274 O  O   . GLN B 1 57  ? -11.244 -4.144  -7.546  1.00 13.69 ? 57  GLN B O   1 
ATOM   1275 C  CB  . GLN B 1 57  ? -13.089 -3.604  -10.161 1.00 16.19 ? 57  GLN B CB  1 
ATOM   1276 C  CG  . GLN B 1 57  ? -13.352 -2.620  -11.305 1.00 18.18 ? 57  GLN B CG  1 
ATOM   1277 C  CD  . GLN B 1 57  ? -14.812 -2.266  -11.445 1.00 16.39 ? 57  GLN B CD  1 
ATOM   1278 O  OE1 . GLN B 1 57  ? -15.685 -3.110  -11.244 1.00 19.99 ? 57  GLN B OE1 1 
ATOM   1279 N  NE2 . GLN B 1 57  ? -15.090 -1.020  -11.810 1.00 14.76 ? 57  GLN B NE2 1 
ATOM   1280 N  N   . HIS B 1 58  ? -11.419 -6.011  -8.791  1.00 13.91 ? 58  HIS B N   1 
ATOM   1281 C  CA  . HIS B 1 58  ? -11.208 -6.925  -7.672  1.00 16.14 ? 58  HIS B CA  1 
ATOM   1282 C  C   . HIS B 1 58  ? -9.844  -6.701  -7.006  1.00 14.89 ? 58  HIS B C   1 
ATOM   1283 O  O   . HIS B 1 58  ? -9.747  -6.643  -5.783  1.00 13.75 ? 58  HIS B O   1 
ATOM   1284 C  CB  . HIS B 1 58  ? -11.283 -8.374  -8.151  1.00 15.41 ? 58  HIS B CB  1 
ATOM   1285 C  CG  . HIS B 1 58  ? -10.628 -9.348  -7.223  1.00 14.09 ? 58  HIS B CG  1 
ATOM   1286 N  ND1 . HIS B 1 58  ? -11.176 -9.712  -6.012  1.00 18.25 ? 58  HIS B ND1 1 
ATOM   1287 C  CD2 . HIS B 1 58  ? -9.443  -9.998  -7.308  1.00 18.08 ? 58  HIS B CD2 1 
ATOM   1288 C  CE1 . HIS B 1 58  ? -10.357 -10.544 -5.393  1.00 21.82 ? 58  HIS B CE1 1 
ATOM   1289 N  NE2 . HIS B 1 58  ? -9.299  -10.733 -6.157  1.00 19.71 ? 58  HIS B NE2 1 
ATOM   1290 N  N   . PHE B 1 59  ? -8.797  -6.579  -7.812  1.00 12.79 ? 59  PHE B N   1 
ATOM   1291 C  CA  . PHE B 1 59  ? -7.465  -6.372  -7.256  1.00 16.87 ? 59  PHE B CA  1 
ATOM   1292 C  C   . PHE B 1 59  ? -7.309  -4.985  -6.643  1.00 15.57 ? 59  PHE B C   1 
ATOM   1293 O  O   . PHE B 1 59  ? -6.569  -4.810  -5.672  1.00 20.10 ? 59  PHE B O   1 
ATOM   1294 C  CB  . PHE B 1 59  ? -6.402  -6.659  -8.320  1.00 16.23 ? 59  PHE B CB  1 
ATOM   1295 C  CG  . PHE B 1 59  ? -6.224  -8.129  -8.587  1.00 18.41 ? 59  PHE B CG  1 
ATOM   1296 C  CD1 . PHE B 1 59  ? -5.681  -8.959  -7.610  1.00 17.90 ? 59  PHE B CD1 1 
ATOM   1297 C  CD2 . PHE B 1 59  ? -6.656  -8.697  -9.781  1.00 19.48 ? 59  PHE B CD2 1 
ATOM   1298 C  CE1 . PHE B 1 59  ? -5.573  -10.335 -7.813  1.00 18.57 ? 59  PHE B CE1 1 
ATOM   1299 C  CE2 . PHE B 1 59  ? -6.552  -10.071 -9.993  1.00 18.78 ? 59  PHE B CE2 1 
ATOM   1300 C  CZ  . PHE B 1 59  ? -6.009  -10.891 -9.005  1.00 18.68 ? 59  PHE B CZ  1 
ATOM   1301 N  N   . LEU B 1 60  ? -8.003  -3.998  -7.201  1.00 15.11 ? 60  LEU B N   1 
ATOM   1302 C  CA  . LEU B 1 60  ? -7.960  -2.653  -6.635  1.00 15.06 ? 60  LEU B CA  1 
ATOM   1303 C  C   . LEU B 1 60  ? -8.716  -2.666  -5.302  1.00 15.98 ? 60  LEU B C   1 
ATOM   1304 O  O   . LEU B 1 60  ? -8.338  -1.965  -4.354  1.00 13.99 ? 60  LEU B O   1 
ATOM   1305 C  CB  . LEU B 1 60  ? -8.582  -1.638  -7.600  1.00 11.66 ? 60  LEU B CB  1 
ATOM   1306 C  CG  . LEU B 1 60  ? -7.656  -1.186  -8.736  1.00 14.70 ? 60  LEU B CG  1 
ATOM   1307 C  CD1 . LEU B 1 60  ? -8.461  -0.400  -9.776  1.00 16.43 ? 60  LEU B CD1 1 
ATOM   1308 C  CD2 . LEU B 1 60  ? -6.520  -0.323  -8.162  1.00 12.95 ? 60  LEU B CD2 1 
ATOM   1309 N  N   . ARG B 1 61  ? -9.783  -3.463  -5.213  1.00 15.16 ? 61  ARG B N   1 
ATOM   1310 C  CA  . ARG B 1 61  ? -10.525 -3.560  -3.953  1.00 15.04 ? 61  ARG B CA  1 
ATOM   1311 C  C   . ARG B 1 61  ? -9.651  -4.226  -2.894  1.00 15.50 ? 61  ARG B C   1 
ATOM   1312 O  O   . ARG B 1 61  ? -9.689  -3.862  -1.718  1.00 14.03 ? 61  ARG B O   1 
ATOM   1313 C  CB  . ARG B 1 61  ? -11.819 -4.383  -4.103  1.00 18.07 ? 61  ARG B CB  1 
ATOM   1314 C  CG  . ARG B 1 61  ? -13.062 -3.588  -4.512  1.00 20.34 ? 61  ARG B CG  1 
ATOM   1315 C  CD  . ARG B 1 61  ? -14.344 -4.345  -4.118  1.00 21.88 ? 61  ARG B CD  1 
ATOM   1316 N  NE  . ARG B 1 61  ? -14.372 -5.701  -4.668  1.00 19.92 ? 61  ARG B NE  1 
ATOM   1317 C  CZ  . ARG B 1 61  ? -14.569 -5.983  -5.953  1.00 20.77 ? 61  ARG B CZ  1 
ATOM   1318 N  NH1 . ARG B 1 61  ? -14.762 -4.996  -6.816  1.00 19.26 ? 61  ARG B NH1 1 
ATOM   1319 N  NH2 . ARG B 1 61  ? -14.561 -7.244  -6.378  1.00 17.08 ? 61  ARG B NH2 1 
ATOM   1320 N  N   . LEU B 1 62  ? -8.862  -5.207  -3.314  1.00 15.34 ? 62  LEU B N   1 
ATOM   1321 C  CA  . LEU B 1 62  ? -7.992  -5.915  -2.391  1.00 17.04 ? 62  LEU B CA  1 
ATOM   1322 C  C   . LEU B 1 62  ? -7.006  -4.938  -1.738  1.00 18.55 ? 62  LEU B C   1 
ATOM   1323 O  O   . LEU B 1 62  ? -6.596  -5.130  -0.593  1.00 17.10 ? 62  LEU B O   1 
ATOM   1324 C  CB  . LEU B 1 62  ? -7.243  -7.020  -3.142  1.00 21.55 ? 62  LEU B CB  1 
ATOM   1325 C  CG  . LEU B 1 62  ? -6.479  -8.093  -2.372  1.00 27.17 ? 62  LEU B CG  1 
ATOM   1326 C  CD1 . LEU B 1 62  ? -7.408  -8.792  -1.380  1.00 26.37 ? 62  LEU B CD1 1 
ATOM   1327 C  CD2 . LEU B 1 62  ? -5.894  -9.095  -3.364  1.00 25.22 ? 62  LEU B CD2 1 
ATOM   1328 N  N   . ASN B 1 63  ? -6.647  -3.883  -2.460  1.00 13.62 ? 63  ASN B N   1 
ATOM   1329 C  CA  . ASN B 1 63  ? -5.709  -2.892  -1.941  1.00 17.43 ? 63  ASN B CA  1 
ATOM   1330 C  C   . ASN B 1 63  ? -6.267  -2.051  -0.810  1.00 20.15 ? 63  ASN B C   1 
ATOM   1331 O  O   . ASN B 1 63  ? -5.519  -1.391  -0.096  1.00 19.47 ? 63  ASN B O   1 
ATOM   1332 C  CB  . ASN B 1 63  ? -5.243  -1.960  -3.058  1.00 16.61 ? 63  ASN B CB  1 
ATOM   1333 C  CG  . ASN B 1 63  ? -4.353  -2.654  -4.045  1.00 14.44 ? 63  ASN B CG  1 
ATOM   1334 O  OD1 . ASN B 1 63  ? -3.877  -3.756  -3.787  1.00 16.86 ? 63  ASN B OD1 1 
ATOM   1335 N  ND2 . ASN B 1 63  ? -4.110  -2.014  -5.183  1.00 14.87 ? 63  ASN B ND2 1 
ATOM   1336 N  N   . TYR B 1 64  ? -7.587  -2.075  -0.658  1.00 18.76 ? 64  TYR B N   1 
ATOM   1337 C  CA  . TYR B 1 64  ? -8.272  -1.313  0.376   1.00 19.87 ? 64  TYR B CA  1 
ATOM   1338 C  C   . TYR B 1 64  ? -8.032  -1.895  1.762   1.00 21.88 ? 64  TYR B C   1 
ATOM   1339 O  O   . TYR B 1 64  ? -7.983  -1.164  2.754   1.00 18.83 ? 64  TYR B O   1 
ATOM   1340 C  CB  . TYR B 1 64  ? -9.770  -1.330  0.088   1.00 19.91 ? 64  TYR B CB  1 
ATOM   1341 C  CG  . TYR B 1 64  ? -10.622 -0.364  0.873   1.00 18.72 ? 64  TYR B CG  1 
ATOM   1342 C  CD1 . TYR B 1 64  ? -10.506 1.015   0.687   1.00 19.16 ? 64  TYR B CD1 1 
ATOM   1343 C  CD2 . TYR B 1 64  ? -11.634 -0.830  1.710   1.00 17.32 ? 64  TYR B CD2 1 
ATOM   1344 C  CE1 . TYR B 1 64  ? -11.391 1.905   1.303   1.00 16.92 ? 64  TYR B CE1 1 
ATOM   1345 C  CE2 . TYR B 1 64  ? -12.524 0.053   2.330   1.00 19.85 ? 64  TYR B CE2 1 
ATOM   1346 C  CZ  . TYR B 1 64  ? -12.399 1.414   2.115   1.00 18.09 ? 64  TYR B CZ  1 
ATOM   1347 O  OH  . TYR B 1 64  ? -13.308 2.282   2.673   1.00 17.92 ? 64  TYR B OH  1 
ATOM   1348 N  N   . THR B 1 65  ? -7.863  -3.211  1.824   1.00 18.19 ? 65  THR B N   1 
ATOM   1349 C  CA  . THR B 1 65  ? -7.702  -3.897  3.096   1.00 21.80 ? 65  THR B CA  1 
ATOM   1350 C  C   . THR B 1 65  ? -6.455  -4.752  3.293   1.00 24.34 ? 65  THR B C   1 
ATOM   1351 O  O   . THR B 1 65  ? -6.301  -5.368  4.345   1.00 22.42 ? 65  THR B O   1 
ATOM   1352 C  CB  . THR B 1 65  ? -8.920  -4.806  3.342   1.00 22.72 ? 65  THR B CB  1 
ATOM   1353 O  OG1 . THR B 1 65  ? -8.986  -5.796  2.304   1.00 19.96 ? 65  THR B OG1 1 
ATOM   1354 C  CG2 . THR B 1 65  ? -10.213 -3.983  3.319   1.00 19.94 ? 65  THR B CG2 1 
ATOM   1355 N  N   . SER B 1 66  ? -5.565  -4.800  2.307   1.00 23.04 ? 66  SER B N   1 
ATOM   1356 C  CA  . SER B 1 66  ? -4.379  -5.643  2.437   1.00 21.69 ? 66  SER B CA  1 
ATOM   1357 C  C   . SER B 1 66  ? -3.062  -4.918  2.674   1.00 21.34 ? 66  SER B C   1 
ATOM   1358 O  O   . SER B 1 66  ? -2.831  -3.836  2.141   1.00 19.29 ? 66  SER B O   1 
ATOM   1359 C  CB  . SER B 1 66  ? -4.245  -6.527  1.197   1.00 23.60 ? 66  SER B CB  1 
ATOM   1360 O  OG  . SER B 1 66  ? -5.479  -7.165  0.905   1.00 28.92 ? 66  SER B OG  1 
ATOM   1361 N  N   . ALA B 1 67  ? -2.196  -5.533  3.478   1.00 24.08 ? 67  ALA B N   1 
ATOM   1362 C  CA  . ALA B 1 67  ? -0.879  -4.972  3.769   1.00 25.46 ? 67  ALA B CA  1 
ATOM   1363 C  C   . ALA B 1 67  ? -0.058  -5.103  2.490   1.00 22.50 ? 67  ALA B C   1 
ATOM   1364 O  O   . ALA B 1 67  ? 0.681   -4.197  2.106   1.00 26.85 ? 67  ALA B O   1 
ATOM   1365 C  CB  . ALA B 1 67  ? -0.219  -5.740  4.901   1.00 26.88 ? 67  ALA B CB  1 
ATOM   1366 N  N   . VAL B 1 68  ? -0.208  -6.243  1.828   1.00 20.42 ? 68  VAL B N   1 
ATOM   1367 C  CA  . VAL B 1 68  ? 0.481   -6.512  0.574   1.00 22.37 ? 68  VAL B CA  1 
ATOM   1368 C  C   . VAL B 1 68  ? -0.464  -6.053  -0.533  1.00 23.42 ? 68  VAL B C   1 
ATOM   1369 O  O   . VAL B 1 68  ? -1.550  -6.608  -0.694  1.00 23.46 ? 68  VAL B O   1 
ATOM   1370 C  CB  . VAL B 1 68  ? 0.770   -8.015  0.419   1.00 23.43 ? 68  VAL B CB  1 
ATOM   1371 C  CG1 . VAL B 1 68  ? 1.492   -8.279  -0.890  1.00 16.69 ? 68  VAL B CG1 1 
ATOM   1372 C  CG2 . VAL B 1 68  ? 1.608   -8.496  1.595   1.00 20.16 ? 68  VAL B CG2 1 
ATOM   1373 N  N   . THR B 1 69  ? -0.051  -5.041  -1.290  1.00 21.46 ? 69  THR B N   1 
ATOM   1374 C  CA  . THR B 1 69  ? -0.890  -4.494  -2.348  1.00 20.56 ? 69  THR B CA  1 
ATOM   1375 C  C   . THR B 1 69  ? -0.602  -5.042  -3.743  1.00 19.29 ? 69  THR B C   1 
ATOM   1376 O  O   . THR B 1 69  ? 0.419   -5.692  -3.977  1.00 18.43 ? 69  THR B O   1 
ATOM   1377 C  CB  . THR B 1 69  ? -0.771  -2.967  -2.393  1.00 22.04 ? 69  THR B CB  1 
ATOM   1378 O  OG1 . THR B 1 69  ? 0.590   -2.605  -2.633  1.00 24.73 ? 69  THR B OG1 1 
ATOM   1379 C  CG2 . THR B 1 69  ? -1.219  -2.361  -1.067  1.00 24.63 ? 69  THR B CG2 1 
ATOM   1380 N  N   . ILE B 1 70  ? -1.514  -4.756  -4.664  1.00 17.79 ? 70  ILE B N   1 
ATOM   1381 C  CA  . ILE B 1 70  ? -1.403  -5.216  -6.046  1.00 15.99 ? 70  ILE B CA  1 
ATOM   1382 C  C   . ILE B 1 70  ? -1.152  -4.064  -7.013  1.00 15.80 ? 70  ILE B C   1 
ATOM   1383 O  O   . ILE B 1 70  ? -1.808  -3.027  -6.953  1.00 17.24 ? 70  ILE B O   1 
ATOM   1384 C  CB  . ILE B 1 70  ? -2.697  -5.936  -6.498  1.00 20.84 ? 70  ILE B CB  1 
ATOM   1385 C  CG1 . ILE B 1 70  ? -3.134  -6.947  -5.429  1.00 19.22 ? 70  ILE B CG1 1 
ATOM   1386 C  CG2 . ILE B 1 70  ? -2.477  -6.610  -7.871  1.00 15.53 ? 70  ILE B CG2 1 
ATOM   1387 C  CD1 . ILE B 1 70  ? -2.118  -8.032  -5.126  1.00 22.80 ? 70  ILE B CD1 1 
ATOM   1388 N  N   . GLY B 1 71  ? -0.193  -4.251  -7.907  1.00 13.15 ? 71  GLY B N   1 
ATOM   1389 C  CA  . GLY B 1 71  ? 0.091   -3.229  -8.890  1.00 16.67 ? 71  GLY B CA  1 
ATOM   1390 C  C   . GLY B 1 71  ? 0.289   -3.902  -10.232 1.00 17.94 ? 71  GLY B C   1 
ATOM   1391 O  O   . GLY B 1 71  ? -0.010  -5.091  -10.390 1.00 18.42 ? 71  GLY B O   1 
ATOM   1392 N  N   . ALA B 1 72  ? 0.782   -3.145  -11.202 1.00 17.02 ? 72  ALA B N   1 
ATOM   1393 C  CA  . ALA B 1 72  ? 1.052   -3.680  -12.526 1.00 20.76 ? 72  ALA B CA  1 
ATOM   1394 C  C   . ALA B 1 72  ? 2.427   -3.159  -12.919 1.00 21.95 ? 72  ALA B C   1 
ATOM   1395 O  O   . ALA B 1 72  ? 2.735   -1.991  -12.690 1.00 22.16 ? 72  ALA B O   1 
ATOM   1396 C  CB  . ALA B 1 72  ? -0.003  -3.205  -13.516 1.00 21.55 ? 72  ALA B CB  1 
ATOM   1397 N  N   . ASP B 1 73  ? 3.253   -4.022  -13.496 1.00 22.55 ? 73  ASP B N   1 
ATOM   1398 C  CA  . ASP B 1 73  ? 4.594   -3.625  -13.903 1.00 27.84 ? 73  ASP B CA  1 
ATOM   1399 C  C   . ASP B 1 73  ? 4.554   -2.577  -15.019 1.00 31.65 ? 73  ASP B C   1 
ATOM   1400 O  O   . ASP B 1 73  ? 3.579   -2.485  -15.765 1.00 29.29 ? 73  ASP B O   1 
ATOM   1401 C  CB  . ASP B 1 73  ? 5.380   -4.852  -14.368 1.00 33.51 ? 73  ASP B CB  1 
ATOM   1402 C  CG  . ASP B 1 73  ? 4.869   -5.403  -15.684 1.00 37.06 ? 73  ASP B CG  1 
ATOM   1403 O  OD1 . ASP B 1 73  ? 3.651   -5.637  -15.797 1.00 41.86 ? 73  ASP B OD1 1 
ATOM   1404 O  OD2 . ASP B 1 73  ? 5.684   -5.607  -16.605 1.00 45.86 ? 73  ASP B OD2 1 
ATOM   1405 N  N   . ALA B 1 74  ? 5.624   -1.795  -15.131 1.00 36.29 ? 74  ALA B N   1 
ATOM   1406 C  CA  . ALA B 1 74  ? 5.713   -0.751  -16.148 1.00 40.42 ? 74  ALA B CA  1 
ATOM   1407 C  C   . ALA B 1 74  ? 5.520   -1.304  -17.555 1.00 41.21 ? 74  ALA B C   1 
ATOM   1408 O  O   . ALA B 1 74  ? 4.930   -0.645  -18.411 1.00 41.67 ? 74  ALA B O   1 
ATOM   1409 C  CB  . ALA B 1 74  ? 7.057   -0.039  -16.047 1.00 43.84 ? 74  ALA B CB  1 
ATOM   1410 N  N   . ASP B 1 75  ? 6.025   -2.511  -17.788 1.00 42.47 ? 75  ASP B N   1 
ATOM   1411 C  CA  . ASP B 1 75  ? 5.909   -3.154  -19.091 1.00 44.22 ? 75  ASP B CA  1 
ATOM   1412 C  C   . ASP B 1 75  ? 4.462   -3.527  -19.377 1.00 43.46 ? 75  ASP B C   1 
ATOM   1413 O  O   . ASP B 1 75  ? 4.118   -3.913  -20.493 1.00 44.32 ? 75  ASP B O   1 
ATOM   1414 C  CB  . ASP B 1 75  ? 6.791   -4.405  -19.147 1.00 47.72 ? 75  ASP B CB  1 
ATOM   1415 C  CG  . ASP B 1 75  ? 8.271   -4.080  -19.026 1.00 53.62 ? 75  ASP B CG  1 
ATOM   1416 O  OD1 . ASP B 1 75  ? 8.767   -3.266  -19.832 1.00 55.31 ? 75  ASP B OD1 1 
ATOM   1417 O  OD2 . ASP B 1 75  ? 8.939   -4.639  -18.128 1.00 56.63 ? 75  ASP B OD2 1 
ATOM   1418 N  N   . ASN B 1 76  ? 3.622   -3.420  -18.353 1.00 43.08 ? 76  ASN B N   1 
ATOM   1419 C  CA  . ASN B 1 76  ? 2.205   -3.718  -18.482 1.00 41.51 ? 76  ASN B CA  1 
ATOM   1420 C  C   . ASN B 1 76  ? 1.961   -5.170  -18.883 1.00 41.61 ? 76  ASN B C   1 
ATOM   1421 O  O   . ASN B 1 76  ? 1.014   -5.473  -19.609 1.00 42.18 ? 76  ASN B O   1 
ATOM   1422 C  CB  . ASN B 1 76  ? 1.582   -2.774  -19.515 1.00 44.29 ? 76  ASN B CB  1 
ATOM   1423 C  CG  . ASN B 1 76  ? 0.096   -2.596  -19.321 1.00 44.97 ? 76  ASN B CG  1 
ATOM   1424 O  OD1 . ASN B 1 76  ? -0.352  -2.200  -18.247 1.00 47.37 ? 76  ASN B OD1 1 
ATOM   1425 N  ND2 . ASN B 1 76  ? -0.679  -2.882  -20.360 1.00 45.82 ? 76  ASN B ND2 1 
ATOM   1426 N  N   . THR B 1 77  ? 2.812   -6.071  -18.399 1.00 41.32 ? 77  THR B N   1 
ATOM   1427 C  CA  . THR B 1 77  ? 2.676   -7.483  -18.728 1.00 40.17 ? 77  THR B CA  1 
ATOM   1428 C  C   . THR B 1 77  ? 2.145   -8.337  -17.583 1.00 36.39 ? 77  THR B C   1 
ATOM   1429 O  O   . THR B 1 77  ? 1.598   -9.412  -17.821 1.00 39.89 ? 77  THR B O   1 
ATOM   1430 C  CB  . THR B 1 77  ? 4.022   -8.085  -19.187 1.00 42.84 ? 77  THR B CB  1 
ATOM   1431 O  OG1 . THR B 1 77  ? 4.990   -7.967  -18.133 1.00 43.47 ? 77  THR B OG1 1 
ATOM   1432 C  CG2 . THR B 1 77  ? 4.532   -7.362  -20.429 1.00 45.99 ? 77  THR B CG2 1 
ATOM   1433 N  N   . ALA B 1 78  ? 2.291   -7.871  -16.348 1.00 28.95 ? 78  ALA B N   1 
ATOM   1434 C  CA  . ALA B 1 78  ? 1.825   -8.664  -15.217 1.00 24.69 ? 78  ALA B CA  1 
ATOM   1435 C  C   . ALA B 1 78  ? 1.374   -7.874  -14.002 1.00 24.05 ? 78  ALA B C   1 
ATOM   1436 O  O   . ALA B 1 78  ? 1.717   -6.702  -13.840 1.00 22.01 ? 78  ALA B O   1 
ATOM   1437 C  CB  . ALA B 1 78  ? 2.924   -9.636  -14.794 1.00 21.45 ? 78  ALA B CB  1 
ATOM   1438 N  N   . LEU B 1 79  ? 0.595   -8.538  -13.152 1.00 20.42 ? 79  LEU B N   1 
ATOM   1439 C  CA  . LEU B 1 79  ? 0.143   -7.951  -11.902 1.00 20.61 ? 79  LEU B CA  1 
ATOM   1440 C  C   . LEU B 1 79  ? 1.266   -8.312  -10.945 1.00 20.50 ? 79  LEU B C   1 
ATOM   1441 O  O   . LEU B 1 79  ? 1.832   -9.404  -11.031 1.00 21.38 ? 79  LEU B O   1 
ATOM   1442 C  CB  . LEU B 1 79  ? -1.161  -8.586  -11.417 1.00 20.56 ? 79  LEU B CB  1 
ATOM   1443 C  CG  . LEU B 1 79  ? -2.458  -8.167  -12.114 1.00 24.34 ? 79  LEU B CG  1 
ATOM   1444 C  CD1 . LEU B 1 79  ? -3.634  -8.864  -11.447 1.00 23.29 ? 79  LEU B CD1 1 
ATOM   1445 C  CD2 . LEU B 1 79  ? -2.624  -6.651  -12.033 1.00 25.65 ? 79  LEU B CD2 1 
ATOM   1446 N  N   . VAL B 1 80  ? 1.591   -7.396  -10.043 1.00 21.23 ? 80  VAL B N   1 
ATOM   1447 C  CA  . VAL B 1 80  ? 2.666   -7.617  -9.091  1.00 19.76 ? 80  VAL B CA  1 
ATOM   1448 C  C   . VAL B 1 80  ? 2.233   -7.347  -7.656  1.00 17.58 ? 80  VAL B C   1 
ATOM   1449 O  O   . VAL B 1 80  ? 1.519   -6.384  -7.381  1.00 19.74 ? 80  VAL B O   1 
ATOM   1450 C  CB  . VAL B 1 80  ? 3.875   -6.713  -9.415  1.00 24.45 ? 80  VAL B CB  1 
ATOM   1451 C  CG1 . VAL B 1 80  ? 4.503   -7.127  -10.737 1.00 26.52 ? 80  VAL B CG1 1 
ATOM   1452 C  CG2 . VAL B 1 80  ? 3.423   -5.270  -9.494  1.00 25.84 ? 80  VAL B CG2 1 
ATOM   1453 N  N   . ALA B 1 81  ? 2.638   -8.225  -6.748  1.00 17.31 ? 81  ALA B N   1 
ATOM   1454 C  CA  . ALA B 1 81  ? 2.323   -8.041  -5.339  1.00 18.55 ? 81  ALA B CA  1 
ATOM   1455 C  C   . ALA B 1 81  ? 3.434   -7.115  -4.858  1.00 19.33 ? 81  ALA B C   1 
ATOM   1456 O  O   . ALA B 1 81  ? 4.593   -7.279  -5.247  1.00 19.98 ? 81  ALA B O   1 
ATOM   1457 C  CB  . ALA B 1 81  ? 2.367   -9.379  -4.596  1.00 17.26 ? 81  ALA B CB  1 
ATOM   1458 N  N   . LEU B 1 82  ? 3.084   -6.146  -4.021  1.00 20.79 ? 82  LEU B N   1 
ATOM   1459 C  CA  . LEU B 1 82  ? 4.058   -5.182  -3.533  1.00 19.61 ? 82  LEU B CA  1 
ATOM   1460 C  C   . LEU B 1 82  ? 4.002   -4.973  -2.024  1.00 19.68 ? 82  LEU B C   1 
ATOM   1461 O  O   . LEU B 1 82  ? 2.967   -5.163  -1.391  1.00 19.02 ? 82  LEU B O   1 
ATOM   1462 C  CB  . LEU B 1 82  ? 3.821   -3.829  -4.212  1.00 24.19 ? 82  LEU B CB  1 
ATOM   1463 C  CG  . LEU B 1 82  ? 3.670   -3.793  -5.735  1.00 24.37 ? 82  LEU B CG  1 
ATOM   1464 C  CD1 . LEU B 1 82  ? 3.078   -2.461  -6.163  1.00 24.39 ? 82  LEU B CD1 1 
ATOM   1465 C  CD2 . LEU B 1 82  ? 5.016   -4.021  -6.387  1.00 23.10 ? 82  LEU B CD2 1 
ATOM   1466 N  N   . TYR B 1 83  ? 5.135   -4.573  -1.463  1.00 20.71 ? 83  TYR B N   1 
ATOM   1467 C  CA  . TYR B 1 83  ? 5.236   -4.278  -0.048  1.00 23.98 ? 83  TYR B CA  1 
ATOM   1468 C  C   . TYR B 1 83  ? 6.459   -3.391  0.146   1.00 27.57 ? 83  TYR B C   1 
ATOM   1469 O  O   . TYR B 1 83  ? 7.570   -3.769  -0.216  1.00 30.68 ? 83  TYR B O   1 
ATOM   1470 C  CB  . TYR B 1 83  ? 5.353   -5.558  0.777   1.00 25.96 ? 83  TYR B CB  1 
ATOM   1471 C  CG  . TYR B 1 83  ? 5.208   -5.295  2.258   1.00 31.44 ? 83  TYR B CG  1 
ATOM   1472 C  CD1 . TYR B 1 83  ? 6.326   -5.232  3.088   1.00 34.58 ? 83  TYR B CD1 1 
ATOM   1473 C  CD2 . TYR B 1 83  ? 3.956   -5.046  2.820   1.00 31.30 ? 83  TYR B CD2 1 
ATOM   1474 C  CE1 . TYR B 1 83  ? 6.201   -4.923  4.444   1.00 34.42 ? 83  TYR B CE1 1 
ATOM   1475 C  CE2 . TYR B 1 83  ? 3.821   -4.736  4.173   1.00 33.68 ? 83  TYR B CE2 1 
ATOM   1476 C  CZ  . TYR B 1 83  ? 4.947   -4.676  4.975   1.00 36.53 ? 83  TYR B CZ  1 
ATOM   1477 O  OH  . TYR B 1 83  ? 4.822   -4.354  6.307   1.00 39.47 ? 83  TYR B OH  1 
ATOM   1478 N  N   . ARG B 1 84  ? 6.251   -2.201  0.703   1.00 28.52 ? 84  ARG B N   1 
ATOM   1479 C  CA  . ARG B 1 84  ? 7.350   -1.266  0.903   1.00 33.79 ? 84  ARG B CA  1 
ATOM   1480 C  C   . ARG B 1 84  ? 7.612   -0.953  2.368   1.00 36.75 ? 84  ARG B C   1 
ATOM   1481 O  O   . ARG B 1 84  ? 6.710   -1.021  3.204   1.00 36.32 ? 84  ARG B O   1 
ATOM   1482 C  CB  . ARG B 1 84  ? 7.080   0.048   0.158   1.00 37.28 ? 84  ARG B CB  1 
ATOM   1483 C  CG  . ARG B 1 84  ? 6.571   -0.118  -1.264  1.00 40.52 ? 84  ARG B CG  1 
ATOM   1484 C  CD  . ARG B 1 84  ? 6.505   1.215   -1.999  1.00 48.14 ? 84  ARG B CD  1 
ATOM   1485 N  NE  . ARG B 1 84  ? 7.832   1.684   -2.397  1.00 54.98 ? 84  ARG B NE  1 
ATOM   1486 C  CZ  . ARG B 1 84  ? 8.057   2.780   -3.117  1.00 58.30 ? 84  ARG B CZ  1 
ATOM   1487 N  NH1 . ARG B 1 84  ? 7.040   3.532   -3.521  1.00 60.39 ? 84  ARG B NH1 1 
ATOM   1488 N  NH2 . ARG B 1 84  ? 9.297   3.119   -3.447  1.00 58.45 ? 84  ARG B NH2 1 
ATOM   1489 N  N   . LEU B 1 85  ? 8.865   -0.608  2.655   1.00 37.75 ? 85  LEU B N   1 
ATOM   1490 C  CA  . LEU B 1 85  ? 9.316   -0.254  3.999   1.00 42.04 ? 85  LEU B CA  1 
ATOM   1491 C  C   . LEU B 1 85  ? 10.371  0.840   3.861   1.00 42.89 ? 85  LEU B C   1 
ATOM   1492 O  O   . LEU B 1 85  ? 11.220  0.788   2.967   1.00 41.56 ? 85  LEU B O   1 
ATOM   1493 C  CB  . LEU B 1 85  ? 9.962   -1.451  4.706   1.00 42.64 ? 85  LEU B CB  1 
ATOM   1494 C  CG  . LEU B 1 85  ? 9.240   -2.793  4.814   1.00 45.54 ? 85  LEU B CG  1 
ATOM   1495 C  CD1 . LEU B 1 85  ? 9.080   -3.413  3.439   1.00 48.60 ? 85  LEU B CD1 1 
ATOM   1496 C  CD2 . LEU B 1 85  ? 10.052  -3.716  5.701   1.00 46.09 ? 85  LEU B CD2 1 
ATOM   1497 N  N   . PRO B 1 86  ? 10.339  1.844   4.746   1.00 44.24 ? 86  PRO B N   1 
ATOM   1498 C  CA  . PRO B 1 86  ? 11.335  2.915   4.656   1.00 43.91 ? 86  PRO B CA  1 
ATOM   1499 C  C   . PRO B 1 86  ? 12.720  2.360   4.989   1.00 45.11 ? 86  PRO B C   1 
ATOM   1500 O  O   . PRO B 1 86  ? 12.844  1.445   5.807   1.00 41.37 ? 86  PRO B O   1 
ATOM   1501 C  CB  . PRO B 1 86  ? 10.843  3.921   5.689   1.00 44.16 ? 86  PRO B CB  1 
ATOM   1502 C  CG  . PRO B 1 86  ? 10.231  3.037   6.739   1.00 44.77 ? 86  PRO B CG  1 
ATOM   1503 C  CD  . PRO B 1 86  ? 9.457   2.035   5.912   1.00 43.83 ? 86  PRO B CD  1 
ATOM   1504 N  N   . GLN B 1 87  ? 13.756  2.899   4.349   1.00 47.41 ? 87  GLN B N   1 
ATOM   1505 C  CA  . GLN B 1 87  ? 15.122  2.440   4.600   1.00 50.34 ? 87  GLN B CA  1 
ATOM   1506 C  C   . GLN B 1 87  ? 15.472  2.547   6.081   1.00 50.68 ? 87  GLN B C   1 
ATOM   1507 O  O   . GLN B 1 87  ? 16.288  1.777   6.595   1.00 50.80 ? 87  GLN B O   1 
ATOM   1508 C  CB  . GLN B 1 87  ? 16.124  3.254   3.774   1.00 51.53 ? 87  GLN B CB  1 
ATOM   1509 C  CG  . GLN B 1 87  ? 16.179  2.880   2.296   1.00 54.79 ? 87  GLN B CG  1 
ATOM   1510 C  CD  . GLN B 1 87  ? 16.646  1.450   2.065   1.00 55.96 ? 87  GLN B CD  1 
ATOM   1511 O  OE1 . GLN B 1 87  ? 17.725  1.056   2.509   1.00 57.69 ? 87  GLN B OE1 1 
ATOM   1512 N  NE2 . GLN B 1 87  ? 15.834  0.668   1.365   1.00 56.28 ? 87  GLN B NE2 1 
ATOM   1513 N  N   . THR B 1 88  ? 14.841  3.500   6.759   1.00 51.44 ? 88  THR B N   1 
ATOM   1514 C  CA  . THR B 1 88  ? 15.068  3.729   8.181   1.00 51.52 ? 88  THR B CA  1 
ATOM   1515 C  C   . THR B 1 88  ? 14.593  2.551   9.030   1.00 50.62 ? 88  THR B C   1 
ATOM   1516 O  O   . THR B 1 88  ? 14.901  2.474   10.220  1.00 52.87 ? 88  THR B O   1 
ATOM   1517 C  CB  . THR B 1 88  ? 14.359  5.008   8.619   1.00 51.42 ? 88  THR B CB  1 
ATOM   1518 N  N   . SER B 1 89  ? 13.839  1.641   8.423   1.00 48.41 ? 89  SER B N   1 
ATOM   1519 C  CA  . SER B 1 89  ? 13.333  0.474   9.140   1.00 46.68 ? 89  SER B CA  1 
ATOM   1520 C  C   . SER B 1 89  ? 14.497  -0.366  9.654   1.00 45.97 ? 89  SER B C   1 
ATOM   1521 O  O   . SER B 1 89  ? 15.605  -0.285  9.123   1.00 46.74 ? 89  SER B O   1 
ATOM   1522 C  CB  . SER B 1 89  ? 12.454  -0.381  8.216   1.00 46.38 ? 89  SER B CB  1 
ATOM   1523 O  OG  . SER B 1 89  ? 11.327  0.346   7.755   1.00 43.77 ? 89  SER B OG  1 
ATOM   1524 N  N   . THR B 1 90  ? 14.251  -1.166  10.687  1.00 45.33 ? 90  THR B N   1 
ATOM   1525 C  CA  . THR B 1 90  ? 15.298  -2.016  11.244  1.00 45.95 ? 90  THR B CA  1 
ATOM   1526 C  C   . THR B 1 90  ? 15.304  -3.366  10.545  1.00 47.24 ? 90  THR B C   1 
ATOM   1527 O  O   . THR B 1 90  ? 14.386  -3.686  9.790   1.00 46.28 ? 90  THR B O   1 
ATOM   1528 C  CB  . THR B 1 90  ? 15.107  -2.254  12.759  1.00 47.15 ? 90  THR B CB  1 
ATOM   1529 O  OG1 . THR B 1 90  ? 13.874  -2.947  12.990  1.00 42.15 ? 90  THR B OG1 1 
ATOM   1530 C  CG2 . THR B 1 90  ? 15.097  -0.930  13.506  1.00 47.12 ? 90  THR B CG2 1 
ATOM   1531 N  N   . GLU B 1 91  ? 16.343  -4.154  10.803  1.00 48.74 ? 91  GLU B N   1 
ATOM   1532 C  CA  . GLU B 1 91  ? 16.482  -5.477  10.203  1.00 50.78 ? 91  GLU B CA  1 
ATOM   1533 C  C   . GLU B 1 91  ? 15.364  -6.410  10.661  1.00 51.25 ? 91  GLU B C   1 
ATOM   1534 O  O   . GLU B 1 91  ? 14.996  -7.349  9.953   1.00 51.51 ? 91  GLU B O   1 
ATOM   1535 C  CB  . GLU B 1 91  ? 17.850  -6.069  10.561  1.00 52.78 ? 91  GLU B CB  1 
ATOM   1536 C  CG  . GLU B 1 91  ? 18.098  -7.476  10.035  1.00 52.42 ? 91  GLU B CG  1 
ATOM   1537 C  CD  . GLU B 1 91  ? 19.561  -7.887  10.126  1.00 53.02 ? 91  GLU B CD  1 
ATOM   1538 O  OE1 . GLU B 1 91  ? 19.868  -9.070  9.867   1.00 52.91 ? 91  GLU B OE1 1 
ATOM   1539 O  OE2 . GLU B 1 91  ? 20.405  -7.025  10.449  1.00 48.23 ? 91  GLU B OE2 1 
ATOM   1540 N  N   . GLU B 1 92  ? 14.826  -6.144  11.848  1.00 51.49 ? 92  GLU B N   1 
ATOM   1541 C  CA  . GLU B 1 92  ? 13.743  -6.949  12.402  1.00 51.89 ? 92  GLU B CA  1 
ATOM   1542 C  C   . GLU B 1 92  ? 12.442  -6.673  11.651  1.00 50.48 ? 92  GLU B C   1 
ATOM   1543 O  O   . GLU B 1 92  ? 11.662  -7.585  11.377  1.00 49.04 ? 92  GLU B O   1 
ATOM   1544 C  CB  . GLU B 1 92  ? 13.571  -6.633  13.893  1.00 53.94 ? 92  GLU B CB  1 
ATOM   1545 C  CG  . GLU B 1 92  ? 12.334  -7.236  14.547  1.00 59.35 ? 92  GLU B CG  1 
ATOM   1546 C  CD  . GLU B 1 92  ? 11.071  -6.432  14.279  1.00 63.41 ? 92  GLU B CD  1 
ATOM   1547 O  OE1 . GLU B 1 92  ? 11.038  -5.236  14.643  1.00 66.27 ? 92  GLU B OE1 1 
ATOM   1548 O  OE2 . GLU B 1 92  ? 10.110  -6.991  13.708  1.00 64.67 ? 92  GLU B OE2 1 
ATOM   1549 N  N   . GLU B 1 93  ? 12.217  -5.406  11.326  1.00 48.63 ? 93  GLU B N   1 
ATOM   1550 C  CA  . GLU B 1 93  ? 11.018  -4.999  10.605  1.00 48.08 ? 93  GLU B CA  1 
ATOM   1551 C  C   . GLU B 1 93  ? 11.068  -5.526  9.175   1.00 46.31 ? 93  GLU B C   1 
ATOM   1552 O  O   . GLU B 1 93  ? 10.049  -5.933  8.613   1.00 44.55 ? 93  GLU B O   1 
ATOM   1553 C  CB  . GLU B 1 93  ? 10.908  -3.473  10.593  1.00 50.59 ? 93  GLU B CB  1 
ATOM   1554 C  CG  . GLU B 1 93  ? 10.638  -2.857  11.960  1.00 52.67 ? 93  GLU B CG  1 
ATOM   1555 C  CD  . GLU B 1 93  ? 10.882  -1.361  11.982  1.00 54.67 ? 93  GLU B CD  1 
ATOM   1556 O  OE1 . GLU B 1 93  ? 10.453  -0.697  12.950  1.00 55.27 ? 93  GLU B OE1 1 
ATOM   1557 O  OE2 . GLU B 1 93  ? 11.511  -0.848  11.033  1.00 56.67 ? 93  GLU B OE2 1 
ATOM   1558 N  N   . ALA B 1 94  ? 12.265  -5.517  8.595   1.00 43.61 ? 94  ALA B N   1 
ATOM   1559 C  CA  . ALA B 1 94  ? 12.457  -5.999  7.234   1.00 41.88 ? 94  ALA B CA  1 
ATOM   1560 C  C   . ALA B 1 94  ? 12.120  -7.483  7.181   1.00 41.26 ? 94  ALA B C   1 
ATOM   1561 O  O   . ALA B 1 94  ? 11.340  -7.927  6.337   1.00 39.21 ? 94  ALA B O   1 
ATOM   1562 C  CB  . ALA B 1 94  ? 13.896  -5.773  6.799   1.00 41.08 ? 94  ALA B CB  1 
ATOM   1563 N  N   . LEU B 1 95  ? 12.712  -8.243  8.096   1.00 39.87 ? 95  LEU B N   1 
ATOM   1564 C  CA  . LEU B 1 95  ? 12.484  -9.680  8.170   1.00 39.07 ? 95  LEU B CA  1 
ATOM   1565 C  C   . LEU B 1 95  ? 10.984  -9.958  8.241   1.00 39.54 ? 95  LEU B C   1 
ATOM   1566 O  O   . LEU B 1 95  ? 10.454  -10.756 7.467   1.00 37.29 ? 95  LEU B O   1 
ATOM   1567 C  CB  . LEU B 1 95  ? 13.174  -10.254 9.412   1.00 42.96 ? 95  LEU B CB  1 
ATOM   1568 C  CG  . LEU B 1 95  ? 13.541  -11.740 9.429   1.00 45.14 ? 95  LEU B CG  1 
ATOM   1569 C  CD1 . LEU B 1 95  ? 14.038  -12.100 10.818  1.00 46.61 ? 95  LEU B CD1 1 
ATOM   1570 C  CD2 . LEU B 1 95  ? 12.347  -12.603 9.059   1.00 49.21 ? 95  LEU B CD2 1 
ATOM   1571 N  N   . THR B 1 96  ? 10.307  -9.291  9.173   1.00 37.87 ? 96  THR B N   1 
ATOM   1572 C  CA  . THR B 1 96  ? 8.870   -9.461  9.351   1.00 38.15 ? 96  THR B CA  1 
ATOM   1573 C  C   . THR B 1 96  ? 8.119   -9.167  8.059   1.00 35.18 ? 96  THR B C   1 
ATOM   1574 O  O   . THR B 1 96  ? 7.213   -9.906  7.681   1.00 33.57 ? 96  THR B O   1 
ATOM   1575 C  CB  . THR B 1 96  ? 8.327   -8.531  10.452  1.00 39.64 ? 96  THR B CB  1 
ATOM   1576 O  OG1 . THR B 1 96  ? 8.985   -8.822  11.690  1.00 44.34 ? 96  THR B OG1 1 
ATOM   1577 C  CG2 . THR B 1 96  ? 6.827   -8.735  10.630  1.00 40.99 ? 96  THR B CG2 1 
ATOM   1578 N  N   . GLY B 1 97  ? 8.501   -8.085  7.390   1.00 33.75 ? 97  GLY B N   1 
ATOM   1579 C  CA  . GLY B 1 97  ? 7.852   -7.724  6.144   1.00 33.01 ? 97  GLY B CA  1 
ATOM   1580 C  C   . GLY B 1 97  ? 7.995   -8.815  5.098   1.00 31.78 ? 97  GLY B C   1 
ATOM   1581 O  O   . GLY B 1 97  ? 7.027   -9.167  4.425   1.00 31.30 ? 97  GLY B O   1 
ATOM   1582 N  N   . PHE B 1 98  ? 9.202   -9.356  4.966   1.00 30.86 ? 98  PHE B N   1 
ATOM   1583 C  CA  . PHE B 1 98  ? 9.467   -10.407 3.992   1.00 31.67 ? 98  PHE B CA  1 
ATOM   1584 C  C   . PHE B 1 98  ? 8.585   -11.625 4.237   1.00 32.32 ? 98  PHE B C   1 
ATOM   1585 O  O   . PHE B 1 98  ? 7.998   -12.182 3.306   1.00 31.88 ? 98  PHE B O   1 
ATOM   1586 C  CB  . PHE B 1 98  ? 10.937  -10.828 4.049   1.00 32.05 ? 98  PHE B CB  1 
ATOM   1587 C  CG  . PHE B 1 98  ? 11.325  -11.799 2.972   1.00 31.88 ? 98  PHE B CG  1 
ATOM   1588 C  CD1 . PHE B 1 98  ? 11.517  -11.366 1.663   1.00 32.56 ? 98  PHE B CD1 1 
ATOM   1589 C  CD2 . PHE B 1 98  ? 11.480  -13.152 3.260   1.00 32.75 ? 98  PHE B CD2 1 
ATOM   1590 C  CE1 . PHE B 1 98  ? 11.858  -12.265 0.654   1.00 31.97 ? 98  PHE B CE1 1 
ATOM   1591 C  CE2 . PHE B 1 98  ? 11.821  -14.062 2.259   1.00 35.03 ? 98  PHE B CE2 1 
ATOM   1592 C  CZ  . PHE B 1 98  ? 12.010  -13.618 0.953   1.00 33.26 ? 98  PHE B CZ  1 
ATOM   1593 N  N   . GLU B 1 99  ? 8.498   -12.037 5.495   1.00 33.15 ? 99  GLU B N   1 
ATOM   1594 C  CA  . GLU B 1 99  ? 7.686   -13.188 5.865   1.00 33.31 ? 99  GLU B CA  1 
ATOM   1595 C  C   . GLU B 1 99  ? 6.230   -12.975 5.469   1.00 30.72 ? 99  GLU B C   1 
ATOM   1596 O  O   . GLU B 1 99  ? 5.575   -13.875 4.944   1.00 30.32 ? 99  GLU B O   1 
ATOM   1597 C  CB  . GLU B 1 99  ? 7.776   -13.415 7.371   1.00 38.49 ? 99  GLU B CB  1 
ATOM   1598 C  CG  . GLU B 1 99  ? 9.173   -13.726 7.869   1.00 42.72 ? 99  GLU B CG  1 
ATOM   1599 C  CD  . GLU B 1 99  ? 9.277   -13.622 9.378   1.00 47.72 ? 99  GLU B CD  1 
ATOM   1600 O  OE1 . GLU B 1 99  ? 9.185   -12.491 9.901   1.00 50.29 ? 99  GLU B OE1 1 
ATOM   1601 O  OE2 . GLU B 1 99  ? 9.442   -14.668 10.038  1.00 51.36 ? 99  GLU B OE2 1 
ATOM   1602 N  N   . LEU B 1 100 ? 5.725   -11.777 5.731   1.00 31.09 ? 100 LEU B N   1 
ATOM   1603 C  CA  . LEU B 1 100 ? 4.345   -11.455 5.404   1.00 32.34 ? 100 LEU B CA  1 
ATOM   1604 C  C   . LEU B 1 100 ? 4.138   -11.447 3.891   1.00 31.45 ? 100 LEU B C   1 
ATOM   1605 O  O   . LEU B 1 100 ? 3.131   -11.954 3.387   1.00 29.90 ? 100 LEU B O   1 
ATOM   1606 C  CB  . LEU B 1 100 ? 3.978   -10.091 5.990   1.00 33.59 ? 100 LEU B CB  1 
ATOM   1607 C  CG  . LEU B 1 100 ? 2.569   -9.569  5.709   1.00 38.28 ? 100 LEU B CG  1 
ATOM   1608 C  CD1 . LEU B 1 100 ? 1.536   -10.531 6.270   1.00 39.08 ? 100 LEU B CD1 1 
ATOM   1609 C  CD2 . LEU B 1 100 ? 2.414   -8.191  6.331   1.00 39.60 ? 100 LEU B CD2 1 
ATOM   1610 N  N   . PHE B 1 101 ? 5.105   -10.882 3.173   1.00 28.00 ? 101 PHE B N   1 
ATOM   1611 C  CA  . PHE B 1 101 ? 5.044   -10.794 1.719   1.00 27.47 ? 101 PHE B CA  1 
ATOM   1612 C  C   . PHE B 1 101 ? 4.891   -12.155 1.037   1.00 29.02 ? 101 PHE B C   1 
ATOM   1613 O  O   . PHE B 1 101 ? 3.980   -12.354 0.225   1.00 27.38 ? 101 PHE B O   1 
ATOM   1614 C  CB  . PHE B 1 101 ? 6.298   -10.095 1.190   1.00 26.71 ? 101 PHE B CB  1 
ATOM   1615 C  CG  . PHE B 1 101 ? 6.292   -9.873  -0.298  1.00 22.39 ? 101 PHE B CG  1 
ATOM   1616 C  CD1 . PHE B 1 101 ? 7.263   -10.454 -1.104  1.00 20.84 ? 101 PHE B CD1 1 
ATOM   1617 C  CD2 . PHE B 1 101 ? 5.333   -9.052  -0.888  1.00 25.32 ? 101 PHE B CD2 1 
ATOM   1618 C  CE1 . PHE B 1 101 ? 7.287   -10.215 -2.480  1.00 20.17 ? 101 PHE B CE1 1 
ATOM   1619 C  CE2 . PHE B 1 101 ? 5.347   -8.806  -2.263  1.00 20.34 ? 101 PHE B CE2 1 
ATOM   1620 C  CZ  . PHE B 1 101 ? 6.324   -9.387  -3.059  1.00 18.84 ? 101 PHE B CZ  1 
ATOM   1621 N  N   . ILE B 1 102 ? 5.783   -13.087 1.363   1.00 26.88 ? 102 ILE B N   1 
ATOM   1622 C  CA  . ILE B 1 102 ? 5.747   -14.421 0.770   1.00 29.91 ? 102 ILE B CA  1 
ATOM   1623 C  C   . ILE B 1 102 ? 4.440   -15.153 1.051   1.00 30.04 ? 102 ILE B C   1 
ATOM   1624 O  O   . ILE B 1 102 ? 3.919   -15.862 0.189   1.00 27.25 ? 102 ILE B O   1 
ATOM   1625 C  CB  . ILE B 1 102 ? 6.926   -15.292 1.276   1.00 34.22 ? 102 ILE B CB  1 
ATOM   1626 C  CG1 . ILE B 1 102 ? 8.195   -14.965 0.486   1.00 38.40 ? 102 ILE B CG1 1 
ATOM   1627 C  CG2 . ILE B 1 102 ? 6.590   -16.768 1.141   1.00 34.00 ? 102 ILE B CG2 1 
ATOM   1628 C  CD1 . ILE B 1 102 ? 8.695   -13.559 0.679   1.00 42.07 ? 102 ILE B CD1 1 
ATOM   1629 N  N   . SER B 1 103 ? 3.918   -14.986 2.259   1.00 31.09 ? 103 SER B N   1 
ATOM   1630 C  CA  . SER B 1 103 ? 2.675   -15.642 2.642   1.00 33.00 ? 103 SER B CA  1 
ATOM   1631 C  C   . SER B 1 103 ? 1.533   -15.134 1.772   1.00 32.63 ? 103 SER B C   1 
ATOM   1632 O  O   . SER B 1 103 ? 0.715   -15.910 1.290   1.00 32.75 ? 103 SER B O   1 
ATOM   1633 C  CB  . SER B 1 103 ? 2.373   -15.372 4.116   1.00 32.10 ? 103 SER B CB  1 
ATOM   1634 O  OG  . SER B 1 103 ? 1.197   -16.046 4.528   1.00 35.50 ? 103 SER B OG  1 
ATOM   1635 N  N   . ASN B 1 104 ? 1.487   -13.824 1.575   1.00 32.04 ? 104 ASN B N   1 
ATOM   1636 C  CA  . ASN B 1 104 ? 0.445   -13.221 0.756   1.00 30.97 ? 104 ASN B CA  1 
ATOM   1637 C  C   . ASN B 1 104 ? 0.562   -13.613 -0.716  1.00 29.82 ? 104 ASN B C   1 
ATOM   1638 O  O   . ASN B 1 104 ? -0.449  -13.797 -1.393  1.00 29.66 ? 104 ASN B O   1 
ATOM   1639 C  CB  . ASN B 1 104 ? 0.483   -11.700 0.912   1.00 30.79 ? 104 ASN B CB  1 
ATOM   1640 C  CG  . ASN B 1 104 ? -0.321  -11.219 2.106   1.00 35.71 ? 104 ASN B CG  1 
ATOM   1641 O  OD1 . ASN B 1 104 ? -1.545  -11.117 2.036   1.00 36.94 ? 104 ASN B OD1 1 
ATOM   1642 N  ND2 . ASN B 1 104 ? 0.360   -10.936 3.212   1.00 33.35 ? 104 ASN B ND2 1 
ATOM   1643 N  N   . VAL B 1 105 ? 1.787   -13.746 -1.219  1.00 28.31 ? 105 VAL B N   1 
ATOM   1644 C  CA  . VAL B 1 105 ? 1.961   -14.124 -2.617  1.00 28.22 ? 105 VAL B CA  1 
ATOM   1645 C  C   . VAL B 1 105 ? 1.421   -15.534 -2.842  1.00 31.44 ? 105 VAL B C   1 
ATOM   1646 O  O   . VAL B 1 105 ? 0.789   -15.813 -3.866  1.00 26.11 ? 105 VAL B O   1 
ATOM   1647 C  CB  . VAL B 1 105 ? 3.441   -14.061 -3.049  1.00 28.62 ? 105 VAL B CB  1 
ATOM   1648 C  CG1 . VAL B 1 105 ? 3.605   -14.674 -4.435  1.00 26.90 ? 105 VAL B CG1 1 
ATOM   1649 C  CG2 . VAL B 1 105 ? 3.914   -12.609 -3.065  1.00 23.87 ? 105 VAL B CG2 1 
ATOM   1650 N  N   . LYS B 1 106 ? 1.670   -16.419 -1.882  1.00 30.49 ? 106 LYS B N   1 
ATOM   1651 C  CA  . LYS B 1 106 ? 1.180   -17.788 -1.977  1.00 33.80 ? 106 LYS B CA  1 
ATOM   1652 C  C   . LYS B 1 106 ? -0.344  -17.741 -1.990  1.00 32.84 ? 106 LYS B C   1 
ATOM   1653 O  O   . LYS B 1 106 ? -0.994  -18.457 -2.752  1.00 34.01 ? 106 LYS B O   1 
ATOM   1654 C  CB  . LYS B 1 106 ? 1.662   -18.612 -0.782  1.00 36.32 ? 106 LYS B CB  1 
ATOM   1655 C  CG  . LYS B 1 106 ? 3.171   -18.752 -0.694  1.00 39.55 ? 106 LYS B CG  1 
ATOM   1656 C  CD  . LYS B 1 106 ? 3.569   -19.609 0.498   1.00 43.98 ? 106 LYS B CD  1 
ATOM   1657 C  CE  . LYS B 1 106 ? 5.076   -19.755 0.595   1.00 46.21 ? 106 LYS B CE  1 
ATOM   1658 N  NZ  . LYS B 1 106 ? 5.474   -20.570 1.775   1.00 47.83 ? 106 LYS B NZ  1 
ATOM   1659 N  N   . GLN B 1 107 ? -0.906  -16.885 -1.142  1.00 31.55 ? 107 GLN B N   1 
ATOM   1660 C  CA  . GLN B 1 107 ? -2.352  -16.730 -1.056  1.00 33.58 ? 107 GLN B CA  1 
ATOM   1661 C  C   . GLN B 1 107 ? -2.923  -16.276 -2.400  1.00 32.43 ? 107 GLN B C   1 
ATOM   1662 O  O   . GLN B 1 107 ? -3.924  -16.816 -2.867  1.00 28.64 ? 107 GLN B O   1 
ATOM   1663 C  CB  . GLN B 1 107 ? -2.715  -15.703 0.017   1.00 37.44 ? 107 GLN B CB  1 
ATOM   1664 C  CG  . GLN B 1 107 ? -4.212  -15.566 0.254   1.00 44.03 ? 107 GLN B CG  1 
ATOM   1665 C  CD  . GLN B 1 107 ? -4.642  -14.125 0.451   1.00 50.74 ? 107 GLN B CD  1 
ATOM   1666 O  OE1 . GLN B 1 107 ? -4.586  -13.315 -0.479  1.00 51.00 ? 107 GLN B OE1 1 
ATOM   1667 N  NE2 . GLN B 1 107 ? -5.072  -13.794 1.667   1.00 52.30 ? 107 GLN B NE2 1 
ATOM   1668 N  N   . LEU B 1 108 ? -2.278  -15.288 -3.016  1.00 27.93 ? 108 LEU B N   1 
ATOM   1669 C  CA  . LEU B 1 108 ? -2.724  -14.761 -4.302  1.00 29.78 ? 108 LEU B CA  1 
ATOM   1670 C  C   . LEU B 1 108 ? -2.681  -15.789 -5.428  1.00 32.36 ? 108 LEU B C   1 
ATOM   1671 O  O   . LEU B 1 108 ? -3.395  -15.651 -6.420  1.00 30.35 ? 108 LEU B O   1 
ATOM   1672 C  CB  . LEU B 1 108 ? -1.875  -13.554 -4.710  1.00 25.26 ? 108 LEU B CB  1 
ATOM   1673 C  CG  . LEU B 1 108 ? -2.064  -12.244 -3.948  1.00 25.28 ? 108 LEU B CG  1 
ATOM   1674 C  CD1 . LEU B 1 108 ? -0.937  -11.288 -4.300  1.00 22.99 ? 108 LEU B CD1 1 
ATOM   1675 C  CD2 . LEU B 1 108 ? -3.416  -11.633 -4.290  1.00 27.52 ? 108 LEU B CD2 1 
ATOM   1676 N  N   . LYS B 1 109 ? -1.849  -16.816 -5.281  1.00 33.77 ? 109 LYS B N   1 
ATOM   1677 C  CA  . LYS B 1 109 ? -1.732  -17.836 -6.318  1.00 38.91 ? 109 LYS B CA  1 
ATOM   1678 C  C   . LYS B 1 109 ? -2.628  -19.051 -6.104  1.00 40.53 ? 109 LYS B C   1 
ATOM   1679 O  O   . LYS B 1 109 ? -2.597  -19.997 -6.891  1.00 41.12 ? 109 LYS B O   1 
ATOM   1680 C  CB  . LYS B 1 109 ? -0.273  -18.282 -6.455  1.00 39.43 ? 109 LYS B CB  1 
ATOM   1681 C  CG  . LYS B 1 109 ? 0.668   -17.144 -6.833  1.00 40.61 ? 109 LYS B CG  1 
ATOM   1682 C  CD  . LYS B 1 109 ? 2.058   -17.644 -7.189  1.00 44.08 ? 109 LYS B CD  1 
ATOM   1683 C  CE  . LYS B 1 109 ? 2.034   -18.467 -8.470  1.00 45.52 ? 109 LYS B CE  1 
ATOM   1684 N  NZ  . LYS B 1 109 ? 3.381   -18.998 -8.817  1.00 49.94 ? 109 LYS B NZ  1 
ATOM   1685 N  N   . GLU B 1 110 ? -3.434  -19.021 -5.048  1.00 43.19 ? 110 GLU B N   1 
ATOM   1686 C  CA  . GLU B 1 110 ? -4.343  -20.128 -4.761  1.00 48.30 ? 110 GLU B CA  1 
ATOM   1687 C  C   . GLU B 1 110 ? -5.545  -20.052 -5.699  1.00 51.96 ? 110 GLU B C   1 
ATOM   1688 O  O   . GLU B 1 110 ? -5.732  -19.059 -6.402  1.00 52.10 ? 110 GLU B O   1 
ATOM   1689 C  CB  . GLU B 1 110 ? -4.824  -20.050 -3.313  1.00 47.27 ? 110 GLU B CB  1 
ATOM   1690 C  CG  . GLU B 1 110 ? -3.729  -19.736 -2.309  1.00 46.15 ? 110 GLU B CG  1 
ATOM   1691 C  CD  . GLU B 1 110 ? -4.260  -19.609 -0.898  1.00 46.67 ? 110 GLU B CD  1 
ATOM   1692 O  OE1 . GLU B 1 110 ? -5.427  -19.193 -0.744  1.00 46.74 ? 110 GLU B OE1 1 
ATOM   1693 O  OE2 . GLU B 1 110 ? -3.511  -19.914 0.056   1.00 47.29 ? 110 GLU B OE2 1 
ATOM   1694 N  N   . HIS B 1 111 ? -6.363  -21.100 -5.703  1.00 57.49 ? 111 HIS B N   1 
ATOM   1695 C  CA  . HIS B 1 111 ? -7.552  -21.144 -6.552  1.00 61.20 ? 111 HIS B CA  1 
ATOM   1696 C  C   . HIS B 1 111 ? -8.617  -22.093 -6.008  1.00 61.58 ? 111 HIS B C   1 
ATOM   1697 O  O   . HIS B 1 111 ? -8.896  -23.121 -6.663  1.00 63.75 ? 111 HIS B O   1 
ATOM   1698 C  CB  . HIS B 1 111 ? -7.170  -21.546 -7.981  1.00 61.96 ? 111 HIS B CB  1 
ATOM   1699 C  CG  . HIS B 1 111 ? -6.313  -22.770 -8.057  1.00 64.18 ? 111 HIS B CG  1 
ATOM   1700 N  ND1 . HIS B 1 111 ? -5.095  -22.866 -7.420  1.00 65.34 ? 111 HIS B ND1 1 
ATOM   1701 C  CD2 . HIS B 1 111 ? -6.492  -23.944 -8.708  1.00 64.66 ? 111 HIS B CD2 1 
ATOM   1702 C  CE1 . HIS B 1 111 ? -4.558  -24.046 -7.676  1.00 66.21 ? 111 HIS B CE1 1 
ATOM   1703 N  NE2 . HIS B 1 111 ? -5.385  -24.719 -8.455  1.00 65.70 ? 111 HIS B NE2 1 
HETATM 1704 P  P   . PO4 C 2 .   ? -4.663  -6.058  9.848   1.00 53.99 ? 114 PO4 A P   1 
HETATM 1705 O  O1  . PO4 C 2 .   ? -4.752  -4.857  10.713  1.00 56.60 ? 114 PO4 A O1  1 
HETATM 1706 O  O2  . PO4 C 2 .   ? -5.344  -5.791  8.555   1.00 55.14 ? 114 PO4 A O2  1 
HETATM 1707 O  O3  . PO4 C 2 .   ? -5.319  -7.204  10.525  1.00 57.48 ? 114 PO4 A O3  1 
HETATM 1708 O  O4  . PO4 C 2 .   ? -3.236  -6.381  9.598   1.00 56.68 ? 114 PO4 A O4  1 
HETATM 1709 O  O   . HOH D 3 .   ? -4.099  16.923  -14.169 1.00 22.06 ? 115 HOH A O   1 
HETATM 1710 O  O   . HOH D 3 .   ? -14.583 5.655   -0.415  1.00 29.41 ? 116 HOH A O   1 
HETATM 1711 O  O   . HOH D 3 .   ? -12.347 -2.771  -1.026  1.00 18.72 ? 117 HOH A O   1 
HETATM 1712 O  O   . HOH D 3 .   ? -4.891  9.352   -14.398 1.00 20.88 ? 118 HOH A O   1 
HETATM 1713 O  O   . HOH D 3 .   ? -0.040  2.194   3.183   1.00 23.40 ? 119 HOH A O   1 
HETATM 1714 O  O   . HOH D 3 .   ? -14.246 5.093   -16.247 1.00 22.39 ? 120 HOH A O   1 
HETATM 1715 O  O   . HOH D 3 .   ? 1.717   8.366   21.512  1.00 25.45 ? 121 HOH A O   1 
HETATM 1716 O  O   . HOH D 3 .   ? -5.072  -3.704  -22.339 1.00 28.30 ? 122 HOH A O   1 
HETATM 1717 O  O   . HOH D 3 .   ? -8.762  7.795   -17.628 1.00 17.40 ? 123 HOH A O   1 
HETATM 1718 O  O   . HOH D 3 .   ? -1.057  3.399   19.548  1.00 28.07 ? 124 HOH A O   1 
HETATM 1719 O  O   . HOH D 3 .   ? 7.260   8.485   17.241  1.00 31.03 ? 125 HOH A O   1 
HETATM 1720 O  O   . HOH D 3 .   ? -14.007 7.839   -12.756 1.00 25.16 ? 126 HOH A O   1 
HETATM 1721 O  O   . HOH D 3 .   ? -1.153  -0.158  1.600   1.00 25.99 ? 127 HOH A O   1 
HETATM 1722 O  O   . HOH D 3 .   ? -13.633 8.366   9.527   1.00 26.05 ? 128 HOH A O   1 
HETATM 1723 O  O   . HOH D 3 .   ? -3.735  2.238   -19.538 1.00 31.07 ? 129 HOH A O   1 
HETATM 1724 O  O   . HOH D 3 .   ? -4.992  2.398   18.896  1.00 29.40 ? 130 HOH A O   1 
HETATM 1725 O  O   . HOH D 3 .   ? -9.809  -6.921  13.184  1.00 31.79 ? 131 HOH A O   1 
HETATM 1726 O  O   . HOH D 3 .   ? 0.347   3.792   1.107   1.00 34.54 ? 132 HOH A O   1 
HETATM 1727 O  O   . HOH D 3 .   ? 1.892   2.360   -3.805  1.00 28.21 ? 133 HOH A O   1 
HETATM 1728 O  O   . HOH D 3 .   ? -7.506  3.443   16.763  1.00 34.14 ? 134 HOH A O   1 
HETATM 1729 O  O   . HOH D 3 .   ? -12.349 12.831  -11.527 1.00 35.72 ? 135 HOH A O   1 
HETATM 1730 O  O   . HOH D 3 .   ? -10.763 13.892  -1.990  1.00 28.00 ? 136 HOH A O   1 
HETATM 1731 O  O   . HOH D 3 .   ? -8.122  10.962  -14.692 1.00 38.12 ? 137 HOH A O   1 
HETATM 1732 O  O   . HOH D 3 .   ? -5.231  -1.388  3.749   1.00 37.54 ? 138 HOH A O   1 
HETATM 1733 O  O   . HOH D 3 .   ? 1.929   2.127   5.111   1.00 33.84 ? 139 HOH A O   1 
HETATM 1734 O  O   . HOH D 3 .   ? 3.134   13.455  -9.310  1.00 40.23 ? 140 HOH A O   1 
HETATM 1735 O  O   . HOH D 3 .   ? -0.370  -2.126  10.681  1.00 36.25 ? 141 HOH A O   1 
HETATM 1736 O  O   . HOH D 3 .   ? -11.853 13.622  -8.938  1.00 31.47 ? 142 HOH A O   1 
HETATM 1737 O  O   . HOH D 3 .   ? -11.030 4.273   17.604  1.00 45.97 ? 143 HOH A O   1 
HETATM 1738 O  O   . HOH D 3 .   ? 0.821   -0.867  8.891   1.00 32.79 ? 144 HOH A O   1 
HETATM 1739 O  O   . HOH D 3 .   ? -16.458 6.645   -13.428 1.00 36.48 ? 145 HOH A O   1 
HETATM 1740 O  O   . HOH E 3 .   ? -14.363 -6.734  -19.122 1.00 24.08 ? 114 HOH B O   1 
HETATM 1741 O  O   . HOH E 3 .   ? -15.492 -7.757  -16.498 1.00 31.92 ? 115 HOH B O   1 
HETATM 1742 O  O   . HOH E 3 .   ? 30.016  -9.142  -6.238  1.00 28.44 ? 116 HOH B O   1 
HETATM 1743 O  O   . HOH E 3 .   ? 6.861   -15.036 -9.356  1.00 31.79 ? 117 HOH B O   1 
HETATM 1744 O  O   . HOH E 3 .   ? -16.434 -4.824  -9.413  1.00 29.66 ? 118 HOH B O   1 
HETATM 1745 O  O   . HOH E 3 .   ? 19.471  -8.256  -6.210  1.00 41.38 ? 119 HOH B O   1 
HETATM 1746 O  O   . HOH E 3 .   ? -9.277  0.933   4.393   1.00 29.51 ? 120 HOH B O   1 
HETATM 1747 O  O   . HOH E 3 .   ? -3.519  -1.277  1.734   1.00 28.55 ? 121 HOH B O   1 
HETATM 1748 O  O   . HOH E 3 .   ? -2.226  -8.668  3.326   1.00 41.76 ? 122 HOH B O   1 
HETATM 1749 O  O   . HOH E 3 .   ? -15.578 1.167   1.772   1.00 27.74 ? 123 HOH B O   1 
HETATM 1750 O  O   . HOH E 3 .   ? -11.210 -6.403  0.531   1.00 41.45 ? 124 HOH B O   1 
HETATM 1751 O  O   . HOH E 3 .   ? -17.607 0.302   -12.172 1.00 33.98 ? 125 HOH B O   1 
HETATM 1752 O  O   . HOH E 3 .   ? -19.223 -4.523  -9.513  1.00 31.49 ? 126 HOH B O   1 
HETATM 1753 O  O   . HOH E 3 .   ? 1.083   -1.519  2.572   1.00 29.59 ? 127 HOH B O   1 
HETATM 1754 O  O   . HOH E 3 .   ? 5.938   -16.947 4.690   1.00 34.61 ? 128 HOH B O   1 
HETATM 1755 O  O   . HOH E 3 .   ? -5.575  -13.870 -7.366  1.00 31.05 ? 129 HOH B O   1 
HETATM 1756 O  O   . HOH E 3 .   ? -3.362  -7.675  5.243   1.00 31.61 ? 130 HOH B O   1 
HETATM 1757 O  O   . HOH E 3 .   ? -4.691  -18.104 -8.684  1.00 37.80 ? 131 HOH B O   1 
HETATM 1758 O  O   . HOH E 3 .   ? 4.582   -18.710 3.450   1.00 37.27 ? 132 HOH B O   1 
# 
